data_1T1D
# 
_entry.id   1T1D 
# 
_audit_conform.dict_name       mmcif_pdbx.dic 
_audit_conform.dict_version    5.376 
_audit_conform.dict_location   http://mmcif.pdb.org/dictionaries/ascii/mmcif_pdbx.dic 
# 
loop_
_database_2.database_id 
_database_2.database_code 
_database_2.pdbx_database_accession 
_database_2.pdbx_DOI 
PDB   1T1D         pdb_00001t1d 10.2210/pdb1t1d/pdb 
RCSB  RCSB008381   ?            ?                   
WWPDB D_1000008381 ?            ?                   
# 
_pdbx_database_status.status_code                     REL 
_pdbx_database_status.entry_id                        1T1D 
_pdbx_database_status.recvd_initial_deposition_date   1998-09-22 
_pdbx_database_status.deposit_site                    BNL 
_pdbx_database_status.process_site                    RCSB 
_pdbx_database_status.SG_entry                        . 
_pdbx_database_status.pdb_format_compatible           Y 
_pdbx_database_status.status_code_mr                  ? 
_pdbx_database_status.status_code_sf                  ? 
_pdbx_database_status.status_code_cs                  ? 
_pdbx_database_status.status_code_nmr_data            ? 
_pdbx_database_status.methods_development_category    ? 
# 
loop_
_audit_author.name 
_audit_author.pdbx_ordinal 
'Kreusch, A.'      1 
'Pfaffinger, P.J.' 2 
'Stevens, C.F.'    3 
'Choe, S.'         4 
# 
_citation.id                        primary 
_citation.title                     'Zn2+-binding and molecular determinants of tetramerization in voltage-gated K+ channels.' 
_citation.journal_abbrev            Nat.Struct.Biol. 
_citation.journal_volume            6 
_citation.page_first                38 
_citation.page_last                 43 
_citation.year                      1999 
_citation.journal_id_ASTM           NSBIEW 
_citation.country                   US 
_citation.journal_id_ISSN           1072-8368 
_citation.journal_id_CSD            2024 
_citation.book_publisher            ? 
_citation.pdbx_database_id_PubMed   9886290 
_citation.pdbx_database_id_DOI      10.1038/4911 
# 
loop_
_citation_author.citation_id 
_citation_author.name 
_citation_author.ordinal 
_citation_author.identifier_ORCID 
primary 'Bixby, K.A.'      1 ? 
primary 'Nanao, M.H.'      2 ? 
primary 'Shen, N.V.'       3 ? 
primary 'Kreusch, A.'      4 ? 
primary 'Bellamy, H.'      5 ? 
primary 'Pfaffinger, P.J.' 6 ? 
primary 'Choe, S.'         7 ? 
# 
_cell.entry_id           1T1D 
_cell.length_a           59.710 
_cell.length_b           59.710 
_cell.length_c           146.860 
_cell.angle_alpha        90.00 
_cell.angle_beta         90.00 
_cell.angle_gamma        90.00 
_cell.Z_PDB              16 
_cell.pdbx_unique_axis   ? 
# 
_symmetry.entry_id                         1T1D 
_symmetry.space_group_name_H-M             'I 4 2 2' 
_symmetry.pdbx_full_space_group_name_H-M   ? 
_symmetry.cell_setting                     ? 
_symmetry.Int_Tables_number                97 
# 
loop_
_entity.id 
_entity.type 
_entity.src_method 
_entity.pdbx_description 
_entity.formula_weight 
_entity.pdbx_number_of_molecules 
_entity.pdbx_ec 
_entity.pdbx_mutation 
_entity.pdbx_fragment 
_entity.details 
1 polymer man 'PROTEIN (POTASSIUM CHANNEL KV1.1)' 12097.453 1   ? ? 'TETRAMERIZATION DOMAIN' ? 
2 water   nat water                               18.015    108 ? ? ?                        ? 
# 
_entity_poly.entity_id                      1 
_entity_poly.type                           'polypeptide(L)' 
_entity_poly.nstd_linkage                   no 
_entity_poly.nstd_monomer                   no 
_entity_poly.pdbx_seq_one_letter_code       
;ERVVINVSGLRFETQLKTLNQFPDTLLGNPQKRNRYYDPLRNEYFFDRNRPSFDAILYFYQSGGRLRRPVNVPLDVFSEE
IKFYELGENAFERYREDEGF
;
_entity_poly.pdbx_seq_one_letter_code_can   
;ERVVINVSGLRFETQLKTLNQFPDTLLGNPQKRNRYYDPLRNEYFFDRNRPSFDAILYFYQSGGRLRRPVNVPLDVFSEE
IKFYELGENAFERYREDEGF
;
_entity_poly.pdbx_strand_id                 A 
_entity_poly.pdbx_target_identifier         ? 
# 
loop_
_entity_poly_seq.entity_id 
_entity_poly_seq.num 
_entity_poly_seq.mon_id 
_entity_poly_seq.hetero 
1 1   GLU n 
1 2   ARG n 
1 3   VAL n 
1 4   VAL n 
1 5   ILE n 
1 6   ASN n 
1 7   VAL n 
1 8   SER n 
1 9   GLY n 
1 10  LEU n 
1 11  ARG n 
1 12  PHE n 
1 13  GLU n 
1 14  THR n 
1 15  GLN n 
1 16  LEU n 
1 17  LYS n 
1 18  THR n 
1 19  LEU n 
1 20  ASN n 
1 21  GLN n 
1 22  PHE n 
1 23  PRO n 
1 24  ASP n 
1 25  THR n 
1 26  LEU n 
1 27  LEU n 
1 28  GLY n 
1 29  ASN n 
1 30  PRO n 
1 31  GLN n 
1 32  LYS n 
1 33  ARG n 
1 34  ASN n 
1 35  ARG n 
1 36  TYR n 
1 37  TYR n 
1 38  ASP n 
1 39  PRO n 
1 40  LEU n 
1 41  ARG n 
1 42  ASN n 
1 43  GLU n 
1 44  TYR n 
1 45  PHE n 
1 46  PHE n 
1 47  ASP n 
1 48  ARG n 
1 49  ASN n 
1 50  ARG n 
1 51  PRO n 
1 52  SER n 
1 53  PHE n 
1 54  ASP n 
1 55  ALA n 
1 56  ILE n 
1 57  LEU n 
1 58  TYR n 
1 59  PHE n 
1 60  TYR n 
1 61  GLN n 
1 62  SER n 
1 63  GLY n 
1 64  GLY n 
1 65  ARG n 
1 66  LEU n 
1 67  ARG n 
1 68  ARG n 
1 69  PRO n 
1 70  VAL n 
1 71  ASN n 
1 72  VAL n 
1 73  PRO n 
1 74  LEU n 
1 75  ASP n 
1 76  VAL n 
1 77  PHE n 
1 78  SER n 
1 79  GLU n 
1 80  GLU n 
1 81  ILE n 
1 82  LYS n 
1 83  PHE n 
1 84  TYR n 
1 85  GLU n 
1 86  LEU n 
1 87  GLY n 
1 88  GLU n 
1 89  ASN n 
1 90  ALA n 
1 91  PHE n 
1 92  GLU n 
1 93  ARG n 
1 94  TYR n 
1 95  ARG n 
1 96  GLU n 
1 97  ASP n 
1 98  GLU n 
1 99  GLY n 
1 100 PHE n 
# 
_entity_src_gen.entity_id                          1 
_entity_src_gen.pdbx_src_id                        1 
_entity_src_gen.pdbx_alt_source_flag               sample 
_entity_src_gen.pdbx_seq_type                      ? 
_entity_src_gen.pdbx_beg_seq_num                   ? 
_entity_src_gen.pdbx_end_seq_num                   ? 
_entity_src_gen.gene_src_common_name               'California sea hare' 
_entity_src_gen.gene_src_genus                     Aplysia 
_entity_src_gen.pdbx_gene_src_gene                 ? 
_entity_src_gen.gene_src_species                   ? 
_entity_src_gen.gene_src_strain                    'BL21 (DE3)' 
_entity_src_gen.gene_src_tissue                    ? 
_entity_src_gen.gene_src_tissue_fraction           ? 
_entity_src_gen.gene_src_details                   ? 
_entity_src_gen.pdbx_gene_src_fragment             ? 
_entity_src_gen.pdbx_gene_src_scientific_name      'Aplysia californica' 
_entity_src_gen.pdbx_gene_src_ncbi_taxonomy_id     6500 
_entity_src_gen.pdbx_gene_src_variant              ? 
_entity_src_gen.pdbx_gene_src_cell_line            'CENTRAL NERVOUS SYSTEM' 
_entity_src_gen.pdbx_gene_src_atcc                 ? 
_entity_src_gen.pdbx_gene_src_organ                ? 
_entity_src_gen.pdbx_gene_src_organelle            ? 
_entity_src_gen.pdbx_gene_src_cell                 ? 
_entity_src_gen.pdbx_gene_src_cellular_location    CYTOPLASM 
_entity_src_gen.host_org_common_name               ? 
_entity_src_gen.pdbx_host_org_scientific_name      'Escherichia coli BL21(DE3)' 
_entity_src_gen.pdbx_host_org_ncbi_taxonomy_id     469008 
_entity_src_gen.host_org_genus                     Escherichia 
_entity_src_gen.pdbx_host_org_gene                 ? 
_entity_src_gen.pdbx_host_org_organ                ? 
_entity_src_gen.host_org_species                   'Escherichia coli' 
_entity_src_gen.pdbx_host_org_tissue               ? 
_entity_src_gen.pdbx_host_org_tissue_fraction      ? 
_entity_src_gen.pdbx_host_org_strain               'BL21 (DE3)' 
_entity_src_gen.pdbx_host_org_variant              ? 
_entity_src_gen.pdbx_host_org_cell_line            ? 
_entity_src_gen.pdbx_host_org_atcc                 ? 
_entity_src_gen.pdbx_host_org_culture_collection   ? 
_entity_src_gen.pdbx_host_org_cell                 ? 
_entity_src_gen.pdbx_host_org_organelle            ? 
_entity_src_gen.pdbx_host_org_cellular_location    CYTOPLASM 
_entity_src_gen.pdbx_host_org_vector_type          PLASMID 
_entity_src_gen.pdbx_host_org_vector               ? 
_entity_src_gen.host_org_details                   ? 
_entity_src_gen.expression_system_id               ? 
_entity_src_gen.plasmid_name                       PET20B 
_entity_src_gen.plasmid_details                    ? 
_entity_src_gen.pdbx_description                   ? 
# 
_struct_ref.id                         1 
_struct_ref.db_name                    UNP 
_struct_ref.db_code                    Q16968_APLCA 
_struct_ref.entity_id                  1 
_struct_ref.pdbx_db_accession          Q16968 
_struct_ref.pdbx_align_begin           ? 
_struct_ref.pdbx_seq_one_letter_code   ? 
_struct_ref.pdbx_db_isoform            ? 
# 
_struct_ref_seq.align_id                      1 
_struct_ref_seq.ref_id                        1 
_struct_ref_seq.pdbx_PDB_id_code              1T1D 
_struct_ref_seq.pdbx_strand_id                A 
_struct_ref_seq.seq_align_beg                 1 
_struct_ref_seq.pdbx_seq_align_beg_ins_code   ? 
_struct_ref_seq.seq_align_end                 100 
_struct_ref_seq.pdbx_seq_align_end_ins_code   ? 
_struct_ref_seq.pdbx_db_accession             Q16968 
_struct_ref_seq.db_align_beg                  66 
_struct_ref_seq.pdbx_db_align_beg_ins_code    ? 
_struct_ref_seq.db_align_end                  165 
_struct_ref_seq.pdbx_db_align_end_ins_code    ? 
_struct_ref_seq.pdbx_auth_seq_align_beg       66 
_struct_ref_seq.pdbx_auth_seq_align_end       165 
# 
loop_
_chem_comp.id 
_chem_comp.type 
_chem_comp.mon_nstd_flag 
_chem_comp.name 
_chem_comp.pdbx_synonyms 
_chem_comp.formula 
_chem_comp.formula_weight 
ALA 'L-peptide linking' y ALANINE         ? 'C3 H7 N O2'     89.093  
ARG 'L-peptide linking' y ARGININE        ? 'C6 H15 N4 O2 1' 175.209 
ASN 'L-peptide linking' y ASPARAGINE      ? 'C4 H8 N2 O3'    132.118 
ASP 'L-peptide linking' y 'ASPARTIC ACID' ? 'C4 H7 N O4'     133.103 
GLN 'L-peptide linking' y GLUTAMINE       ? 'C5 H10 N2 O3'   146.144 
GLU 'L-peptide linking' y 'GLUTAMIC ACID' ? 'C5 H9 N O4'     147.129 
GLY 'peptide linking'   y GLYCINE         ? 'C2 H5 N O2'     75.067  
HOH non-polymer         . WATER           ? 'H2 O'           18.015  
ILE 'L-peptide linking' y ISOLEUCINE      ? 'C6 H13 N O2'    131.173 
LEU 'L-peptide linking' y LEUCINE         ? 'C6 H13 N O2'    131.173 
LYS 'L-peptide linking' y LYSINE          ? 'C6 H15 N2 O2 1' 147.195 
PHE 'L-peptide linking' y PHENYLALANINE   ? 'C9 H11 N O2'    165.189 
PRO 'L-peptide linking' y PROLINE         ? 'C5 H9 N O2'     115.130 
SER 'L-peptide linking' y SERINE          ? 'C3 H7 N O3'     105.093 
THR 'L-peptide linking' y THREONINE       ? 'C4 H9 N O3'     119.119 
TYR 'L-peptide linking' y TYROSINE        ? 'C9 H11 N O3'    181.189 
VAL 'L-peptide linking' y VALINE          ? 'C5 H11 N O2'    117.146 
# 
_exptl.entry_id          1T1D 
_exptl.method            'X-RAY DIFFRACTION' 
_exptl.crystals_number   1 
# 
_exptl_crystal.id                    1 
_exptl_crystal.density_meas          ? 
_exptl_crystal.density_Matthews      2.70 
_exptl_crystal.density_percent_sol   55 
_exptl_crystal.description           ? 
# 
_exptl_crystal_grow.crystal_id      1 
_exptl_crystal_grow.method          ? 
_exptl_crystal_grow.temp            ? 
_exptl_crystal_grow.temp_details    ? 
_exptl_crystal_grow.pH              7.5 
_exptl_crystal_grow.pdbx_details    '24% ISOPROPANOL, .2M MGCL2, .1 M HEPES PH 7.5, 1MM DTT' 
_exptl_crystal_grow.pdbx_pH_range   . 
# 
_diffrn.id                     1 
_diffrn.ambient_temp           100 
_diffrn.ambient_temp_details   ? 
_diffrn.crystal_id             1 
# 
_diffrn_detector.diffrn_id              1 
_diffrn_detector.detector               'IMAGE PLATE' 
_diffrn_detector.type                   MARRESEARCH 
_diffrn_detector.pdbx_collection_date   1998-04-15 
_diffrn_detector.details                PT-COATED-MIRROR 
# 
_diffrn_radiation.diffrn_id                        1 
_diffrn_radiation.wavelength_id                    1 
_diffrn_radiation.pdbx_monochromatic_or_laue_m_l   M 
_diffrn_radiation.monochromator                    'SI(111)' 
_diffrn_radiation.pdbx_diffrn_protocol             'SINGLE WAVELENGTH' 
_diffrn_radiation.pdbx_scattering_type             x-ray 
# 
_diffrn_radiation_wavelength.id           1 
_diffrn_radiation_wavelength.wavelength   1.08 
_diffrn_radiation_wavelength.wt           1.0 
# 
_diffrn_source.diffrn_id                   1 
_diffrn_source.source                      SYNCHROTRON 
_diffrn_source.type                        'SSRL BEAMLINE BL7-1' 
_diffrn_source.pdbx_synchrotron_site       SSRL 
_diffrn_source.pdbx_synchrotron_beamline   BL7-1 
_diffrn_source.pdbx_wavelength             1.08 
_diffrn_source.pdbx_wavelength_list        ? 
# 
_reflns.entry_id                     1T1D 
_reflns.observed_criterion_sigma_I   -3 
_reflns.observed_criterion_sigma_F   ? 
_reflns.d_resolution_low             25.0 
_reflns.d_resolution_high            1.51 
_reflns.number_obs                   26768 
_reflns.number_all                   ? 
_reflns.percent_possible_obs         92 
_reflns.pdbx_Rmerge_I_obs            ? 
_reflns.pdbx_Rsym_value              0.049 
_reflns.pdbx_netI_over_sigmaI        10.2 
_reflns.B_iso_Wilson_estimate        19.35 
_reflns.pdbx_redundancy              5.9 
_reflns.R_free_details               ? 
_reflns.limit_h_max                  ? 
_reflns.limit_h_min                  ? 
_reflns.limit_k_max                  ? 
_reflns.limit_k_min                  ? 
_reflns.limit_l_max                  ? 
_reflns.limit_l_min                  ? 
_reflns.observed_criterion_F_max     ? 
_reflns.observed_criterion_F_min     ? 
_reflns.pdbx_diffrn_id               1 
_reflns.pdbx_ordinal                 1 
# 
_reflns_shell.d_res_high             1.51 
_reflns_shell.d_res_low              1.54 
_reflns_shell.percent_possible_all   93.7 
_reflns_shell.Rmerge_I_obs           ? 
_reflns_shell.pdbx_Rsym_value        0.16 
_reflns_shell.meanI_over_sigI_obs    3.5 
_reflns_shell.pdbx_redundancy        ? 
_reflns_shell.percent_possible_obs   ? 
_reflns_shell.number_unique_all      ? 
_reflns_shell.pdbx_diffrn_id         ? 
_reflns_shell.pdbx_ordinal           1 
# 
_refine.entry_id                                 1T1D 
_refine.ls_number_reflns_obs                     21355 
_refine.ls_number_reflns_all                     ? 
_refine.pdbx_ls_sigma_I                          ? 
_refine.pdbx_ls_sigma_F                          0. 
_refine.pdbx_data_cutoff_high_absF               ? 
_refine.pdbx_data_cutoff_low_absF                ? 
_refine.pdbx_data_cutoff_high_rms_absF           ? 
_refine.ls_d_res_low                             19.8 
_refine.ls_d_res_high                            1.51 
_refine.ls_percent_reflns_obs                    92.1 
_refine.ls_R_factor_obs                          ? 
_refine.ls_R_factor_all                          ? 
_refine.ls_R_factor_R_work                       0.229 
_refine.ls_R_factor_R_free                       0.249 
_refine.ls_R_factor_R_free_error                 ? 
_refine.ls_R_factor_R_free_error_details         ? 
_refine.ls_percent_reflns_R_free                 5 
_refine.ls_number_reflns_R_free                  ? 
_refine.ls_number_parameters                     ? 
_refine.ls_number_restraints                     ? 
_refine.occupancy_min                            ? 
_refine.occupancy_max                            ? 
_refine.B_iso_mean                               ? 
_refine.aniso_B[1][1]                            ? 
_refine.aniso_B[2][2]                            ? 
_refine.aniso_B[3][3]                            ? 
_refine.aniso_B[1][2]                            ? 
_refine.aniso_B[1][3]                            ? 
_refine.aniso_B[2][3]                            ? 
_refine.solvent_model_details                    ? 
_refine.solvent_model_param_ksol                 ? 
_refine.solvent_model_param_bsol                 ? 
_refine.pdbx_ls_cross_valid_method               THROUGHOUT 
_refine.details                                  ? 
_refine.pdbx_starting_model                      1A68 
_refine.pdbx_method_to_determine_struct          'MOLECULAR REPLACEMENT' 
_refine.pdbx_isotropic_thermal_model             ? 
_refine.pdbx_stereochemistry_target_values       ? 
_refine.pdbx_stereochem_target_val_spec_case     ? 
_refine.pdbx_R_Free_selection_details            RANDOM 
_refine.pdbx_overall_ESU_R                       ? 
_refine.pdbx_overall_ESU_R_Free                  ? 
_refine.overall_SU_ML                            ? 
_refine.overall_SU_B                             ? 
_refine.ls_redundancy_reflns_obs                 ? 
_refine.B_iso_min                                ? 
_refine.B_iso_max                                ? 
_refine.correlation_coeff_Fo_to_Fc               ? 
_refine.correlation_coeff_Fo_to_Fc_free          ? 
_refine.pdbx_solvent_vdw_probe_radii             ? 
_refine.pdbx_solvent_ion_probe_radii             ? 
_refine.pdbx_solvent_shrinkage_radii             ? 
_refine.overall_SU_R_Cruickshank_DPI             ? 
_refine.overall_SU_R_free                        ? 
_refine.pdbx_refine_id                           'X-RAY DIFFRACTION' 
_refine.pdbx_diffrn_id                           1 
_refine.pdbx_TLS_residual_ADP_flag               ? 
_refine.pdbx_overall_phase_error                 ? 
_refine.pdbx_overall_SU_R_free_Cruickshank_DPI   ? 
_refine.pdbx_overall_SU_R_Blow_DPI               ? 
_refine.pdbx_overall_SU_R_free_Blow_DPI          ? 
# 
_refine_hist.pdbx_refine_id                   'X-RAY DIFFRACTION' 
_refine_hist.cycle_id                         LAST 
_refine_hist.pdbx_number_atoms_protein        851 
_refine_hist.pdbx_number_atoms_nucleic_acid   0 
_refine_hist.pdbx_number_atoms_ligand         0 
_refine_hist.number_atoms_solvent             108 
_refine_hist.number_atoms_total               959 
_refine_hist.d_res_high                       1.51 
_refine_hist.d_res_low                        19.8 
# 
loop_
_refine_ls_restr.type 
_refine_ls_restr.dev_ideal 
_refine_ls_restr.dev_ideal_target 
_refine_ls_restr.weight 
_refine_ls_restr.number 
_refine_ls_restr.pdbx_refine_id 
_refine_ls_restr.pdbx_restraint_function 
p_bond_d            0.011  0.020 ? ? 'X-RAY DIFFRACTION' ? 
p_angle_d           0.026  0.040 ? ? 'X-RAY DIFFRACTION' ? 
p_angle_deg         ?      ?     ? ? 'X-RAY DIFFRACTION' ? 
p_planar_d          0.033  0.050 ? ? 'X-RAY DIFFRACTION' ? 
p_hb_or_metal_coord ?      ?     ? ? 'X-RAY DIFFRACTION' ? 
p_mcbond_it         1.354  2.000 ? ? 'X-RAY DIFFRACTION' ? 
p_mcangle_it        2.049  3.000 ? ? 'X-RAY DIFFRACTION' ? 
p_scbond_it         1.761  2.00  ? ? 'X-RAY DIFFRACTION' ? 
p_scangle_it        2.755  3.00  ? ? 'X-RAY DIFFRACTION' ? 
p_plane_restr       0.0192 ?     ? ? 'X-RAY DIFFRACTION' ? 
p_chiral_restr      0.126  0.150 ? ? 'X-RAY DIFFRACTION' ? 
p_singtor_nbd       0.177  0.300 ? ? 'X-RAY DIFFRACTION' ? 
p_multtor_nbd       0.263  0.300 ? ? 'X-RAY DIFFRACTION' ? 
p_xhyhbond_nbd      ?      ?     ? ? 'X-RAY DIFFRACTION' ? 
p_xyhbond_nbd       0.138  0.300 ? ? 'X-RAY DIFFRACTION' ? 
p_planar_tor        3.2    7.0   ? ? 'X-RAY DIFFRACTION' ? 
p_staggered_tor     15.4   15.0  ? ? 'X-RAY DIFFRACTION' ? 
p_orthonormal_tor   ?      ?     ? ? 'X-RAY DIFFRACTION' ? 
p_transverse_tor    21.0   20.0  ? ? 'X-RAY DIFFRACTION' ? 
p_special_tor       0.0    15.0  ? ? 'X-RAY DIFFRACTION' ? 
# 
_struct.entry_id                  1T1D 
_struct.title                     'CRYSTAL STRUCTURE OF THE TETRAMERIZATION DOMAIN OF THE SHAKER POTASSIUM CHANNEL' 
_struct.pdbx_model_details        ? 
_struct.pdbx_CASP_flag            ? 
_struct.pdbx_model_type_details   ? 
# 
_struct_keywords.entry_id        1T1D 
_struct_keywords.pdbx_keywords   'MEMBRANE PROTEIN' 
_struct_keywords.text            'POTASSIUM CHANNELS, TETRAMERIZATION DOMAIN, APLYSIA KV1.1, PROTON TRANSPORT, MEMBRANE PROTEIN' 
# 
loop_
_struct_asym.id 
_struct_asym.pdbx_blank_PDB_chainid_flag 
_struct_asym.pdbx_modified 
_struct_asym.entity_id 
_struct_asym.details 
A N N 1 ? 
B N N 2 ? 
# 
_struct_biol.id                    1 
_struct_biol.pdbx_parent_biol_id   ? 
_struct_biol.details               ? 
# 
loop_
_struct_conf.conf_type_id 
_struct_conf.id 
_struct_conf.pdbx_PDB_helix_id 
_struct_conf.beg_label_comp_id 
_struct_conf.beg_label_asym_id 
_struct_conf.beg_label_seq_id 
_struct_conf.pdbx_beg_PDB_ins_code 
_struct_conf.end_label_comp_id 
_struct_conf.end_label_asym_id 
_struct_conf.end_label_seq_id 
_struct_conf.pdbx_end_PDB_ins_code 
_struct_conf.beg_auth_comp_id 
_struct_conf.beg_auth_asym_id 
_struct_conf.beg_auth_seq_id 
_struct_conf.end_auth_comp_id 
_struct_conf.end_auth_asym_id 
_struct_conf.end_auth_seq_id 
_struct_conf.pdbx_PDB_helix_class 
_struct_conf.details 
_struct_conf.pdbx_PDB_helix_length 
HELX_P HELX_P1 1 LEU A 16 ? ASN A 20 ? LEU A 81  ASN A 85  1 ? 5  
HELX_P HELX_P2 2 PRO A 30 ? TYR A 36 ? PRO A 95  TYR A 101 1 ? 7  
HELX_P HELX_P3 3 PHE A 53 ? GLN A 61 ? PHE A 118 GLN A 126 1 ? 9  
HELX_P HELX_P4 4 LEU A 74 ? TYR A 84 ? LEU A 139 TYR A 149 1 ? 11 
HELX_P HELX_P5 5 GLU A 88 ? GLU A 98 ? GLU A 153 GLU A 163 1 ? 11 
# 
_struct_conf_type.id          HELX_P 
_struct_conf_type.criteria    ? 
_struct_conf_type.reference   ? 
# 
_struct_sheet.id               A 
_struct_sheet.type             ? 
_struct_sheet.number_strands   3 
_struct_sheet.details          ? 
# 
loop_
_struct_sheet_order.sheet_id 
_struct_sheet_order.range_id_1 
_struct_sheet_order.range_id_2 
_struct_sheet_order.offset 
_struct_sheet_order.sense 
A 1 2 ? anti-parallel 
A 2 3 ? parallel      
# 
loop_
_struct_sheet_range.sheet_id 
_struct_sheet_range.id 
_struct_sheet_range.beg_label_comp_id 
_struct_sheet_range.beg_label_asym_id 
_struct_sheet_range.beg_label_seq_id 
_struct_sheet_range.pdbx_beg_PDB_ins_code 
_struct_sheet_range.end_label_comp_id 
_struct_sheet_range.end_label_asym_id 
_struct_sheet_range.end_label_seq_id 
_struct_sheet_range.pdbx_end_PDB_ins_code 
_struct_sheet_range.beg_auth_comp_id 
_struct_sheet_range.beg_auth_asym_id 
_struct_sheet_range.beg_auth_seq_id 
_struct_sheet_range.end_auth_comp_id 
_struct_sheet_range.end_auth_asym_id 
_struct_sheet_range.end_auth_seq_id 
A 1 LEU A 10 ? GLN A 15 ? LEU A 75  GLN A 80  
A 2 ARG A 2  ? VAL A 7  ? ARG A 67  VAL A 72  
A 3 TYR A 44 ? PHE A 46 ? TYR A 109 PHE A 111 
# 
loop_
_pdbx_struct_sheet_hbond.sheet_id 
_pdbx_struct_sheet_hbond.range_id_1 
_pdbx_struct_sheet_hbond.range_id_2 
_pdbx_struct_sheet_hbond.range_1_label_atom_id 
_pdbx_struct_sheet_hbond.range_1_label_comp_id 
_pdbx_struct_sheet_hbond.range_1_label_asym_id 
_pdbx_struct_sheet_hbond.range_1_label_seq_id 
_pdbx_struct_sheet_hbond.range_1_PDB_ins_code 
_pdbx_struct_sheet_hbond.range_1_auth_atom_id 
_pdbx_struct_sheet_hbond.range_1_auth_comp_id 
_pdbx_struct_sheet_hbond.range_1_auth_asym_id 
_pdbx_struct_sheet_hbond.range_1_auth_seq_id 
_pdbx_struct_sheet_hbond.range_2_label_atom_id 
_pdbx_struct_sheet_hbond.range_2_label_comp_id 
_pdbx_struct_sheet_hbond.range_2_label_asym_id 
_pdbx_struct_sheet_hbond.range_2_label_seq_id 
_pdbx_struct_sheet_hbond.range_2_PDB_ins_code 
_pdbx_struct_sheet_hbond.range_2_auth_atom_id 
_pdbx_struct_sheet_hbond.range_2_auth_comp_id 
_pdbx_struct_sheet_hbond.range_2_auth_asym_id 
_pdbx_struct_sheet_hbond.range_2_auth_seq_id 
A 1 2 O LEU A 10 ? O LEU A 75 N VAL A 7  ? N VAL A 72  
A 2 3 O ASN A 6  ? O ASN A 71 N TYR A 44 ? N TYR A 109 
# 
_atom_sites.entry_id                    1T1D 
_atom_sites.fract_transf_matrix[1][1]   0.00764954 
_atom_sites.fract_transf_matrix[1][2]   -0.01059376 
_atom_sites.fract_transf_matrix[1][3]   0.01047627 
_atom_sites.fract_transf_matrix[2][1]   -0.01442160 
_atom_sites.fract_transf_matrix[2][2]   -0.00822203 
_atom_sites.fract_transf_matrix[2][3]   0.00221611 
_atom_sites.fract_transf_matrix[3][1]   0.00152105 
_atom_sites.fract_transf_matrix[3][2]   -0.00407908 
_atom_sites.fract_transf_matrix[3][3]   -0.00523546 
_atom_sites.fract_transf_vector[1]      0.243389 
_atom_sites.fract_transf_vector[2]      0.383305 
_atom_sites.fract_transf_vector[3]      0.631266 
# 
loop_
_atom_type.symbol 
C 
N 
O 
# 
loop_
_atom_site.group_PDB 
_atom_site.id 
_atom_site.type_symbol 
_atom_site.label_atom_id 
_atom_site.label_alt_id 
_atom_site.label_comp_id 
_atom_site.label_asym_id 
_atom_site.label_entity_id 
_atom_site.label_seq_id 
_atom_site.pdbx_PDB_ins_code 
_atom_site.Cartn_x 
_atom_site.Cartn_y 
_atom_site.Cartn_z 
_atom_site.occupancy 
_atom_site.B_iso_or_equiv 
_atom_site.pdbx_formal_charge 
_atom_site.auth_seq_id 
_atom_site.auth_comp_id 
_atom_site.auth_asym_id 
_atom_site.auth_atom_id 
_atom_site.pdbx_PDB_model_num 
ATOM   1   N N   . GLU A 1 1   ? -7.825  -10.089 -13.230 1.00 34.96 ? 66  GLU A N   1 
ATOM   2   C CA  . GLU A 1 1   ? -6.371  -10.429 -13.245 1.00 33.44 ? 66  GLU A CA  1 
ATOM   3   C C   . GLU A 1 1   ? -5.812  -10.374 -11.828 1.00 30.01 ? 66  GLU A C   1 
ATOM   4   O O   . GLU A 1 1   ? -5.959  -9.352  -11.153 1.00 28.58 ? 66  GLU A O   1 
ATOM   5   C CB  . GLU A 1 1   ? -5.656  -9.595  -14.293 1.00 37.29 ? 66  GLU A CB  1 
ATOM   6   C CG  . GLU A 1 1   ? -6.036  -9.940  -15.726 1.00 40.91 ? 66  GLU A CG  1 
ATOM   7   C CD  . GLU A 1 1   ? -7.136  -9.104  -16.337 1.00 43.71 ? 66  GLU A CD  1 
ATOM   8   O OE1 . GLU A 1 1   ? -7.632  -8.161  -15.677 1.00 45.55 ? 66  GLU A OE1 1 
ATOM   9   O OE2 . GLU A 1 1   ? -7.539  -9.351  -17.501 1.00 45.46 ? 66  GLU A OE2 1 
ATOM   10  N N   . ARG A 1 2   ? -5.278  -11.498 -11.358 1.00 26.93 ? 67  ARG A N   1 
ATOM   11  C CA  . ARG A 1 2   ? -4.700  -11.610 -10.017 1.00 24.67 ? 67  ARG A CA  1 
ATOM   12  C C   . ARG A 1 2   ? -3.266  -11.065 -9.989  1.00 23.46 ? 67  ARG A C   1 
ATOM   13  O O   . ARG A 1 2   ? -2.459  -11.396 -10.849 1.00 24.39 ? 67  ARG A O   1 
ATOM   14  C CB  . ARG A 1 2   ? -4.651  -13.050 -9.512  1.00 23.56 ? 67  ARG A CB  1 
ATOM   15  C CG  . ARG A 1 2   ? -4.217  -13.207 -8.053  1.00 24.54 ? 67  ARG A CG  1 
ATOM   16  C CD  . ARG A 1 2   ? -5.340  -12.965 -7.072  1.00 21.88 ? 67  ARG A CD  1 
ATOM   17  N NE  . ARG A 1 2   ? -6.553  -13.692 -7.391  1.00 19.78 ? 67  ARG A NE  1 
ATOM   18  C CZ  . ARG A 1 2   ? -6.828  -14.932 -6.982  1.00 18.03 ? 67  ARG A CZ  1 
ATOM   19  N NH1 . ARG A 1 2   ? -5.948  -15.607 -6.267  1.00 17.03 ? 67  ARG A NH1 1 
ATOM   20  N NH2 . ARG A 1 2   ? -7.964  -15.495 -7.356  1.00 19.16 ? 67  ARG A NH2 1 
ATOM   21  N N   . VAL A 1 3   ? -2.972  -10.280 -8.975  1.00 20.30 ? 68  VAL A N   1 
ATOM   22  C CA  . VAL A 1 3   ? -1.686  -9.644  -8.737  1.00 20.44 ? 68  VAL A CA  1 
ATOM   23  C C   . VAL A 1 3   ? -1.082  -10.199 -7.437  1.00 18.16 ? 68  VAL A C   1 
ATOM   24  O O   . VAL A 1 3   ? -1.860  -10.298 -6.467  1.00 19.02 ? 68  VAL A O   1 
ATOM   25  C CB  . VAL A 1 3   ? -1.911  -8.125  -8.539  1.00 21.57 ? 68  VAL A CB  1 
ATOM   26  C CG1 . VAL A 1 3   ? -0.666  -7.335  -8.178  1.00 24.29 ? 68  VAL A CG1 1 
ATOM   27  C CG2 . VAL A 1 3   ? -2.531  -7.473  -9.781  1.00 23.99 ? 68  VAL A CG2 1 
ATOM   28  N N   . VAL A 1 4   ? 0.206   -10.490 -7.435  1.00 15.62 ? 69  VAL A N   1 
ATOM   29  C CA  . VAL A 1 4   ? 0.931   -10.931 -6.239  1.00 13.76 ? 69  VAL A CA  1 
ATOM   30  C C   . VAL A 1 4   ? 1.897   -9.818  -5.859  1.00 15.07 ? 69  VAL A C   1 
ATOM   31  O O   . VAL A 1 4   ? 2.727   -9.368  -6.661  1.00 14.56 ? 69  VAL A O   1 
ATOM   32  C CB  . VAL A 1 4   ? 1.700   -12.250 -6.397  1.00 16.15 ? 69  VAL A CB  1 
ATOM   33  C CG1 . VAL A 1 4   ? 2.474   -12.570 -5.120  1.00 16.61 ? 69  VAL A CG1 1 
ATOM   34  C CG2 . VAL A 1 4   ? 0.720   -13.386 -6.704  1.00 16.15 ? 69  VAL A CG2 1 
ATOM   35  N N   . ILE A 1 5   ? 1.739   -9.322  -4.628  1.00 12.67 ? 70  ILE A N   1 
ATOM   36  C CA  . ILE A 1 5   ? 2.601   -8.283  -4.061  1.00 12.82 ? 70  ILE A CA  1 
ATOM   37  C C   . ILE A 1 5   ? 3.427   -8.927  -2.951  1.00 12.36 ? 70  ILE A C   1 
ATOM   38  O O   . ILE A 1 5   ? 2.835   -9.370  -1.955  1.00 13.43 ? 70  ILE A O   1 
ATOM   39  C CB  . ILE A 1 5   ? 1.819   -7.061  -3.521  1.00 12.78 ? 70  ILE A CB  1 
ATOM   40  C CG1 . ILE A 1 5   ? 0.923   -6.482  -4.631  1.00 14.75 ? 70  ILE A CG1 1 
ATOM   41  C CG2 . ILE A 1 5   ? 2.756   -6.012  -2.951  1.00 13.98 ? 70  ILE A CG2 1 
ATOM   42  C CD1 . ILE A 1 5   ? -0.052  -5.427  -4.183  1.00 16.91 ? 70  ILE A CD1 1 
ATOM   43  N N   . ASN A 1 6   ? 4.735   -9.043  -3.161  1.00 12.05 ? 71  ASN A N   1 
ATOM   44  C CA  . ASN A 1 6   ? 5.594   -9.698  -2.153  1.00 11.92 ? 71  ASN A CA  1 
ATOM   45  C C   . ASN A 1 6   ? 6.255   -8.656  -1.308  1.00 11.66 ? 71  ASN A C   1 
ATOM   46  O O   . ASN A 1 6   ? 7.127   -7.931  -1.824  1.00 11.77 ? 71  ASN A O   1 
ATOM   47  C CB  . ASN A 1 6   ? 6.597   -10.533 -2.953  1.00 11.82 ? 71  ASN A CB  1 
ATOM   48  C CG  . ASN A 1 6   ? 7.641   -11.170 -2.074  1.00 14.32 ? 71  ASN A CG  1 
ATOM   49  O OD1 . ASN A 1 6   ? 7.546   -11.101 -0.855  1.00 13.98 ? 71  ASN A OD1 1 
ATOM   50  N ND2 . ASN A 1 6   ? 8.671   -11.775 -2.647  1.00 17.00 ? 71  ASN A ND2 1 
ATOM   51  N N   . VAL A 1 7   ? 5.849   -8.489  -0.047  1.00 11.30 ? 72  VAL A N   1 
ATOM   52  C CA  . VAL A 1 7   ? 6.446   -7.507  0.851   1.00 11.94 ? 72  VAL A CA  1 
ATOM   53  C C   . VAL A 1 7   ? 7.393   -8.262  1.780   1.00 12.54 ? 72  VAL A C   1 
ATOM   54  O O   . VAL A 1 7   ? 6.968   -8.928  2.735   1.00 12.12 ? 72  VAL A O   1 
ATOM   55  C CB  . VAL A 1 7   ? 5.412   -6.715  1.652   1.00 11.31 ? 72  VAL A CB  1 
ATOM   56  C CG1 . VAL A 1 7   ? 6.095   -5.660  2.514   1.00 12.63 ? 72  VAL A CG1 1 
ATOM   57  C CG2 . VAL A 1 7   ? 4.372   -6.104  0.693   1.00 12.25 ? 72  VAL A CG2 1 
ATOM   58  N N   . SER A 1 8   ? 8.689   -8.234  1.421   1.00 11.91 ? 73  SER A N   1 
ATOM   59  C CA  . SER A 1 8   ? 9.678   -8.896  2.293   1.00 11.31 ? 73  SER A CA  1 
ATOM   60  C C   . SER A 1 8   ? 9.315   -10.357 2.531   1.00 11.16 ? 73  SER A C   1 
ATOM   61  O O   . SER A 1 8   ? 9.592   -10.834 3.663   1.00 12.29 ? 73  SER A O   1 
ATOM   62  C CB  . SER A 1 8   ? 9.898   -8.114  3.576   1.00 12.33 ? 73  SER A CB  1 
ATOM   63  O OG  . SER A 1 8   ? 10.329  -6.784  3.328   1.00 15.35 ? 73  SER A OG  1 
ATOM   64  N N   . GLY A 1 9   ? 8.793   -11.090 1.574   1.00 11.95 ? 74  GLY A N   1 
ATOM   65  C CA  . GLY A 1 9   ? 8.469   -12.497 1.742   1.00 11.93 ? 74  GLY A CA  1 
ATOM   66  C C   . GLY A 1 9   ? 7.017   -12.740 2.124   1.00 13.50 ? 74  GLY A C   1 
ATOM   67  O O   . GLY A 1 9   ? 6.640   -13.900 2.042   1.00 16.07 ? 74  GLY A O   1 
ATOM   68  N N   . LEU A 1 10  ? 6.303   -11.703 2.530   1.00 11.75 ? 75  LEU A N   1 
ATOM   69  C CA  . LEU A 1 10  ? 4.872   -11.888 2.882   1.00 11.65 ? 75  LEU A CA  1 
ATOM   70  C C   . LEU A 1 10  ? 4.093   -11.598 1.602   1.00 12.24 ? 75  LEU A C   1 
ATOM   71  O O   . LEU A 1 10  ? 4.117   -10.442 1.182   1.00 13.06 ? 75  LEU A O   1 
ATOM   72  C CB  . LEU A 1 10  ? 4.533   -10.974 4.022   1.00 12.64 ? 75  LEU A CB  1 
ATOM   73  C CG  . LEU A 1 10  ? 3.123   -11.081 4.644   1.00 13.87 ? 75  LEU A CG  1 
ATOM   74  C CD1 . LEU A 1 10  ? 2.970   -12.535 5.139   1.00 14.53 ? 75  LEU A CD1 1 
ATOM   75  C CD2 . LEU A 1 10  ? 2.966   -10.057 5.748   1.00 14.16 ? 75  LEU A CD2 1 
ATOM   76  N N   . ARG A 1 11  ? 3.425   -12.584 1.045   1.00 12.05 ? 76  ARG A N   1 
ATOM   77  C CA  . ARG A 1 11  ? 2.729   -12.404 -0.209  1.00 13.47 ? 76  ARG A CA  1 
ATOM   78  C C   . ARG A 1 11  ? 1.278   -12.028 -0.045  1.00 15.39 ? 76  ARG A C   1 
ATOM   79  O O   . ARG A 1 11  ? 0.521   -12.644 0.702   1.00 16.70 ? 76  ARG A O   1 
ATOM   80  C CB  . ARG A 1 11  ? 2.923   -13.616 -1.150  1.00 13.62 ? 76  ARG A CB  1 
ATOM   81  C CG  . ARG A 1 11  ? 4.383   -13.725 -1.592  1.00 15.87 ? 76  ARG A CG  1 
ATOM   82  C CD  . ARG A 1 11  ? 4.671   -14.946 -2.446  1.00 18.82 ? 76  ARG A CD  1 
ATOM   83  N NE  . ARG A 1 11  ? 5.961   -14.811 -3.137  1.00 18.41 ? 76  ARG A NE  1 
ATOM   84  C CZ  . ARG A 1 11  ? 7.157   -14.954 -2.614  1.00 19.00 ? 76  ARG A CZ  1 
ATOM   85  N NH1 . ARG A 1 11  ? 7.314   -15.272 -1.319  1.00 21.88 ? 76  ARG A NH1 1 
ATOM   86  N NH2 . ARG A 1 11  ? 8.297   -14.792 -3.291  1.00 17.45 ? 76  ARG A NH2 1 
ATOM   87  N N   . PHE A 1 12  ? 0.896   -10.946 -0.732  1.00 11.77 ? 77  PHE A N   1 
ATOM   88  C CA  . PHE A 1 12  ? -0.480  -10.467 -0.697  1.00 11.66 ? 77  PHE A CA  1 
ATOM   89  C C   . PHE A 1 12  ? -0.996  -10.691 -2.116  1.00 12.41 ? 77  PHE A C   1 
ATOM   90  O O   . PHE A 1 12  ? -0.246  -10.619 -3.076  1.00 13.81 ? 77  PHE A O   1 
ATOM   91  C CB  . PHE A 1 12  ? -0.533  -8.985  -0.374  1.00 11.19 ? 77  PHE A CB  1 
ATOM   92  C CG  . PHE A 1 12  ? -0.055  -8.679  1.031   1.00 10.70 ? 77  PHE A CG  1 
ATOM   93  C CD1 . PHE A 1 12  ? 1.287   -8.622  1.365   1.00 10.03 ? 77  PHE A CD1 1 
ATOM   94  C CD2 . PHE A 1 12  ? -1.025  -8.453  1.995   1.00 10.76 ? 77  PHE A CD2 1 
ATOM   95  C CE1 . PHE A 1 12  ? 1.663   -8.385  2.670   1.00 12.19 ? 77  PHE A CE1 1 
ATOM   96  C CE2 . PHE A 1 12  ? -0.641  -8.158  3.295   1.00 11.87 ? 77  PHE A CE2 1 
ATOM   97  C CZ  . PHE A 1 12  ? 0.701   -8.127  3.649   1.00 11.91 ? 77  PHE A CZ  1 
ATOM   98  N N   . GLU A 1 13  ? -2.292  -10.992 -2.219  1.00 13.23 ? 78  GLU A N   1 
ATOM   99  C CA  . GLU A 1 13  ? -2.914  -11.153 -3.527  1.00 13.73 ? 78  GLU A CA  1 
ATOM   100 C C   . GLU A 1 13  ? -4.167  -10.278 -3.567  1.00 14.11 ? 78  GLU A C   1 
ATOM   101 O O   . GLU A 1 13  ? -4.939  -10.181 -2.636  1.00 15.46 ? 78  GLU A O   1 
ATOM   102 C CB  . GLU A 1 13  ? -3.340  -12.598 -3.797  1.00 13.39 ? 78  GLU A CB  1 
ATOM   103 C CG  . GLU A 1 13  ? -2.176  -13.551 -3.936  1.00 15.12 ? 78  GLU A CG  1 
ATOM   104 C CD  . GLU A 1 13  ? -2.523  -15.011 -4.186  1.00 17.39 ? 78  GLU A CD  1 
ATOM   105 O OE1 . GLU A 1 13  ? -3.691  -15.299 -4.561  1.00 18.51 ? 78  GLU A OE1 1 
ATOM   106 O OE2 . GLU A 1 13  ? -1.616  -15.855 -4.046  1.00 21.20 ? 78  GLU A OE2 1 
ATOM   107 N N   . THR A 1 14  ? -4.352  -9.695  -4.760  1.00 13.94 ? 79  THR A N   1 
ATOM   108 C CA  . THR A 1 14  ? -5.550  -8.901  -5.014  1.00 14.69 ? 79  THR A CA  1 
ATOM   109 C C   . THR A 1 14  ? -5.779  -8.905  -6.523  1.00 12.78 ? 79  THR A C   1 
ATOM   110 O O   . THR A 1 14  ? -5.111  -9.604  -7.293  1.00 15.73 ? 79  THR A O   1 
ATOM   111 C CB  . THR A 1 14  ? -5.405  -7.493  -4.438  1.00 15.33 ? 79  THR A CB  1 
ATOM   112 O OG1 . THR A 1 14  ? -6.667  -6.838  -4.423  1.00 14.87 ? 79  THR A OG1 1 
ATOM   113 C CG2 . THR A 1 14  ? -4.384  -6.685  -5.230  1.00 15.73 ? 79  THR A CG2 1 
ATOM   114 N N   . GLN A 1 15  ? -6.844  -8.198  -6.895  1.00 17.61 ? 80  GLN A N   1 
ATOM   115 C CA  . GLN A 1 15  ? -7.179  -8.082  -8.323  1.00 19.64 ? 80  GLN A CA  1 
ATOM   116 C C   . GLN A 1 15  ? -6.620  -6.752  -8.803  1.00 18.90 ? 80  GLN A C   1 
ATOM   117 O O   . GLN A 1 15  ? -6.600  -5.749  -8.083  1.00 18.33 ? 80  GLN A O   1 
ATOM   118 C CB  . GLN A 1 15  ? -8.696  -8.065  -8.488  1.00 22.23 ? 80  GLN A CB  1 
ATOM   119 C CG  . GLN A 1 15  ? -9.402  -9.270  -7.922  1.00 25.48 ? 80  GLN A CG  1 
ATOM   120 C CD  . GLN A 1 15  ? -9.273  -10.522 -8.749  1.00 29.20 ? 80  GLN A CD  1 
ATOM   121 O OE1 . GLN A 1 15  ? -8.488  -10.606 -9.711  1.00 30.81 ? 80  GLN A OE1 1 
ATOM   122 N NE2 . GLN A 1 15  ? -10.061 -11.532 -8.384  1.00 31.15 ? 80  GLN A NE2 1 
ATOM   123 N N   . LEU A 1 16  ? -6.260  -6.690  -10.095 1.00 21.09 ? 81  LEU A N   1 
ATOM   124 C CA  . LEU A 1 16  ? -5.809  -5.419  -10.654 1.00 23.19 ? 81  LEU A CA  1 
ATOM   125 C C   . LEU A 1 16  ? -6.829  -4.309  -10.492 1.00 22.17 ? 81  LEU A C   1 
ATOM   126 O O   . LEU A 1 16  ? -6.490  -3.186  -10.127 1.00 22.20 ? 81  LEU A O   1 
ATOM   127 C CB  . LEU A 1 16  ? -5.534  -5.586  -12.155 1.00 24.41 ? 81  LEU A CB  1 
ATOM   128 C CG  . LEU A 1 16  ? -4.389  -4.724  -12.700 1.00 26.83 ? 81  LEU A CG  1 
ATOM   129 C CD1 . LEU A 1 16  ? -3.085  -4.988  -11.977 1.00 28.64 ? 81  LEU A CD1 1 
ATOM   130 C CD2 . LEU A 1 16  ? -4.245  -5.045  -14.186 1.00 28.69 ? 81  LEU A CD2 1 
ATOM   131 N N   . LYS A 1 17  ? -8.114  -4.633  -10.685 1.00 22.60 ? 82  LYS A N   1 
ATOM   132 C CA  . LYS A 1 17  ? -9.182  -3.647  -10.513 1.00 24.24 ? 82  LYS A CA  1 
ATOM   133 C C   . LYS A 1 17  ? -9.196  -3.024  -9.136  1.00 23.05 ? 82  LYS A C   1 
ATOM   134 O O   . LYS A 1 17  ? -9.542  -1.870  -8.902  1.00 23.87 ? 82  LYS A O   1 
ATOM   135 C CB  . LYS A 1 17  ? -10.536 -4.327  -10.770 1.00 27.68 ? 82  LYS A CB  1 
ATOM   136 C CG  . LYS A 1 17  ? -10.583 -4.969  -12.147 1.00 29.90 ? 82  LYS A CG  1 
ATOM   137 C CD  . LYS A 1 17  ? -11.145 -6.391  -12.070 1.00 30.11 ? 82  LYS A CD  1 
ATOM   138 C CE  . LYS A 1 17  ? -10.112 -7.321  -11.454 1.00 29.14 ? 82  LYS A CE  1 
ATOM   139 N NZ  . LYS A 1 17  ? -8.872  -7.413  -12.228 1.00 24.15 ? 82  LYS A NZ  1 
ATOM   140 N N   . THR A 1 18  ? -8.845  -3.846  -8.116  1.00 21.43 ? 83  THR A N   1 
ATOM   141 C CA  . THR A 1 18  ? -8.791  -3.308  -6.774  1.00 19.88 ? 83  THR A CA  1 
ATOM   142 C C   . THR A 1 18  ? -7.737  -2.222  -6.646  1.00 19.18 ? 83  THR A C   1 
ATOM   143 O O   . THR A 1 18  ? -8.006  -1.229  -5.986  1.00 19.55 ? 83  THR A O   1 
ATOM   144 C CB  . THR A 1 18  ? -8.510  -4.465  -5.795  1.00 19.09 ? 83  THR A CB  1 
ATOM   145 O OG1 . THR A 1 18  ? -9.570  -5.422  -5.992  1.00 20.76 ? 83  THR A OG1 1 
ATOM   146 C CG2 . THR A 1 18  ? -8.510  -3.978  -4.355  1.00 19.24 ? 83  THR A CG2 1 
ATOM   147 N N   . LEU A 1 19  ? -6.552  -2.424  -7.243  1.00 19.29 ? 84  LEU A N   1 
ATOM   148 C CA  . LEU A 1 19  ? -5.512  -1.405  -7.142  1.00 18.21 ? 84  LEU A CA  1 
ATOM   149 C C   . LEU A 1 19  ? -5.798  -0.181  -8.020  1.00 20.08 ? 84  LEU A C   1 
ATOM   150 O O   . LEU A 1 19  ? -5.578  0.955   -7.618  1.00 20.31 ? 84  LEU A O   1 
ATOM   151 C CB  . LEU A 1 19  ? -4.148  -1.981  -7.540  1.00 17.88 ? 84  LEU A CB  1 
ATOM   152 C CG  . LEU A 1 19  ? -3.648  -3.190  -6.723  1.00 17.54 ? 84  LEU A CG  1 
ATOM   153 C CD1 . LEU A 1 19  ? -2.300  -3.669  -7.244  1.00 19.01 ? 84  LEU A CD1 1 
ATOM   154 C CD2 . LEU A 1 19  ? -3.552  -2.858  -5.244  1.00 18.87 ? 84  LEU A CD2 1 
ATOM   155 N N   . ASN A 1 20  ? -6.321  -0.493  -9.210  1.00 21.65 ? 85  ASN A N   1 
ATOM   156 C CA  . ASN A 1 20  ? -6.549  0.564   -10.198 1.00 24.77 ? 85  ASN A CA  1 
ATOM   157 C C   . ASN A 1 20  ? -7.608  1.573   -9.843  1.00 27.05 ? 85  ASN A C   1 
ATOM   158 O O   . ASN A 1 20  ? -7.662  2.652   -10.465 1.00 27.55 ? 85  ASN A O   1 
ATOM   159 C CB  . ASN A 1 20  ? -6.860  -0.070  -11.555 1.00 23.79 ? 85  ASN A CB  1 
ATOM   160 C CG  . ASN A 1 20  ? -5.661  -0.660  -12.254 1.00 25.16 ? 85  ASN A CG  1 
ATOM   161 O OD1 . ASN A 1 20  ? -4.506  -0.351  -11.922 1.00 26.52 ? 85  ASN A OD1 1 
ATOM   162 N ND2 . ASN A 1 20  ? -5.897  -1.531  -13.220 1.00 25.46 ? 85  ASN A ND2 1 
ATOM   163 N N   . GLN A 1 21  ? -8.438  1.308   -8.840  1.00 27.67 ? 86  GLN A N   1 
ATOM   164 C CA  . GLN A 1 21  ? -9.425  2.324   -8.474  1.00 29.83 ? 86  GLN A CA  1 
ATOM   165 C C   . GLN A 1 21  ? -8.781  3.542   -7.860  1.00 29.29 ? 86  GLN A C   1 
ATOM   166 O O   . GLN A 1 21  ? -9.447  4.589   -7.830  1.00 30.30 ? 86  GLN A O   1 
ATOM   167 C CB  . GLN A 1 21  ? -10.481 1.755   -7.538  1.00 31.16 ? 86  GLN A CB  1 
ATOM   168 C CG  . GLN A 1 21  ? -9.898  1.511   -6.159  1.00 31.50 ? 86  GLN A CG  1 
ATOM   169 C CD  . GLN A 1 21  ? -10.867 0.787   -5.258  1.00 32.53 ? 86  GLN A CD  1 
ATOM   170 O OE1 . GLN A 1 21  ? -10.659 -0.375  -4.877  1.00 31.56 ? 86  GLN A OE1 1 
ATOM   171 N NE2 . GLN A 1 21  ? -11.968 1.414   -4.851  1.00 32.04 ? 86  GLN A NE2 1 
ATOM   172 N N   . PHE A 1 22  ? -7.565  3.518   -7.331  1.00 28.24 ? 87  PHE A N   1 
ATOM   173 C CA  . PHE A 1 22  ? -6.848  4.686   -6.847  1.00 27.63 ? 87  PHE A CA  1 
ATOM   174 C C   . PHE A 1 22  ? -5.631  4.840   -7.755  1.00 27.97 ? 87  PHE A C   1 
ATOM   175 O O   . PHE A 1 22  ? -4.493  4.497   -7.442  1.00 25.67 ? 87  PHE A O   1 
ATOM   176 C CB  . PHE A 1 22  ? -6.485  4.609   -5.366  1.00 28.09 ? 87  PHE A CB  1 
ATOM   177 C CG  . PHE A 1 22  ? -7.713  4.574   -4.496  1.00 28.61 ? 87  PHE A CG  1 
ATOM   178 C CD1 . PHE A 1 22  ? -8.585  5.658   -4.488  1.00 28.59 ? 87  PHE A CD1 1 
ATOM   179 C CD2 . PHE A 1 22  ? -8.025  3.487   -3.714  1.00 28.59 ? 87  PHE A CD2 1 
ATOM   180 C CE1 . PHE A 1 22  ? -9.724  5.637   -3.705  1.00 28.57 ? 87  PHE A CE1 1 
ATOM   181 C CE2 . PHE A 1 22  ? -9.162  3.463   -2.931  1.00 28.53 ? 87  PHE A CE2 1 
ATOM   182 C CZ  . PHE A 1 22  ? -10.021 4.548   -2.928  1.00 28.29 ? 87  PHE A CZ  1 
ATOM   183 N N   . PRO A 1 23  ? -5.825  5.444   -8.935  1.00 28.24 ? 88  PRO A N   1 
ATOM   184 C CA  . PRO A 1 23  ? -4.780  5.584   -9.919  1.00 28.29 ? 88  PRO A CA  1 
ATOM   185 C C   . PRO A 1 23  ? -3.671  6.544   -9.570  1.00 27.79 ? 88  PRO A C   1 
ATOM   186 O O   . PRO A 1 23  ? -2.593  6.419   -10.168 1.00 30.71 ? 88  PRO A O   1 
ATOM   187 C CB  . PRO A 1 23  ? -5.517  5.997   -11.201 1.00 28.67 ? 88  PRO A CB  1 
ATOM   188 C CG  . PRO A 1 23  ? -6.702  6.736   -10.689 1.00 28.89 ? 88  PRO A CG  1 
ATOM   189 C CD  . PRO A 1 23  ? -7.112  5.982   -9.453  1.00 28.84 ? 88  PRO A CD  1 
ATOM   190 N N   . ASP A 1 24  ? -3.863  7.480   -8.653  1.00 28.95 ? 89  ASP A N   1 
ATOM   191 C CA  . ASP A 1 24  ? -2.835  8.419   -8.258  1.00 29.56 ? 89  ASP A CA  1 
ATOM   192 C C   . ASP A 1 24  ? -2.094  7.962   -7.006  1.00 28.65 ? 89  ASP A C   1 
ATOM   193 O O   . ASP A 1 24  ? -1.871  8.708   -6.041  1.00 29.66 ? 89  ASP A O   1 
ATOM   194 C CB  . ASP A 1 24  ? -3.412  9.815   -8.013  1.00 31.95 ? 89  ASP A CB  1 
ATOM   195 C CG  . ASP A 1 24  ? -4.011  10.395  -9.284  1.00 33.70 ? 89  ASP A CG  1 
ATOM   196 O OD1 . ASP A 1 24  ? -3.410  10.235  -10.369 1.00 34.73 ? 89  ASP A OD1 1 
ATOM   197 O OD2 . ASP A 1 24  ? -5.099  10.998  -9.178  1.00 35.85 ? 89  ASP A OD2 1 
ATOM   198 N N   . THR A 1 25  ? -1.793  6.667   -6.987  1.00 23.78 ? 90  THR A N   1 
ATOM   199 C CA  . THR A 1 25  ? -1.006  6.066   -5.914  1.00 21.57 ? 90  THR A CA  1 
ATOM   200 C C   . THR A 1 25  ? 0.067   5.209   -6.604  1.00 20.83 ? 90  THR A C   1 
ATOM   201 O O   . THR A 1 25  ? 0.009   4.971   -7.797  1.00 23.24 ? 90  THR A O   1 
ATOM   202 C CB  . THR A 1 25  ? -1.824  5.134   -4.994  1.00 19.40 ? 90  THR A CB  1 
ATOM   203 O OG1 . THR A 1 25  ? -2.358  4.056   -5.751  1.00 19.38 ? 90  THR A OG1 1 
ATOM   204 C CG2 . THR A 1 25  ? -2.970  5.885   -4.314  1.00 20.66 ? 90  THR A CG2 1 
ATOM   205 N N   . LEU A 1 26  ? 1.045   4.767   -5.816  1.00 16.96 ? 91  LEU A N   1 
ATOM   206 C CA  . LEU A 1 26  ? 2.101   3.930   -6.409  1.00 17.47 ? 91  LEU A CA  1 
ATOM   207 C C   . LEU A 1 26  ? 1.510   2.656   -6.982  1.00 17.88 ? 91  LEU A C   1 
ATOM   208 O O   . LEU A 1 26  ? 1.679   2.283   -8.152  1.00 17.47 ? 91  LEU A O   1 
ATOM   209 C CB  . LEU A 1 26  ? 3.168   3.620   -5.380  1.00 18.81 ? 91  LEU A CB  1 
ATOM   210 C CG  . LEU A 1 26  ? 4.463   2.947   -5.842  1.00 18.10 ? 91  LEU A CG  1 
ATOM   211 C CD1 . LEU A 1 26  ? 5.510   3.082   -4.744  1.00 20.97 ? 91  LEU A CD1 1 
ATOM   212 C CD2 . LEU A 1 26  ? 4.284   1.464   -6.152  1.00 20.05 ? 91  LEU A CD2 1 
ATOM   213 N N   . LEU A 1 27  ? 0.758   1.859   -6.189  1.00 16.37 ? 92  LEU A N   1 
ATOM   214 C CA  . LEU A 1 27  ? 0.220   0.609   -6.636  1.00 16.95 ? 92  LEU A CA  1 
ATOM   215 C C   . LEU A 1 27  ? -0.938  0.704   -7.621  1.00 17.59 ? 92  LEU A C   1 
ATOM   216 O O   . LEU A 1 27  ? -1.180  -0.262  -8.341  1.00 18.40 ? 92  LEU A O   1 
ATOM   217 C CB  . LEU A 1 27  ? -0.279  -0.215  -5.414  1.00 16.33 ? 92  LEU A CB  1 
ATOM   218 C CG  . LEU A 1 27  ? 0.879   -0.675  -4.492  1.00 16.72 ? 92  LEU A CG  1 
ATOM   219 C CD1 . LEU A 1 27  ? 0.267   -1.139  -3.189  1.00 16.28 ? 92  LEU A CD1 1 
ATOM   220 C CD2 . LEU A 1 27  ? 1.718   -1.726  -5.203  1.00 17.50 ? 92  LEU A CD2 1 
ATOM   221 N N   . GLY A 1 28  ? -1.571  1.877   -7.679  1.00 17.05 ? 93  GLY A N   1 
ATOM   222 C CA  . GLY A 1 28  ? -2.646  2.070   -8.650  1.00 18.94 ? 93  GLY A CA  1 
ATOM   223 C C   . GLY A 1 28  ? -2.138  2.602   -9.998  1.00 20.31 ? 93  GLY A C   1 
ATOM   224 O O   . GLY A 1 28  ? -2.993  2.688   -10.882 1.00 22.62 ? 93  GLY A O   1 
ATOM   225 N N   . ASN A 1 29  ? -0.864  2.936   -10.092 1.00 21.37 ? 94  ASN A N   1 
ATOM   226 C CA  . ASN A 1 29  ? -0.336  3.490   -11.351 1.00 21.60 ? 94  ASN A CA  1 
ATOM   227 C C   . ASN A 1 29  ? 0.621   2.480   -11.953 1.00 21.79 ? 94  ASN A C   1 
ATOM   228 O O   . ASN A 1 29  ? 1.693   2.241   -11.393 1.00 20.52 ? 94  ASN A O   1 
ATOM   229 C CB  . ASN A 1 29  ? 0.327   4.827   -11.015 1.00 22.75 ? 94  ASN A CB  1 
ATOM   230 C CG  . ASN A 1 29  ? 0.973   5.549   -12.188 1.00 23.80 ? 94  ASN A CG  1 
ATOM   231 O OD1 . ASN A 1 29  ? 1.253   4.949   -13.209 1.00 25.11 ? 94  ASN A OD1 1 
ATOM   232 N ND2 . ASN A 1 29  ? 1.221   6.850   -12.033 1.00 26.46 ? 94  ASN A ND2 1 
ATOM   233 N N   . PRO A 1 30  ? 0.271   1.855   -13.071 1.00 20.92 ? 95  PRO A N   1 
ATOM   234 C CA  . PRO A 1 30  ? 1.124   0.879   -13.727 1.00 21.84 ? 95  PRO A CA  1 
ATOM   235 C C   . PRO A 1 30  ? 2.542   1.360   -13.904 1.00 21.49 ? 95  PRO A C   1 
ATOM   236 O O   . PRO A 1 30  ? 3.541   0.680   -13.676 1.00 19.61 ? 95  PRO A O   1 
ATOM   237 C CB  . PRO A 1 30  ? 0.443   0.558   -15.045 1.00 22.06 ? 95  PRO A CB  1 
ATOM   238 C CG  . PRO A 1 30  ? -0.777  1.400   -15.120 1.00 23.50 ? 95  PRO A CG  1 
ATOM   239 C CD  . PRO A 1 30  ? -0.985  2.111   -13.819 1.00 22.16 ? 95  PRO A CD  1 
ATOM   240 N N   . GLN A 1 31  ? 2.736   2.627   -14.304 1.00 21.93 ? 96  GLN A N   1 
ATOM   241 C CA  . GLN A 1 31  ? 4.065   3.176   -14.506 1.00 22.78 ? 96  GLN A CA  1 
ATOM   242 C C   . GLN A 1 31  ? 4.942   3.169   -13.266 1.00 21.02 ? 96  GLN A C   1 
ATOM   243 O O   . GLN A 1 31  ? 6.173   3.062   -13.307 1.00 20.58 ? 96  GLN A O   1 
ATOM   244 C CB  . GLN A 1 31  ? 3.907   4.559   -15.163 1.00 27.79 ? 96  GLN A CB  1 
ATOM   245 C CG  . GLN A 1 31  ? 3.605   4.577   -16.647 1.00 33.83 ? 96  GLN A CG  1 
ATOM   246 C CD  . GLN A 1 31  ? 2.836   3.436   -17.237 1.00 36.59 ? 96  GLN A CD  1 
ATOM   247 O OE1 . GLN A 1 31  ? 3.413   2.429   -17.697 1.00 38.01 ? 96  GLN A OE1 1 
ATOM   248 N NE2 . GLN A 1 31  ? 1.501   3.530   -17.254 1.00 37.88 ? 96  GLN A NE2 1 
ATOM   249 N N   . LYS A 1 32  ? 4.364   3.402   -12.088 1.00 18.73 ? 97  LYS A N   1 
ATOM   250 C CA  . LYS A 1 32  ? 5.070   3.392   -10.819 1.00 18.17 ? 97  LYS A CA  1 
ATOM   251 C C   . LYS A 1 32  ? 5.170   1.959   -10.272 1.00 16.35 ? 97  LYS A C   1 
ATOM   252 O O   . LYS A 1 32  ? 6.276   1.554   -9.931  1.00 17.14 ? 97  LYS A O   1 
ATOM   253 C CB  . LYS A 1 32  ? 4.394   4.266   -9.766  1.00 19.27 ? 97  LYS A CB  1 
ATOM   254 C CG  . LYS A 1 32  ? 4.473   5.751   -10.179 1.00 20.96 ? 97  LYS A CG  1 
ATOM   255 C CD  . LYS A 1 32  ? 3.771   6.651   -9.172  1.00 22.02 ? 97  LYS A CD  1 
ATOM   256 C CE  . LYS A 1 32  ? 4.230   8.102   -9.428  1.00 24.81 ? 97  LYS A CE  1 
ATOM   257 N NZ  . LYS A 1 32  ? 3.340   9.033   -8.698  1.00 27.41 ? 97  LYS A NZ  1 
ATOM   258 N N   . ARG A 1 33  ? 4.058   1.225   -10.282 1.00 16.64 ? 98  ARG A N   1 
ATOM   259 C CA  . ARG A 1 33  ? 4.161   -0.129  -9.721  1.00 16.77 ? 98  ARG A CA  1 
ATOM   260 C C   . ARG A 1 33  ? 5.101   -1.016  -10.518 1.00 16.63 ? 98  ARG A C   1 
ATOM   261 O O   . ARG A 1 33  ? 5.811   -1.888  -9.985  1.00 14.91 ? 98  ARG A O   1 
ATOM   262 C CB  . ARG A 1 33  ? 2.817   -0.768  -9.537  1.00 20.44 ? 98  ARG A CB  1 
ATOM   263 C CG  . ARG A 1 33  ? 2.076   -1.177  -10.792 1.00 23.70 ? 98  ARG A CG  1 
ATOM   264 C CD  . ARG A 1 33  ? 0.877   -2.049  -10.340 1.00 25.68 ? 98  ARG A CD  1 
ATOM   265 N NE  . ARG A 1 33  ? 0.100   -2.420  -11.534 1.00 27.34 ? 98  ARG A NE  1 
ATOM   266 C CZ  . ARG A 1 33  ? -1.020  -1.822  -11.888 1.00 25.80 ? 98  ARG A CZ  1 
ATOM   267 N NH1 . ARG A 1 33  ? -1.572  -0.842  -11.176 1.00 23.91 ? 98  ARG A NH1 1 
ATOM   268 N NH2 . ARG A 1 33  ? -1.665  -2.201  -12.982 1.00 28.35 ? 98  ARG A NH2 1 
ATOM   269 N N   . ASN A 1 34  ? 5.173   -0.815  -11.839 1.00 15.99 ? 99  ASN A N   1 
ATOM   270 C CA  . ASN A 1 34  ? 6.015   -1.670  -12.660 1.00 15.39 ? 99  ASN A CA  1 
ATOM   271 C C   . ASN A 1 34  ? 7.498   -1.512  -12.430 1.00 14.82 ? 99  ASN A C   1 
ATOM   272 O O   . ASN A 1 34  ? 8.255   -2.436  -12.741 1.00 15.51 ? 99  ASN A O   1 
ATOM   273 C CB  . ASN A 1 34  ? 5.660   -1.487  -14.132 1.00 17.22 ? 99  ASN A CB  1 
ATOM   274 C CG  . ASN A 1 34  ? 4.332   -2.078  -14.505 1.00 18.69 ? 99  ASN A CG  1 
ATOM   275 O OD1 . ASN A 1 34  ? 3.755   -2.870  -13.729 1.00 21.43 ? 99  ASN A OD1 1 
ATOM   276 N ND2 . ASN A 1 34  ? 3.790   -1.685  -15.651 1.00 20.55 ? 99  ASN A ND2 1 
ATOM   277 N N   . ARG A 1 35  ? 7.934   -0.455  -11.749 1.00 14.95 ? 100 ARG A N   1 
ATOM   278 C CA  . ARG A 1 35  ? 9.331   -0.335  -11.371 1.00 16.03 ? 100 ARG A CA  1 
ATOM   279 C C   . ARG A 1 35  ? 9.721   -1.415  -10.368 1.00 14.50 ? 100 ARG A C   1 
ATOM   280 O O   . ARG A 1 35  ? 10.889  -1.743  -10.144 1.00 15.12 ? 100 ARG A O   1 
ATOM   281 C CB  . ARG A 1 35  ? 9.569   1.053   -10.758 1.00 18.42 ? 100 ARG A CB  1 
ATOM   282 C CG  . ARG A 1 35  ? 9.323   2.218   -11.723 1.00 21.97 ? 100 ARG A CG  1 
ATOM   283 C CD  . ARG A 1 35  ? 10.299  2.140   -12.903 1.00 26.75 ? 100 ARG A CD  1 
ATOM   284 N NE  . ARG A 1 35  ? 11.631  1.831   -12.379 1.00 30.00 ? 100 ARG A NE  1 
ATOM   285 C CZ  . ARG A 1 35  ? 12.396  2.695   -11.714 1.00 30.00 ? 100 ARG A CZ  1 
ATOM   286 N NH1 . ARG A 1 35  ? 11.953  3.944   -11.553 1.00 32.76 ? 100 ARG A NH1 1 
ATOM   287 N NH2 . ARG A 1 35  ? 13.571  2.350   -11.221 1.00 29.52 ? 100 ARG A NH2 1 
ATOM   288 N N   . TYR A 1 36  ? 8.690   -1.967  -9.689  1.00 13.83 ? 101 TYR A N   1 
ATOM   289 C CA  . TYR A 1 36  ? 8.869   -2.963  -8.654  1.00 14.11 ? 101 TYR A CA  1 
ATOM   290 C C   . TYR A 1 36  ? 8.537   -4.357  -9.121  1.00 14.08 ? 101 TYR A C   1 
ATOM   291 O O   . TYR A 1 36  ? 8.616   -5.330  -8.325  1.00 13.58 ? 101 TYR A O   1 
ATOM   292 C CB  . TYR A 1 36  ? 8.009   -2.596  -7.415  1.00 13.62 ? 101 TYR A CB  1 
ATOM   293 C CG  . TYR A 1 36  ? 8.513   -1.296  -6.803  1.00 14.13 ? 101 TYR A CG  1 
ATOM   294 C CD1 . TYR A 1 36  ? 8.007   -0.087  -7.270  1.00 16.09 ? 101 TYR A CD1 1 
ATOM   295 C CD2 . TYR A 1 36  ? 9.494   -1.268  -5.825  1.00 14.28 ? 101 TYR A CD2 1 
ATOM   296 C CE1 . TYR A 1 36  ? 8.460   1.115   -6.760  1.00 16.07 ? 101 TYR A CE1 1 
ATOM   297 C CE2 . TYR A 1 36  ? 9.963   -0.068  -5.298  1.00 16.99 ? 101 TYR A CE2 1 
ATOM   298 C CZ  . TYR A 1 36  ? 9.436   1.116   -5.801  1.00 17.17 ? 101 TYR A CZ  1 
ATOM   299 O OH  . TYR A 1 36  ? 9.901   2.308   -5.278  1.00 19.27 ? 101 TYR A OH  1 
ATOM   300 N N   . TYR A 1 37  ? 8.272   -4.575  -10.410 1.00 12.29 ? 102 TYR A N   1 
ATOM   301 C CA  . TYR A 1 37  ? 8.018   -5.911  -10.916 1.00 14.25 ? 102 TYR A CA  1 
ATOM   302 C C   . TYR A 1 37  ? 9.271   -6.761  -10.913 1.00 14.00 ? 102 TYR A C   1 
ATOM   303 O O   . TYR A 1 37  ? 10.383  -6.322  -11.225 1.00 16.01 ? 102 TYR A O   1 
ATOM   304 C CB  . TYR A 1 37  ? 7.469   -5.803  -12.335 1.00 13.73 ? 102 TYR A CB  1 
ATOM   305 C CG  . TYR A 1 37  ? 7.042   -7.124  -12.923 1.00 14.47 ? 102 TYR A CG  1 
ATOM   306 C CD1 . TYR A 1 37  ? 5.866   -7.751  -12.481 1.00 13.91 ? 102 TYR A CD1 1 
ATOM   307 C CD2 . TYR A 1 37  ? 7.778   -7.736  -13.926 1.00 13.99 ? 102 TYR A CD2 1 
ATOM   308 C CE1 . TYR A 1 37  ? 5.457   -8.946  -13.022 1.00 14.90 ? 102 TYR A CE1 1 
ATOM   309 C CE2 . TYR A 1 37  ? 7.381   -8.936  -14.464 1.00 14.65 ? 102 TYR A CE2 1 
ATOM   310 C CZ  . TYR A 1 37  ? 6.225   -9.539  -14.008 1.00 15.53 ? 102 TYR A CZ  1 
ATOM   311 O OH  . TYR A 1 37  ? 5.850   -10.729 -14.594 1.00 15.74 ? 102 TYR A OH  1 
ATOM   312 N N   . ASP A 1 38  ? 9.118   -8.016  -10.482 1.00 12.75 ? 103 ASP A N   1 
ATOM   313 C CA  . ASP A 1 38  ? 10.178  -9.017  -10.412 1.00 13.45 ? 103 ASP A CA  1 
ATOM   314 C C   . ASP A 1 38  ? 9.881   -10.003 -11.517 1.00 14.34 ? 103 ASP A C   1 
ATOM   315 O O   . ASP A 1 38  ? 8.974   -10.835 -11.422 1.00 13.75 ? 103 ASP A O   1 
ATOM   316 C CB  . ASP A 1 38  ? 10.094  -9.715  -9.040  1.00 14.40 ? 103 ASP A CB  1 
ATOM   317 C CG  . ASP A 1 38  ? 11.079  -10.864 -8.925  1.00 17.30 ? 103 ASP A CG  1 
ATOM   318 O OD1 . ASP A 1 38  ? 11.748  -11.248 -9.904  1.00 18.02 ? 103 ASP A OD1 1 
ATOM   319 O OD2 . ASP A 1 38  ? 11.241  -11.338 -7.763  1.00 16.57 ? 103 ASP A OD2 1 
ATOM   320 N N   . PRO A 1 39  ? 10.585  -9.913  -12.646 1.00 13.83 ? 104 PRO A N   1 
ATOM   321 C CA  . PRO A 1 39  ? 10.335  -10.788 -13.771 1.00 14.92 ? 104 PRO A CA  1 
ATOM   322 C C   . PRO A 1 39  ? 10.618  -12.245 -13.508 1.00 15.64 ? 104 PRO A C   1 
ATOM   323 O O   . PRO A 1 39  ? 10.006  -13.091 -14.203 1.00 16.82 ? 104 PRO A O   1 
ATOM   324 C CB  . PRO A 1 39  ? 11.225  -10.206 -14.887 1.00 15.61 ? 104 PRO A CB  1 
ATOM   325 C CG  . PRO A 1 39  ? 12.341  -9.588  -14.137 1.00 16.40 ? 104 PRO A CG  1 
ATOM   326 C CD  . PRO A 1 39  ? 11.728  -8.986  -12.877 1.00 14.67 ? 104 PRO A CD  1 
ATOM   327 N N   . LEU A 1 40  ? 11.481  -12.557 -12.542 1.00 16.08 ? 105 LEU A N   1 
ATOM   328 C CA  . LEU A 1 40  ? 11.758  -13.971 -12.281 1.00 17.07 ? 105 LEU A CA  1 
ATOM   329 C C   . LEU A 1 40  ? 10.578  -14.634 -11.572 1.00 17.91 ? 105 LEU A C   1 
ATOM   330 O O   . LEU A 1 40  ? 10.321  -15.812 -11.786 1.00 19.97 ? 105 LEU A O   1 
ATOM   331 C CB  . LEU A 1 40  ? 12.941  -14.072 -11.334 1.00 20.67 ? 105 LEU A CB  1 
ATOM   332 C CG  . LEU A 1 40  ? 13.951  -15.207 -11.366 1.00 24.87 ? 105 LEU A CG  1 
ATOM   333 C CD1 . LEU A 1 40  ? 14.430  -15.551 -9.966  1.00 26.12 ? 105 LEU A CD1 1 
ATOM   334 C CD2 . LEU A 1 40  ? 13.540  -16.435 -12.159 1.00 25.23 ? 105 LEU A CD2 1 
ATOM   335 N N   . ARG A 1 41  ? 9.893   -13.847 -10.723 1.00 15.46 ? 106 ARG A N   1 
ATOM   336 C CA  . ARG A 1 41  ? 8.800   -14.461 -9.941  1.00 15.81 ? 106 ARG A CA  1 
ATOM   337 C C   . ARG A 1 41  ? 7.428   -14.002 -10.325 1.00 16.52 ? 106 ARG A C   1 
ATOM   338 O O   . ARG A 1 41  ? 6.431   -14.465 -9.721  1.00 17.52 ? 106 ARG A O   1 
ATOM   339 C CB  . ARG A 1 41  ? 9.061   -14.162 -8.438  1.00 15.14 ? 106 ARG A CB  1 
ATOM   340 C CG  . ARG A 1 41  ? 10.362  -14.738 -7.917  1.00 16.62 ? 106 ARG A CG  1 
ATOM   341 C CD  . ARG A 1 41  ? 10.620  -14.365 -6.458  1.00 18.76 ? 106 ARG A CD  1 
ATOM   342 N NE  . ARG A 1 41  ? 11.936  -14.838 -6.045  1.00 18.34 ? 106 ARG A NE  1 
ATOM   343 C CZ  . ARG A 1 41  ? 13.107  -14.349 -6.371  1.00 18.65 ? 106 ARG A CZ  1 
ATOM   344 N NH1 . ARG A 1 41  ? 13.296  -13.263 -7.134  1.00 17.55 ? 106 ARG A NH1 1 
ATOM   345 N NH2 . ARG A 1 41  ? 14.206  -14.972 -5.903  1.00 21.43 ? 106 ARG A NH2 1 
ATOM   346 N N   . ASN A 1 42  ? 7.262   -13.091 -11.276 1.00 14.77 ? 107 ASN A N   1 
ATOM   347 C CA  . ASN A 1 42  ? 5.967   -12.593 -11.689 1.00 15.13 ? 107 ASN A CA  1 
ATOM   348 C C   . ASN A 1 42  ? 5.193   -12.064 -10.475 1.00 17.35 ? 107 ASN A C   1 
ATOM   349 O O   . ASN A 1 42  ? 4.055   -12.399 -10.208 1.00 17.28 ? 107 ASN A O   1 
ATOM   350 C CB  . ASN A 1 42  ? 5.098   -13.651 -12.396 1.00 16.96 ? 107 ASN A CB  1 
ATOM   351 C CG  . ASN A 1 42  ? 3.865   -13.084 -13.016 1.00 18.88 ? 107 ASN A CG  1 
ATOM   352 O OD1 . ASN A 1 42  ? 3.828   -11.933 -13.478 1.00 18.45 ? 107 ASN A OD1 1 
ATOM   353 N ND2 . ASN A 1 42  ? 2.748   -13.832 -13.072 1.00 20.69 ? 107 ASN A ND2 1 
ATOM   354 N N   . GLU A 1 43  ? 5.848   -11.172 -9.754  1.00 14.38 ? 108 GLU A N   1 
ATOM   355 C CA  . GLU A 1 43  ? 5.328   -10.524 -8.559  1.00 16.54 ? 108 GLU A CA  1 
ATOM   356 C C   . GLU A 1 43  ? 5.840   -9.098  -8.493  1.00 15.30 ? 108 GLU A C   1 
ATOM   357 O O   . GLU A 1 43  ? 6.872   -8.802  -9.094  1.00 15.12 ? 108 GLU A O   1 
ATOM   358 C CB  . GLU A 1 43  ? 5.906   -11.207 -7.285  1.00 17.54 ? 108 GLU A CB  1 
ATOM   359 C CG  . GLU A 1 43  ? 5.562   -12.655 -7.078  1.00 20.41 ? 108 GLU A CG  1 
ATOM   360 C CD  . GLU A 1 43  ? 6.320   -13.277 -5.925  1.00 16.52 ? 108 GLU A CD  1 
ATOM   361 O OE1 . GLU A 1 43  ? 7.417   -12.870 -5.471  1.00 15.17 ? 108 GLU A OE1 1 
ATOM   362 O OE2 . GLU A 1 43  ? 5.824   -14.350 -5.511  1.00 23.40 ? 108 GLU A OE2 1 
ATOM   363 N N   . TYR A 1 44  ? 5.246   -8.295  -7.616  1.00 14.08 ? 109 TYR A N   1 
ATOM   364 C CA  . TYR A 1 44  ? 5.799   -6.947  -7.341  1.00 13.86 ? 109 TYR A CA  1 
ATOM   365 C C   . TYR A 1 44  ? 6.519   -7.049  -6.022  1.00 14.47 ? 109 TYR A C   1 
ATOM   366 O O   . TYR A 1 44  ? 5.855   -7.360  -5.009  1.00 17.85 ? 109 TYR A O   1 
ATOM   367 C CB  . TYR A 1 44  ? 4.722   -5.851  -7.317  1.00 15.72 ? 109 TYR A CB  1 
ATOM   368 C CG  . TYR A 1 44  ? 3.994   -5.827  -8.644  1.00 17.21 ? 109 TYR A CG  1 
ATOM   369 C CD1 . TYR A 1 44  ? 3.009   -6.752  -8.912  1.00 21.21 ? 109 TYR A CD1 1 
ATOM   370 C CD2 . TYR A 1 44  ? 4.391   -4.932  -9.647  1.00 17.54 ? 109 TYR A CD2 1 
ATOM   371 C CE1 . TYR A 1 44  ? 2.356   -6.795  -10.133 1.00 22.95 ? 109 TYR A CE1 1 
ATOM   372 C CE2 . TYR A 1 44  ? 3.698   -4.952  -10.852 1.00 20.41 ? 109 TYR A CE2 1 
ATOM   373 C CZ  . TYR A 1 44  ? 2.729   -5.888  -11.094 1.00 23.93 ? 109 TYR A CZ  1 
ATOM   374 O OH  . TYR A 1 44  ? 2.054   -5.934  -12.312 1.00 28.50 ? 109 TYR A OH  1 
ATOM   375 N N   . PHE A 1 45  ? 7.795   -6.766  -5.894  1.00 12.31 ? 110 PHE A N   1 
ATOM   376 C CA  . PHE A 1 45  ? 8.558   -6.922  -4.690  1.00 12.04 ? 110 PHE A CA  1 
ATOM   377 C C   . PHE A 1 45  ? 8.909   -5.613  -4.019  1.00 12.11 ? 110 PHE A C   1 
ATOM   378 O O   . PHE A 1 45  ? 9.436   -4.641  -4.607  1.00 13.74 ? 110 PHE A O   1 
ATOM   379 C CB  . PHE A 1 45  ? 9.908   -7.618  -5.010  1.00 13.67 ? 110 PHE A CB  1 
ATOM   380 C CG  . PHE A 1 45  ? 10.778  -7.795  -3.812  1.00 13.39 ? 110 PHE A CG  1 
ATOM   381 C CD1 . PHE A 1 45  ? 10.383  -8.651  -2.763  1.00 14.60 ? 110 PHE A CD1 1 
ATOM   382 C CD2 . PHE A 1 45  ? 11.978  -7.122  -3.688  1.00 14.55 ? 110 PHE A CD2 1 
ATOM   383 C CE1 . PHE A 1 45  ? 11.241  -8.777  -1.673  1.00 15.79 ? 110 PHE A CE1 1 
ATOM   384 C CE2 . PHE A 1 45  ? 12.814  -7.250  -2.593  1.00 17.26 ? 110 PHE A CE2 1 
ATOM   385 C CZ  . PHE A 1 45  ? 12.412  -8.102  -1.577  1.00 17.01 ? 110 PHE A CZ  1 
ATOM   386 N N   . PHE A 1 46  ? 8.617   -5.552  -2.714  1.00 11.84 ? 111 PHE A N   1 
ATOM   387 C CA  . PHE A 1 46  ? 8.944   -4.405  -1.879  1.00 12.68 ? 111 PHE A CA  1 
ATOM   388 C C   . PHE A 1 46  ? 9.782   -4.886  -0.701  1.00 13.08 ? 111 PHE A C   1 
ATOM   389 O O   . PHE A 1 46  ? 9.256   -5.718  0.077   1.00 13.27 ? 111 PHE A O   1 
ATOM   390 C CB  . PHE A 1 46  ? 7.684   -3.694  -1.370  1.00 12.90 ? 111 PHE A CB  1 
ATOM   391 C CG  . PHE A 1 46  ? 6.884   -3.074  -2.501  1.00 12.03 ? 111 PHE A CG  1 
ATOM   392 C CD1 . PHE A 1 46  ? 7.236   -1.814  -2.986  1.00 12.91 ? 111 PHE A CD1 1 
ATOM   393 C CD2 . PHE A 1 46  ? 5.876   -3.758  -3.150  1.00 12.21 ? 111 PHE A CD2 1 
ATOM   394 C CE1 . PHE A 1 46  ? 6.529   -1.264  -4.025  1.00 12.90 ? 111 PHE A CE1 1 
ATOM   395 C CE2 . PHE A 1 46  ? 5.160   -3.206  -4.198  1.00 13.86 ? 111 PHE A CE2 1 
ATOM   396 C CZ  . PHE A 1 46  ? 5.509   -1.925  -4.667  1.00 12.00 ? 111 PHE A CZ  1 
ATOM   397 N N   . ASP A 1 47  ? 10.985  -4.370  -0.516  1.00 13.23 ? 112 ASP A N   1 
ATOM   398 C CA  . ASP A 1 47  ? 11.846  -4.822  0.588   1.00 12.32 ? 112 ASP A CA  1 
ATOM   399 C C   . ASP A 1 47  ? 11.598  -3.862  1.751   1.00 13.09 ? 112 ASP A C   1 
ATOM   400 O O   . ASP A 1 47  ? 12.392  -3.011  2.107   1.00 14.43 ? 112 ASP A O   1 
ATOM   401 C CB  . ASP A 1 47  ? 13.288  -4.650  0.085   1.00 13.98 ? 112 ASP A CB  1 
ATOM   402 C CG  . ASP A 1 47  ? 14.334  -5.246  0.974   1.00 17.01 ? 112 ASP A CG  1 
ATOM   403 O OD1 . ASP A 1 47  ? 14.120  -5.975  1.949   1.00 15.06 ? 112 ASP A OD1 1 
ATOM   404 O OD2 . ASP A 1 47  ? 15.535  -4.953  0.693   1.00 18.74 ? 112 ASP A OD2 1 
ATOM   405 N N   . ARG A 1 48  ? 10.368  -3.986  2.275   1.00 14.25 ? 113 ARG A N   1 
ATOM   406 C CA  . ARG A 1 48  ? 9.819   -3.039  3.224   1.00 12.46 ? 113 ARG A CA  1 
ATOM   407 C C   . ARG A 1 48  ? 9.092   -3.694  4.403   1.00 13.36 ? 113 ARG A C   1 
ATOM   408 O O   . ARG A 1 48  ? 8.846   -4.891  4.456   1.00 13.87 ? 113 ARG A O   1 
ATOM   409 C CB  . ARG A 1 48  ? 8.824   -2.151  2.458   1.00 12.74 ? 113 ARG A CB  1 
ATOM   410 C CG  . ARG A 1 48  ? 9.442   -1.308  1.339   1.00 13.14 ? 113 ARG A CG  1 
ATOM   411 C CD  . ARG A 1 48  ? 8.481   -0.221  0.851   1.00 14.62 ? 113 ARG A CD  1 
ATOM   412 N NE  . ARG A 1 48  ? 8.439   0.831   1.859   1.00 16.78 ? 113 ARG A NE  1 
ATOM   413 C CZ  . ARG A 1 48  ? 9.275   1.854   1.963   1.00 17.65 ? 113 ARG A CZ  1 
ATOM   414 N NH1 . ARG A 1 48  ? 10.254  2.080   1.083   1.00 18.55 ? 113 ARG A NH1 1 
ATOM   415 N NH2 . ARG A 1 48  ? 9.172   2.713   2.970   1.00 18.85 ? 113 ARG A NH2 1 
ATOM   416 N N   . ASN A 1 49  ? 8.755   -2.817  5.344   1.00 14.10 ? 114 ASN A N   1 
ATOM   417 C CA  . ASN A 1 49  ? 8.011   -3.207  6.546   1.00 15.97 ? 114 ASN A CA  1 
ATOM   418 C C   . ASN A 1 49  ? 6.803   -4.049  6.187   1.00 14.05 ? 114 ASN A C   1 
ATOM   419 O O   . ASN A 1 49  ? 5.932   -3.712  5.415   1.00 14.96 ? 114 ASN A O   1 
ATOM   420 C CB  . ASN A 1 49  ? 7.539   -1.940  7.240   1.00 16.11 ? 114 ASN A CB  1 
ATOM   421 C CG  . ASN A 1 49  ? 6.858   -2.161  8.575   1.00 18.77 ? 114 ASN A CG  1 
ATOM   422 O OD1 . ASN A 1 49  ? 5.628   -2.272  8.678   1.00 19.83 ? 114 ASN A OD1 1 
ATOM   423 N ND2 . ASN A 1 49  ? 7.610   -2.167  9.659   1.00 19.99 ? 114 ASN A ND2 1 
ATOM   424 N N   . ARG A 1 50  ? 6.658   -5.203  6.852   1.00 15.35 ? 115 ARG A N   1 
ATOM   425 C CA  . ARG A 1 50  ? 5.578   -6.129  6.611   1.00 14.80 ? 115 ARG A CA  1 
ATOM   426 C C   . ARG A 1 50  ? 4.280   -5.825  7.330   1.00 15.05 ? 115 ARG A C   1 
ATOM   427 O O   . ARG A 1 50  ? 3.225   -5.818  6.691   1.00 15.02 ? 115 ARG A O   1 
ATOM   428 C CB  . ARG A 1 50  ? 6.027   -7.563  6.959   1.00 15.58 ? 115 ARG A CB  1 
ATOM   429 C CG  . ARG A 1 50  ? 7.117   -8.097  6.067   1.00 15.76 ? 115 ARG A CG  1 
ATOM   430 C CD  . ARG A 1 50  ? 7.920   -9.215  6.721   1.00 17.20 ? 115 ARG A CD  1 
ATOM   431 N NE  . ARG A 1 50  ? 7.086   -10.349 7.169   1.00 16.39 ? 115 ARG A NE  1 
ATOM   432 C CZ  . ARG A 1 50  ? 7.014   -11.526 6.663   1.00 14.44 ? 115 ARG A CZ  1 
ATOM   433 N NH1 . ARG A 1 50  ? 7.747   -11.929 5.594   1.00 14.69 ? 115 ARG A NH1 1 
ATOM   434 N NH2 . ARG A 1 50  ? 6.242   -12.523 7.178   1.00 16.87 ? 115 ARG A NH2 1 
ATOM   435 N N   . PRO A 1 51  ? 4.263   -5.538  8.626   1.00 16.12 ? 116 PRO A N   1 
ATOM   436 C CA  . PRO A 1 51  ? 3.001   -5.342  9.328   1.00 16.80 ? 116 PRO A CA  1 
ATOM   437 C C   . PRO A 1 51  ? 2.204   -4.162  8.860   1.00 16.03 ? 116 PRO A C   1 
ATOM   438 O O   . PRO A 1 51  ? 0.949   -4.143  8.982   1.00 17.97 ? 116 PRO A O   1 
ATOM   439 C CB  . PRO A 1 51  ? 3.364   -5.286  10.803  1.00 17.86 ? 116 PRO A CB  1 
ATOM   440 C CG  . PRO A 1 51  ? 4.841   -5.170  10.881  1.00 18.61 ? 116 PRO A CG  1 
ATOM   441 C CD  . PRO A 1 51  ? 5.425   -5.491  9.535   1.00 18.44 ? 116 PRO A CD  1 
ATOM   442 N N   . SER A 1 52  ? 2.774   -3.139  8.230   1.00 14.76 ? 117 SER A N   1 
ATOM   443 C CA  . SER A 1 52  ? 1.998   -2.044  7.721   1.00 14.80 ? 117 SER A CA  1 
ATOM   444 C C   . SER A 1 52  ? 1.172   -2.422  6.488   1.00 14.44 ? 117 SER A C   1 
ATOM   445 O O   . SER A 1 52  ? 0.144   -1.822  6.209   1.00 14.31 ? 117 SER A O   1 
ATOM   446 C CB  . SER A 1 52  ? 2.896   -0.894  7.200   1.00 16.20 ? 117 SER A CB  1 
ATOM   447 O OG  . SER A 1 52  ? 3.639   -0.314  8.284   1.00 17.72 ? 117 SER A OG  1 
ATOM   448 N N   . PHE A 1 53  ? 1.609   -3.434  5.727   1.00 13.58 ? 118 PHE A N   1 
ATOM   449 C CA  . PHE A 1 53  ? 0.985   -3.681  4.429   1.00 12.91 ? 118 PHE A CA  1 
ATOM   450 C C   . PHE A 1 53  ? -0.442  -4.142  4.508   1.00 13.67 ? 118 PHE A C   1 
ATOM   451 O O   . PHE A 1 53  ? -1.247  -3.866  3.596   1.00 13.83 ? 118 PHE A O   1 
ATOM   452 C CB  . PHE A 1 53  ? 1.904   -4.519  3.509   1.00 13.39 ? 118 PHE A CB  1 
ATOM   453 C CG  . PHE A 1 53  ? 1.500   -4.318  2.056   1.00 13.27 ? 118 PHE A CG  1 
ATOM   454 C CD1 . PHE A 1 53  ? 1.963   -3.214  1.345   1.00 13.77 ? 118 PHE A CD1 1 
ATOM   455 C CD2 . PHE A 1 53  ? 0.650   -5.219  1.426   1.00 13.27 ? 118 PHE A CD2 1 
ATOM   456 C CE1 . PHE A 1 53  ? 1.594   -3.039  0.030   1.00 14.93 ? 118 PHE A CE1 1 
ATOM   457 C CE2 . PHE A 1 53  ? 0.270   -5.032  0.120   1.00 13.26 ? 118 PHE A CE2 1 
ATOM   458 C CZ  . PHE A 1 53  ? 0.732   -3.926  -0.595  1.00 13.26 ? 118 PHE A CZ  1 
ATOM   459 N N   . ASP A 1 54  ? -0.862  -4.850  5.574   1.00 13.35 ? 119 ASP A N   1 
ATOM   460 C CA  . ASP A 1 54  ? -2.285  -5.239  5.669   1.00 15.17 ? 119 ASP A CA  1 
ATOM   461 C C   . ASP A 1 54  ? -3.200  -4.041  5.367   1.00 14.61 ? 119 ASP A C   1 
ATOM   462 O O   . ASP A 1 54  ? -4.153  -4.110  4.636   1.00 14.97 ? 119 ASP A O   1 
ATOM   463 C CB  . ASP A 1 54  ? -2.615  -5.703  7.106   1.00 20.21 ? 119 ASP A CB  1 
ATOM   464 C CG  . ASP A 1 54  ? -2.562  -7.181  7.320   1.00 23.19 ? 119 ASP A CG  1 
ATOM   465 O OD1 . ASP A 1 54  ? -2.514  -7.941  6.302   1.00 24.52 ? 119 ASP A OD1 1 
ATOM   466 O OD2 . ASP A 1 54  ? -2.575  -7.610  8.484   1.00 23.97 ? 119 ASP A OD2 1 
ATOM   467 N N   . ALA A 1 55  ? -2.821  -2.933  6.024   1.00 14.08 ? 120 ALA A N   1 
ATOM   468 C CA  . ALA A 1 55  ? -3.536  -1.694  6.006   1.00 15.38 ? 120 ALA A CA  1 
ATOM   469 C C   . ALA A 1 55  ? -3.409  -0.927  4.693   1.00 14.42 ? 120 ALA A C   1 
ATOM   470 O O   . ALA A 1 55  ? -4.374  -0.278  4.267   1.00 17.47 ? 120 ALA A O   1 
ATOM   471 C CB  . ALA A 1 55  ? -3.030  -0.794  7.121   1.00 16.30 ? 120 ALA A CB  1 
ATOM   472 N N   . ILE A 1 56  ? -2.262  -1.074  4.032   1.00 14.33 ? 121 ILE A N   1 
ATOM   473 C CA  . ILE A 1 56  ? -2.129  -0.452  2.716   1.00 13.87 ? 121 ILE A CA  1 
ATOM   474 C C   . ILE A 1 56  ? -3.025  -1.155  1.723   1.00 14.72 ? 121 ILE A C   1 
ATOM   475 O O   . ILE A 1 56  ? -3.803  -0.532  0.967   1.00 15.41 ? 121 ILE A O   1 
ATOM   476 C CB  . ILE A 1 56  ? -0.654  -0.533  2.234   1.00 13.26 ? 121 ILE A CB  1 
ATOM   477 C CG1 . ILE A 1 56  ? 0.296   0.133   3.200   1.00 15.34 ? 121 ILE A CG1 1 
ATOM   478 C CG2 . ILE A 1 56  ? -0.550  0.023   0.815   1.00 13.43 ? 121 ILE A CG2 1 
ATOM   479 C CD1 . ILE A 1 56  ? 0.134   1.635   3.385   1.00 15.37 ? 121 ILE A CD1 1 
ATOM   480 N N   . LEU A 1 57  ? -3.084  -2.509  1.728   1.00 14.38 ? 122 LEU A N   1 
ATOM   481 C CA  . LEU A 1 57  ? -3.977  -3.186  0.793   1.00 13.77 ? 122 LEU A CA  1 
ATOM   482 C C   . LEU A 1 57  ? -5.424  -2.932  1.159   1.00 15.31 ? 122 LEU A C   1 
ATOM   483 O O   . LEU A 1 57  ? -6.256  -2.719  0.269   1.00 15.12 ? 122 LEU A O   1 
ATOM   484 C CB  . LEU A 1 57  ? -3.636  -4.686  0.773   1.00 14.48 ? 122 LEU A CB  1 
ATOM   485 C CG  . LEU A 1 57  ? -4.526  -5.521  -0.177  1.00 15.09 ? 122 LEU A CG  1 
ATOM   486 C CD1 . LEU A 1 57  ? -4.407  -5.019  -1.605  1.00 17.00 ? 122 LEU A CD1 1 
ATOM   487 C CD2 . LEU A 1 57  ? -4.101  -6.983  -0.107  1.00 16.52 ? 122 LEU A CD2 1 
ATOM   488 N N   . TYR A 1 58  ? -5.753  -2.953  2.445   1.00 15.38 ? 123 TYR A N   1 
ATOM   489 C CA  . TYR A 1 58  ? -7.154  -2.728  2.847   1.00 15.43 ? 123 TYR A CA  1 
ATOM   490 C C   . TYR A 1 58  ? -7.596  -1.322  2.459   1.00 17.24 ? 123 TYR A C   1 
ATOM   491 O O   . TYR A 1 58  ? -8.802  -1.164  2.210   1.00 19.35 ? 123 TYR A O   1 
ATOM   492 C CB  . TYR A 1 58  ? -7.314  -2.965  4.344   1.00 17.21 ? 123 TYR A CB  1 
ATOM   493 C CG  . TYR A 1 58  ? -8.759  -2.864  4.819   1.00 17.26 ? 123 TYR A CG  1 
ATOM   494 C CD1 . TYR A 1 58  ? -9.706  -3.824  4.526   1.00 17.53 ? 123 TYR A CD1 1 
ATOM   495 C CD2 . TYR A 1 58  ? -9.111  -1.766  5.592   1.00 19.25 ? 123 TYR A CD2 1 
ATOM   496 C CE1 . TYR A 1 58  ? -11.008 -3.682  4.995   1.00 16.02 ? 123 TYR A CE1 1 
ATOM   497 C CE2 . TYR A 1 58  ? -10.406 -1.626  6.086   1.00 19.21 ? 123 TYR A CE2 1 
ATOM   498 C CZ  . TYR A 1 58  ? -11.332 -2.599  5.764   1.00 18.12 ? 123 TYR A CZ  1 
ATOM   499 O OH  . TYR A 1 58  ? -12.609 -2.439  6.255   1.00 19.04 ? 123 TYR A OH  1 
ATOM   500 N N   . PHE A 1 59  ? -6.715  -0.336  2.399   1.00 16.05 ? 124 PHE A N   1 
ATOM   501 C CA  . PHE A 1 59  ? -7.106  0.999   1.909   1.00 17.79 ? 124 PHE A CA  1 
ATOM   502 C C   . PHE A 1 59  ? -7.782  0.877   0.551   1.00 19.43 ? 124 PHE A C   1 
ATOM   503 O O   . PHE A 1 59  ? -8.830  1.496   0.303   1.00 21.28 ? 124 PHE A O   1 
ATOM   504 C CB  . PHE A 1 59  ? -5.863  1.886   1.831   1.00 18.55 ? 124 PHE A CB  1 
ATOM   505 C CG  . PHE A 1 59  ? -6.062  3.217   1.155   1.00 21.20 ? 124 PHE A CG  1 
ATOM   506 C CD1 . PHE A 1 59  ? -6.576  4.267   1.901   1.00 22.16 ? 124 PHE A CD1 1 
ATOM   507 C CD2 . PHE A 1 59  ? -5.742  3.422   -0.172  1.00 22.20 ? 124 PHE A CD2 1 
ATOM   508 C CE1 . PHE A 1 59  ? -6.764  5.513   1.320   1.00 22.22 ? 124 PHE A CE1 1 
ATOM   509 C CE2 . PHE A 1 59  ? -5.947  4.663   -0.768  1.00 22.66 ? 124 PHE A CE2 1 
ATOM   510 C CZ  . PHE A 1 59  ? -6.454  5.702   -0.011  1.00 23.07 ? 124 PHE A CZ  1 
ATOM   511 N N   . TYR A 1 60  ? -7.287  0.065   -0.372  1.00 17.79 ? 125 TYR A N   1 
ATOM   512 C CA  . TYR A 1 60  ? -7.873  -0.173  -1.678  1.00 17.42 ? 125 TYR A CA  1 
ATOM   513 C C   . TYR A 1 60  ? -9.134  -1.016  -1.635  1.00 19.85 ? 125 TYR A C   1 
ATOM   514 O O   . TYR A 1 60  ? -10.154 -0.734  -2.284  1.00 20.43 ? 125 TYR A O   1 
ATOM   515 C CB  . TYR A 1 60  ? -6.884  -0.892  -2.613  1.00 17.00 ? 125 TYR A CB  1 
ATOM   516 C CG  . TYR A 1 60  ? -5.653  -0.061  -2.904  1.00 17.22 ? 125 TYR A CG  1 
ATOM   517 C CD1 . TYR A 1 60  ? -4.557  0.006   -2.061  1.00 15.84 ? 125 TYR A CD1 1 
ATOM   518 C CD2 . TYR A 1 60  ? -5.605  0.656   -4.111  1.00 18.16 ? 125 TYR A CD2 1 
ATOM   519 C CE1 . TYR A 1 60  ? -3.458  0.784   -2.351  1.00 16.43 ? 125 TYR A CE1 1 
ATOM   520 C CE2 . TYR A 1 60  ? -4.497  1.419   -4.426  1.00 17.89 ? 125 TYR A CE2 1 
ATOM   521 C CZ  . TYR A 1 60  ? -3.430  1.461   -3.566  1.00 17.18 ? 125 TYR A CZ  1 
ATOM   522 O OH  . TYR A 1 60  ? -2.342  2.255   -3.849  1.00 16.73 ? 125 TYR A OH  1 
ATOM   523 N N   . GLN A 1 61  ? -9.128  -2.083  -0.837  1.00 18.16 ? 126 GLN A N   1 
ATOM   524 C CA  . GLN A 1 61  ? -10.255 -2.999  -0.758  1.00 18.52 ? 126 GLN A CA  1 
ATOM   525 C C   . GLN A 1 61  ? -11.504 -2.348  -0.187  1.00 20.14 ? 126 GLN A C   1 
ATOM   526 O O   . GLN A 1 61  ? -12.624 -2.646  -0.599  1.00 22.13 ? 126 GLN A O   1 
ATOM   527 C CB  . GLN A 1 61  ? -9.835  -4.236  0.064   1.00 16.36 ? 126 GLN A CB  1 
ATOM   528 C CG  . GLN A 1 61  ? -8.759  -5.053  -0.606  1.00 16.74 ? 126 GLN A CG  1 
ATOM   529 C CD  . GLN A 1 61  ? -8.175  -6.110  0.337   1.00 16.39 ? 126 GLN A CD  1 
ATOM   530 O OE1 . GLN A 1 61  ? -8.043  -5.846  1.511   1.00 17.08 ? 126 GLN A OE1 1 
ATOM   531 N NE2 . GLN A 1 61  ? -7.816  -7.262  -0.204  1.00 15.87 ? 126 GLN A NE2 1 
ATOM   532 N N   . SER A 1 62  ? -11.287 -1.449  0.756   1.00 20.46 ? 127 SER A N   1 
ATOM   533 C CA  . SER A 1 62  ? -12.347 -0.754  1.468   1.00 21.71 ? 127 SER A CA  1 
ATOM   534 C C   . SER A 1 62  ? -12.800 0.517   0.748   1.00 24.71 ? 127 SER A C   1 
ATOM   535 O O   . SER A 1 62  ? -13.620 1.237   1.335   1.00 26.36 ? 127 SER A O   1 
ATOM   536 C CB  . SER A 1 62  ? -11.873 -0.313  2.851   1.00 21.99 ? 127 SER A CB  1 
ATOM   537 O OG  . SER A 1 62  ? -10.809 0.634   2.774   1.00 21.71 ? 127 SER A OG  1 
ATOM   538 N N   . GLY A 1 63  ? -12.171 0.842   -0.364  1.00 26.69 ? 128 GLY A N   1 
ATOM   539 C CA  . GLY A 1 63  ? -12.534 2.062   -1.082  1.00 28.47 ? 128 GLY A CA  1 
ATOM   540 C C   . GLY A 1 63  ? -12.047 3.292   -0.343  1.00 29.12 ? 128 GLY A C   1 
ATOM   541 O O   . GLY A 1 63  ? -12.677 4.347   -0.530  1.00 29.82 ? 128 GLY A O   1 
ATOM   542 N N   . GLY A 1 64  ? -10.941 3.254   0.402   1.00 28.28 ? 129 GLY A N   1 
ATOM   543 C CA  . GLY A 1 64  ? -10.413 4.433   1.050   1.00 28.80 ? 129 GLY A CA  1 
ATOM   544 C C   . GLY A 1 64  ? -10.222 4.491   2.531   1.00 29.35 ? 129 GLY A C   1 
ATOM   545 O O   . GLY A 1 64  ? -9.681  5.464   3.085   1.00 30.55 ? 129 GLY A O   1 
ATOM   546 N N   . ARG A 1 65  ? -10.596 3.451   3.270   1.00 28.75 ? 130 ARG A N   1 
ATOM   547 C CA  . ARG A 1 65  ? -10.414 3.437   4.711   1.00 28.67 ? 130 ARG A CA  1 
ATOM   548 C C   . ARG A 1 65  ? -8.938  3.201   5.016   1.00 29.21 ? 130 ARG A C   1 
ATOM   549 O O   . ARG A 1 65  ? -8.370  2.172   4.658   1.00 28.75 ? 130 ARG A O   1 
ATOM   550 C CB  . ARG A 1 65  ? -11.305 2.401   5.385   1.00 29.65 ? 130 ARG A CB  1 
ATOM   551 C CG  . ARG A 1 65  ? -11.007 2.185   6.857   1.00 31.87 ? 130 ARG A CG  1 
ATOM   552 C CD  . ARG A 1 65  ? -11.975 1.153   7.433   1.00 32.73 ? 130 ARG A CD  1 
ATOM   553 N NE  . ARG A 1 65  ? -13.353 1.619   7.319   1.00 34.50 ? 130 ARG A NE  1 
ATOM   554 C CZ  . ARG A 1 65  ? -14.431 0.848   7.257   1.00 34.32 ? 130 ARG A CZ  1 
ATOM   555 N NH1 . ARG A 1 65  ? -14.310 -0.473  7.282   1.00 33.99 ? 130 ARG A NH1 1 
ATOM   556 N NH2 . ARG A 1 65  ? -15.643 1.391   7.154   1.00 35.17 ? 130 ARG A NH2 1 
ATOM   557 N N   . LEU A 1 66  ? -8.312  4.185   5.627   1.00 27.49 ? 131 LEU A N   1 
ATOM   558 C CA  . LEU A 1 66  ? -6.922  4.140   6.020   1.00 27.48 ? 131 LEU A CA  1 
ATOM   559 C C   . LEU A 1 66  ? -6.820  4.035   7.530   1.00 28.97 ? 131 LEU A C   1 
ATOM   560 O O   . LEU A 1 66  ? -7.346  4.877   8.276   1.00 30.64 ? 131 LEU A O   1 
ATOM   561 C CB  . LEU A 1 66  ? -6.160  5.350   5.481   1.00 25.73 ? 131 LEU A CB  1 
ATOM   562 C CG  . LEU A 1 66  ? -4.649  5.312   5.783   1.00 25.63 ? 131 LEU A CG  1 
ATOM   563 C CD1 . LEU A 1 66  ? -4.012  4.099   5.115   1.00 23.90 ? 131 LEU A CD1 1 
ATOM   564 C CD2 . LEU A 1 66  ? -3.979  6.587   5.292   1.00 26.72 ? 131 LEU A CD2 1 
ATOM   565 N N   . ARG A 1 67  ? -6.263  2.944   8.029   1.00 28.71 ? 132 ARG A N   1 
ATOM   566 C CA  . ARG A 1 67  ? -6.152  2.648   9.436   1.00 29.55 ? 132 ARG A CA  1 
ATOM   567 C C   . ARG A 1 67  ? -4.800  2.090   9.847   1.00 29.19 ? 132 ARG A C   1 
ATOM   568 O O   . ARG A 1 67  ? -4.409  1.043   9.314   1.00 28.70 ? 132 ARG A O   1 
ATOM   569 C CB  . ARG A 1 67  ? -7.199  1.591   9.811   1.00 31.80 ? 132 ARG A CB  1 
ATOM   570 C CG  . ARG A 1 67  ? -8.659  1.776   9.461   1.00 33.63 ? 132 ARG A CG  1 
ATOM   571 C CD  . ARG A 1 67  ? -9.279  2.823   10.370  1.00 35.63 ? 132 ARG A CD  1 
ATOM   572 N NE  . ARG A 1 67  ? -10.645 3.166   10.052  1.00 36.81 ? 132 ARG A NE  1 
ATOM   573 C CZ  . ARG A 1 67  ? -11.731 2.609   10.559  1.00 37.73 ? 132 ARG A CZ  1 
ATOM   574 N NH1 . ARG A 1 67  ? -11.608 1.628   11.443  1.00 37.75 ? 132 ARG A NH1 1 
ATOM   575 N NH2 . ARG A 1 67  ? -12.915 3.052   10.160  1.00 38.12 ? 132 ARG A NH2 1 
ATOM   576 N N   . ARG A 1 68  ? -4.132  2.643   10.838  1.00 28.26 ? 133 ARG A N   1 
ATOM   577 C CA  . ARG A 1 68  ? -2.885  2.071   11.310  1.00 29.02 ? 133 ARG A CA  1 
ATOM   578 C C   . ARG A 1 68  ? -3.084  0.885   12.249  1.00 29.32 ? 133 ARG A C   1 
ATOM   579 O O   . ARG A 1 68  ? -3.746  1.001   13.280  1.00 31.82 ? 133 ARG A O   1 
ATOM   580 C CB  . ARG A 1 68  ? -2.023  3.155   11.976  1.00 28.28 ? 133 ARG A CB  1 
ATOM   581 C CG  . ARG A 1 68  ? -0.806  2.563   12.674  1.00 28.56 ? 133 ARG A CG  1 
ATOM   582 C CD  . ARG A 1 68  ? 0.059   3.632   13.302  1.00 30.17 ? 133 ARG A CD  1 
ATOM   583 N NE  . ARG A 1 68  ? -0.521  4.244   14.500  1.00 31.59 ? 133 ARG A NE  1 
ATOM   584 C CZ  . ARG A 1 68  ? -0.247  3.950   15.758  1.00 30.81 ? 133 ARG A CZ  1 
ATOM   585 N NH1 . ARG A 1 68  ? 0.628   3.041   16.168  1.00 31.08 ? 133 ARG A NH1 1 
ATOM   586 N NH2 . ARG A 1 68  ? -0.857  4.624   16.743  1.00 31.73 ? 133 ARG A NH2 1 
ATOM   587 N N   . PRO A 1 69  ? -2.455  -0.235  11.918  1.00 29.28 ? 134 PRO A N   1 
ATOM   588 C CA  . PRO A 1 69  ? -2.469  -1.452  12.735  1.00 28.25 ? 134 PRO A CA  1 
ATOM   589 C C   . PRO A 1 69  ? -1.920  -1.094  14.108  1.00 30.09 ? 134 PRO A C   1 
ATOM   590 O O   . PRO A 1 69  ? -1.100  -0.157  14.140  1.00 29.50 ? 134 PRO A O   1 
ATOM   591 C CB  . PRO A 1 69  ? -1.635  -2.443  11.960  1.00 29.22 ? 134 PRO A CB  1 
ATOM   592 C CG  . PRO A 1 69  ? -1.506  -1.899  10.575  1.00 28.43 ? 134 PRO A CG  1 
ATOM   593 C CD  . PRO A 1 69  ? -1.628  -0.401  10.692  1.00 28.15 ? 134 PRO A CD  1 
ATOM   594 N N   . VAL A 1 70  ? -2.320  -1.724  15.223  1.00 30.07 ? 135 VAL A N   1 
ATOM   595 C CA  . VAL A 1 70  ? -1.781  -1.251  16.516  1.00 30.46 ? 135 VAL A CA  1 
ATOM   596 C C   . VAL A 1 70  ? -0.369  -1.725  16.786  1.00 30.24 ? 135 VAL A C   1 
ATOM   597 O O   . VAL A 1 70  ? 0.395   -1.103  17.535  1.00 30.90 ? 135 VAL A O   1 
ATOM   598 C CB  . VAL A 1 70  ? -2.681  -1.508  17.741  1.00 32.24 ? 135 VAL A CB  1 
ATOM   599 C CG1 . VAL A 1 70  ? -4.131  -1.780  17.400  1.00 30.69 ? 135 VAL A CG1 1 
ATOM   600 C CG2 . VAL A 1 70  ? -2.159  -2.577  18.685  1.00 32.29 ? 135 VAL A CG2 1 
ATOM   601 N N   . ASN A 1 71  ? 0.058   -2.817  16.204  1.00 29.66 ? 136 ASN A N   1 
ATOM   602 C CA  . ASN A 1 71  ? 1.366   -3.425  16.333  1.00 30.49 ? 136 ASN A CA  1 
ATOM   603 C C   . ASN A 1 71  ? 2.440   -2.671  15.552  1.00 28.98 ? 136 ASN A C   1 
ATOM   604 O O   . ASN A 1 71  ? 3.618   -3.044  15.577  1.00 28.04 ? 136 ASN A O   1 
ATOM   605 C CB  . ASN A 1 71  ? 1.201   -4.891  15.896  1.00 33.29 ? 136 ASN A CB  1 
ATOM   606 C CG  . ASN A 1 71  ? 0.181   -5.056  14.776  1.00 35.08 ? 136 ASN A CG  1 
ATOM   607 O OD1 . ASN A 1 71  ? -1.059  -5.031  14.914  1.00 35.89 ? 136 ASN A OD1 1 
ATOM   608 N ND2 . ASN A 1 71  ? 0.698   -5.216  13.557  1.00 35.08 ? 136 ASN A ND2 1 
ATOM   609 N N   . VAL A 1 72  ? 2.064   -1.588  14.890  1.00 28.45 ? 137 VAL A N   1 
ATOM   610 C CA  . VAL A 1 72  ? 2.892   -0.728  14.078  1.00 27.39 ? 137 VAL A CA  1 
ATOM   611 C C   . VAL A 1 72  ? 2.859   0.732   14.545  1.00 26.49 ? 137 VAL A C   1 
ATOM   612 O O   . VAL A 1 72  ? 1.863   1.442   14.561  1.00 25.28 ? 137 VAL A O   1 
ATOM   613 C CB  . VAL A 1 72  ? 2.425   -0.720  12.600  1.00 28.41 ? 137 VAL A CB  1 
ATOM   614 C CG1 . VAL A 1 72  ? 3.330   0.165   11.758  1.00 27.92 ? 137 VAL A CG1 1 
ATOM   615 C CG2 . VAL A 1 72  ? 2.352   -2.136  12.032  1.00 28.82 ? 137 VAL A CG2 1 
ATOM   616 N N   . PRO A 1 73  ? 4.044   1.226   14.906  1.00 26.61 ? 138 PRO A N   1 
ATOM   617 C CA  . PRO A 1 73  ? 4.173   2.591   15.401  1.00 27.11 ? 138 PRO A CA  1 
ATOM   618 C C   . PRO A 1 73  ? 3.878   3.658   14.378  1.00 27.06 ? 138 PRO A C   1 
ATOM   619 O O   . PRO A 1 73  ? 4.044   3.550   13.167  1.00 26.92 ? 138 PRO A O   1 
ATOM   620 C CB  . PRO A 1 73  ? 5.595   2.683   15.916  1.00 28.13 ? 138 PRO A CB  1 
ATOM   621 C CG  . PRO A 1 73  ? 6.265   1.400   15.664  1.00 27.07 ? 138 PRO A CG  1 
ATOM   622 C CD  . PRO A 1 73  ? 5.308   0.478   14.976  1.00 27.29 ? 138 PRO A CD  1 
ATOM   623 N N   . LEU A 1 74  ? 3.455   4.818   14.876  1.00 26.44 ? 139 LEU A N   1 
ATOM   624 C CA  . LEU A 1 74  ? 3.091   5.985   14.136  1.00 25.89 ? 139 LEU A CA  1 
ATOM   625 C C   . LEU A 1 74  ? 4.112   6.384   13.069  1.00 26.46 ? 139 LEU A C   1 
ATOM   626 O O   . LEU A 1 74  ? 3.729   6.659   11.944  1.00 25.15 ? 139 LEU A O   1 
ATOM   627 C CB  . LEU A 1 74  ? 2.895   7.170   15.102  1.00 28.30 ? 139 LEU A CB  1 
ATOM   628 C CG  . LEU A 1 74  ? 1.851   8.192   14.672  1.00 29.65 ? 139 LEU A CG  1 
ATOM   629 C CD1 . LEU A 1 74  ? 1.669   9.222   15.802  1.00 30.83 ? 139 LEU A CD1 1 
ATOM   630 C CD2 . LEU A 1 74  ? 2.232   8.927   13.403  1.00 32.59 ? 139 LEU A CD2 1 
ATOM   631 N N   . ASP A 1 75  ? 5.369   6.524   13.490  1.00 26.59 ? 140 ASP A N   1 
ATOM   632 C CA  . ASP A 1 75  ? 6.358   6.989   12.514  1.00 27.05 ? 140 ASP A CA  1 
ATOM   633 C C   . ASP A 1 75  ? 6.607   5.936   11.430  1.00 25.74 ? 140 ASP A C   1 
ATOM   634 O O   . ASP A 1 75  ? 6.717   6.349   10.263  1.00 25.88 ? 140 ASP A O   1 
ATOM   635 C CB  . ASP A 1 75  ? 7.639   7.422   13.187  1.00 28.23 ? 140 ASP A CB  1 
ATOM   636 C CG  . ASP A 1 75  ? 8.229   6.461   14.177  1.00 29.74 ? 140 ASP A CG  1 
ATOM   637 O OD1 . ASP A 1 75  ? 7.813   5.288   14.338  1.00 30.19 ? 140 ASP A OD1 1 
ATOM   638 O OD2 . ASP A 1 75  ? 9.170   6.902   14.871  1.00 32.18 ? 140 ASP A OD2 1 
ATOM   639 N N   . VAL A 1 76  ? 6.650   4.678   11.798  1.00 24.08 ? 141 VAL A N   1 
ATOM   640 C CA  . VAL A 1 76  ? 6.833   3.589   10.816  1.00 22.80 ? 141 VAL A CA  1 
ATOM   641 C C   . VAL A 1 76  ? 5.714   3.661   9.802   1.00 22.42 ? 141 VAL A C   1 
ATOM   642 O O   . VAL A 1 76  ? 5.901   3.666   8.569   1.00 21.22 ? 141 VAL A O   1 
ATOM   643 C CB  . VAL A 1 76  ? 6.908   2.224   11.512  1.00 22.97 ? 141 VAL A CB  1 
ATOM   644 C CG1 . VAL A 1 76  ? 6.786   1.046   10.537  1.00 23.81 ? 141 VAL A CG1 1 
ATOM   645 C CG2 . VAL A 1 76  ? 8.203   2.062   12.291  1.00 25.28 ? 141 VAL A CG2 1 
ATOM   646 N N   . PHE A 1 77  ? 4.461   3.696   10.266  1.00 19.99 ? 142 PHE A N   1 
ATOM   647 C CA  . PHE A 1 77  ? 3.304   3.721   9.394   1.00 20.45 ? 142 PHE A CA  1 
ATOM   648 C C   . PHE A 1 77  ? 3.244   4.958   8.524   1.00 20.47 ? 142 PHE A C   1 
ATOM   649 O O   . PHE A 1 77  ? 2.954   4.909   7.328   1.00 21.08 ? 142 PHE A O   1 
ATOM   650 C CB  . PHE A 1 77  ? 2.006   3.475   10.174  1.00 20.66 ? 142 PHE A CB  1 
ATOM   651 C CG  . PHE A 1 77  ? 0.858   3.123   9.266   1.00 19.60 ? 142 PHE A CG  1 
ATOM   652 C CD1 . PHE A 1 77  ? 0.861   1.899   8.584   1.00 19.13 ? 142 PHE A CD1 1 
ATOM   653 C CD2 . PHE A 1 77  ? -0.192  3.975   9.051   1.00 18.51 ? 142 PHE A CD2 1 
ATOM   654 C CE1 . PHE A 1 77  ? -0.186  1.595   7.731   1.00 19.01 ? 142 PHE A CE1 1 
ATOM   655 C CE2 . PHE A 1 77  ? -1.240  3.677   8.214   1.00 19.35 ? 142 PHE A CE2 1 
ATOM   656 C CZ  . PHE A 1 77  ? -1.238  2.465   7.525   1.00 18.79 ? 142 PHE A CZ  1 
ATOM   657 N N   . SER A 1 78  ? 3.597   6.125   9.077   1.00 22.22 ? 143 SER A N   1 
ATOM   658 C CA  . SER A 1 78  ? 3.622   7.363   8.343   1.00 22.14 ? 143 SER A CA  1 
ATOM   659 C C   . SER A 1 78  ? 4.591   7.296   7.151   1.00 19.80 ? 143 SER A C   1 
ATOM   660 O O   . SER A 1 78  ? 4.241   7.740   6.067   1.00 20.12 ? 143 SER A O   1 
ATOM   661 C CB  . SER A 1 78  ? 4.025   8.510   9.281   1.00 24.06 ? 143 SER A CB  1 
ATOM   662 O OG  . SER A 1 78  ? 3.039   8.635   10.315  1.00 28.13 ? 143 SER A OG  1 
ATOM   663 N N   . GLU A 1 79  ? 5.749   6.697   7.404   1.00 19.59 ? 144 GLU A N   1 
ATOM   664 C CA  . GLU A 1 79  ? 6.689   6.563   6.284   1.00 20.23 ? 144 GLU A CA  1 
ATOM   665 C C   . GLU A 1 79  ? 6.131   5.640   5.215   1.00 19.45 ? 144 GLU A C   1 
ATOM   666 O O   . GLU A 1 79  ? 6.315   5.922   4.024   1.00 19.27 ? 144 GLU A O   1 
ATOM   667 C CB  . GLU A 1 79  ? 8.030   6.080   6.784   1.00 22.92 ? 144 GLU A CB  1 
ATOM   668 C CG  . GLU A 1 79  ? 8.779   7.192   7.510   1.00 29.03 ? 144 GLU A CG  1 
ATOM   669 C CD  . GLU A 1 79  ? 9.932   6.642   8.312   1.00 32.78 ? 144 GLU A CD  1 
ATOM   670 O OE1 . GLU A 1 79  ? 10.254  5.443   8.137   1.00 35.51 ? 144 GLU A OE1 1 
ATOM   671 O OE2 . GLU A 1 79  ? 10.502  7.407   9.119   1.00 35.35 ? 144 GLU A OE2 1 
ATOM   672 N N   . GLU A 1 80  ? 5.423   4.570   5.642   1.00 17.90 ? 145 GLU A N   1 
ATOM   673 C CA  . GLU A 1 80  ? 4.891   3.714   4.573   1.00 17.06 ? 145 GLU A CA  1 
ATOM   674 C C   . GLU A 1 80  ? 3.785   4.353   3.775   1.00 17.04 ? 145 GLU A C   1 
ATOM   675 O O   . GLU A 1 80  ? 3.737   4.229   2.548   1.00 17.23 ? 145 GLU A O   1 
ATOM   676 C CB  . GLU A 1 80  ? 4.382   2.402   5.183   1.00 16.03 ? 145 GLU A CB  1 
ATOM   677 C CG  . GLU A 1 80  ? 5.471   1.603   5.866   1.00 14.86 ? 145 GLU A CG  1 
ATOM   678 C CD  . GLU A 1 80  ? 6.673   1.263   4.994   1.00 17.27 ? 145 GLU A CD  1 
ATOM   679 O OE1 . GLU A 1 80  ? 6.439   0.556   4.010   1.00 15.89 ? 145 GLU A OE1 1 
ATOM   680 O OE2 . GLU A 1 80  ? 7.774   1.734   5.308   1.00 17.53 ? 145 GLU A OE2 1 
ATOM   681 N N   . ILE A 1 81  ? 2.858   5.109   4.398   1.00 17.65 ? 146 ILE A N   1 
ATOM   682 C CA  . ILE A 1 81  ? 1.788   5.713   3.590   1.00 19.58 ? 146 ILE A CA  1 
ATOM   683 C C   . ILE A 1 81  ? 2.356   6.736   2.601   1.00 18.35 ? 146 ILE A C   1 
ATOM   684 O O   . ILE A 1 81  ? 1.917   6.831   1.455   1.00 19.75 ? 146 ILE A O   1 
ATOM   685 C CB  . ILE A 1 81  ? 0.680   6.289   4.492   1.00 22.94 ? 146 ILE A CB  1 
ATOM   686 C CG1 . ILE A 1 81  ? 1.192   7.329   5.482   1.00 24.58 ? 146 ILE A CG1 1 
ATOM   687 C CG2 . ILE A 1 81  ? -0.016  5.150   5.230   1.00 25.24 ? 146 ILE A CG2 1 
ATOM   688 C CD1 . ILE A 1 81  ? 0.123   7.724   6.508   1.00 26.38 ? 146 ILE A CD1 1 
ATOM   689 N N   . LYS A 1 82  ? 3.418   7.434   3.018   1.00 19.83 ? 147 LYS A N   1 
ATOM   690 C CA  . LYS A 1 82  ? 4.078   8.373   2.113   1.00 21.38 ? 147 LYS A CA  1 
ATOM   691 C C   . LYS A 1 82  ? 4.717   7.617   0.942   1.00 20.64 ? 147 LYS A C   1 
ATOM   692 O O   . LYS A 1 82  ? 4.531   8.016   -0.207  1.00 20.21 ? 147 LYS A O   1 
ATOM   693 C CB  . LYS A 1 82  ? 5.126   9.232   2.813   1.00 24.92 ? 147 LYS A CB  1 
ATOM   694 C CG  . LYS A 1 82  ? 4.574   10.506  3.446   1.00 29.09 ? 147 LYS A CG  1 
ATOM   695 C CD  . LYS A 1 82  ? 5.512   11.155  4.435   1.00 32.40 ? 147 LYS A CD  1 
ATOM   696 C CE  . LYS A 1 82  ? 6.981   11.161  4.111   1.00 34.91 ? 147 LYS A CE  1 
ATOM   697 N NZ  . LYS A 1 82  ? 7.309   11.781  2.800   1.00 37.06 ? 147 LYS A NZ  1 
ATOM   698 N N   . PHE A 1 83  ? 5.415   6.517   1.229   1.00 18.79 ? 148 PHE A N   1 
ATOM   699 C CA  . PHE A 1 83  ? 6.076   5.727   0.195   1.00 18.11 ? 148 PHE A CA  1 
ATOM   700 C C   . PHE A 1 83  ? 5.093   5.210   -0.828  1.00 18.25 ? 148 PHE A C   1 
ATOM   701 O O   . PHE A 1 83  ? 5.296   5.251   -2.049  1.00 18.05 ? 148 PHE A O   1 
ATOM   702 C CB  . PHE A 1 83  ? 6.845   4.531   0.818   1.00 17.34 ? 148 PHE A CB  1 
ATOM   703 C CG  . PHE A 1 83  ? 7.360   3.627   -0.277  1.00 16.09 ? 148 PHE A CG  1 
ATOM   704 C CD1 . PHE A 1 83  ? 8.479   3.991   -1.005  1.00 17.70 ? 148 PHE A CD1 1 
ATOM   705 C CD2 . PHE A 1 83  ? 6.683   2.460   -0.610  1.00 16.43 ? 148 PHE A CD2 1 
ATOM   706 C CE1 . PHE A 1 83  ? 8.911   3.186   -2.045  1.00 17.28 ? 148 PHE A CE1 1 
ATOM   707 C CE2 . PHE A 1 83  ? 7.136   1.662   -1.635  1.00 16.39 ? 148 PHE A CE2 1 
ATOM   708 C CZ  . PHE A 1 83  ? 8.256   2.018   -2.374  1.00 17.57 ? 148 PHE A CZ  1 
ATOM   709 N N   . TYR A 1 84  ? 3.943   4.696   -0.350  1.00 17.16 ? 149 TYR A N   1 
ATOM   710 C CA  . TYR A 1 84  ? 2.938   4.165   -1.247  1.00 15.78 ? 149 TYR A CA  1 
ATOM   711 C C   . TYR A 1 84  ? 2.077   5.241   -1.923  1.00 17.00 ? 149 TYR A C   1 
ATOM   712 O O   . TYR A 1 84  ? 1.212   4.943   -2.713  1.00 16.29 ? 149 TYR A O   1 
ATOM   713 C CB  . TYR A 1 84  ? 2.052   3.095   -0.554  1.00 16.04 ? 149 TYR A CB  1 
ATOM   714 C CG  . TYR A 1 84  ? 2.836   1.830   -0.227  1.00 14.65 ? 149 TYR A CG  1 
ATOM   715 C CD1 . TYR A 1 84  ? 3.253   0.958   -1.241  1.00 14.46 ? 149 TYR A CD1 1 
ATOM   716 C CD2 . TYR A 1 84  ? 3.189   1.522   1.078   1.00 14.34 ? 149 TYR A CD2 1 
ATOM   717 C CE1 . TYR A 1 84  ? 3.993   -0.174  -0.946  1.00 14.09 ? 149 TYR A CE1 1 
ATOM   718 C CE2 . TYR A 1 84  ? 3.954   0.405   1.376   1.00 14.74 ? 149 TYR A CE2 1 
ATOM   719 C CZ  . TYR A 1 84  ? 4.345   -0.441  0.366   1.00 14.08 ? 149 TYR A CZ  1 
ATOM   720 O OH  . TYR A 1 84  ? 5.095   -1.566  0.668   1.00 13.63 ? 149 TYR A OH  1 
ATOM   721 N N   . GLU A 1 85  ? 2.355   6.495   -1.543  1.00 19.64 ? 150 GLU A N   1 
ATOM   722 C CA  . GLU A 1 85  ? 1.734   7.667   -2.185  1.00 21.05 ? 150 GLU A CA  1 
ATOM   723 C C   . GLU A 1 85  ? 0.229   7.609   -2.178  1.00 20.17 ? 150 GLU A C   1 
ATOM   724 O O   . GLU A 1 85  ? -0.456  7.737   -3.201  1.00 20.68 ? 150 GLU A O   1 
ATOM   725 C CB  . GLU A 1 85  ? 2.292   7.751   -3.620  1.00 21.16 ? 150 GLU A CB  1 
ATOM   726 C CG  . GLU A 1 85  ? 3.779   7.972   -3.693  1.00 24.34 ? 150 GLU A CG  1 
ATOM   727 C CD  . GLU A 1 85  ? 4.337   8.072   -5.102  1.00 24.68 ? 150 GLU A CD  1 
ATOM   728 O OE1 . GLU A 1 85  ? 3.577   8.495   -5.998  1.00 26.44 ? 150 GLU A OE1 1 
ATOM   729 O OE2 . GLU A 1 85  ? 5.501   7.707   -5.294  1.00 26.98 ? 150 GLU A OE2 1 
ATOM   730 N N   . LEU A 1 86  ? -0.314  7.447   -0.958  1.00 20.05 ? 151 LEU A N   1 
ATOM   731 C CA  . LEU A 1 86  ? -1.760  7.306   -0.806  1.00 21.55 ? 151 LEU A CA  1 
ATOM   732 C C   . LEU A 1 86  ? -2.506  8.623   -1.047  1.00 22.79 ? 151 LEU A C   1 
ATOM   733 O O   . LEU A 1 86  ? -3.707  8.537   -1.282  1.00 24.01 ? 151 LEU A O   1 
ATOM   734 C CB  . LEU A 1 86  ? -2.118  6.623   0.498   1.00 20.88 ? 151 LEU A CB  1 
ATOM   735 C CG  . LEU A 1 86  ? -1.615  5.179   0.699   1.00 19.96 ? 151 LEU A CG  1 
ATOM   736 C CD1 . LEU A 1 86  ? -2.282  4.613   1.942   1.00 19.87 ? 151 LEU A CD1 1 
ATOM   737 C CD2 . LEU A 1 86  ? -1.884  4.308   -0.504  1.00 19.40 ? 151 LEU A CD2 1 
ATOM   738 N N   . GLY A 1 87  ? -1.799  9.747   -1.063  1.00 25.77 ? 152 GLY A N   1 
ATOM   739 C CA  . GLY A 1 87  ? -2.481  11.005  -1.388  1.00 27.77 ? 152 GLY A CA  1 
ATOM   740 C C   . GLY A 1 87  ? -2.633  11.906  -0.181  1.00 29.99 ? 152 GLY A C   1 
ATOM   741 O O   . GLY A 1 87  ? -2.746  11.444  0.955   1.00 28.35 ? 152 GLY A O   1 
ATOM   742 N N   . GLU A 1 88  ? -2.672  13.226  -0.430  1.00 32.59 ? 153 GLU A N   1 
ATOM   743 C CA  . GLU A 1 88  ? -2.804  14.182  0.668   1.00 35.47 ? 153 GLU A CA  1 
ATOM   744 C C   . GLU A 1 88  ? -4.175  14.099  1.323   1.00 35.71 ? 153 GLU A C   1 
ATOM   745 O O   . GLU A 1 88  ? -4.241  14.255  2.547   1.00 35.97 ? 153 GLU A O   1 
ATOM   746 C CB  . GLU A 1 88  ? -2.455  15.594  0.202   1.00 38.08 ? 153 GLU A CB  1 
ATOM   747 C CG  . GLU A 1 88  ? -1.020  15.776  -0.254  1.00 41.12 ? 153 GLU A CG  1 
ATOM   748 C CD  . GLU A 1 88  ? 0.056   15.750  0.806   1.00 42.98 ? 153 GLU A CD  1 
ATOM   749 O OE1 . GLU A 1 88  ? -0.217  16.157  1.956   1.00 43.89 ? 153 GLU A OE1 1 
ATOM   750 O OE2 . GLU A 1 88  ? 1.208   15.341  0.508   1.00 43.56 ? 153 GLU A OE2 1 
ATOM   751 N N   . ASN A 1 89  ? -5.222  13.755  0.592   1.00 35.51 ? 154 ASN A N   1 
ATOM   752 C CA  . ASN A 1 89  ? -6.549  13.575  1.159   1.00 36.51 ? 154 ASN A CA  1 
ATOM   753 C C   . ASN A 1 89  ? -6.519  12.502  2.245   1.00 37.38 ? 154 ASN A C   1 
ATOM   754 O O   . ASN A 1 89  ? -6.992  12.703  3.361   1.00 38.48 ? 154 ASN A O   1 
ATOM   755 C CB  . ASN A 1 89  ? -7.545  13.171  0.086   1.00 36.33 ? 154 ASN A CB  1 
ATOM   756 N N   . ALA A 1 90  ? -5.929  11.348  1.906   1.00 36.65 ? 155 ALA A N   1 
ATOM   757 C CA  . ALA A 1 90  ? -5.801  10.262  2.864   1.00 35.75 ? 155 ALA A CA  1 
ATOM   758 C C   . ALA A 1 90  ? -4.842  10.643  3.982   1.00 35.94 ? 155 ALA A C   1 
ATOM   759 O O   . ALA A 1 90  ? -5.176  10.363  5.135   1.00 34.99 ? 155 ALA A O   1 
ATOM   760 C CB  . ALA A 1 90  ? -5.339  8.974   2.188   1.00 35.43 ? 155 ALA A CB  1 
ATOM   761 N N   . PHE A 1 91  ? -3.725  11.309  3.703   1.00 36.85 ? 156 PHE A N   1 
ATOM   762 C CA  . PHE A 1 91  ? -2.783  11.700  4.747   1.00 39.64 ? 156 PHE A CA  1 
ATOM   763 C C   . PHE A 1 91  ? -3.439  12.677  5.720   1.00 40.86 ? 156 PHE A C   1 
ATOM   764 O O   . PHE A 1 91  ? -3.158  12.603  6.918   1.00 40.96 ? 156 PHE A O   1 
ATOM   765 C CB  . PHE A 1 91  ? -1.471  12.217  4.171   1.00 41.44 ? 156 PHE A CB  1 
ATOM   766 C CG  . PHE A 1 91  ? -0.210  12.093  4.980   1.00 43.31 ? 156 PHE A CG  1 
ATOM   767 C CD1 . PHE A 1 91  ? -0.017  11.087  5.903   1.00 44.21 ? 156 PHE A CD1 1 
ATOM   768 C CD2 . PHE A 1 91  ? 0.824   12.992  4.779   1.00 44.11 ? 156 PHE A CD2 1 
ATOM   769 C CE1 . PHE A 1 91  ? 1.146   10.998  6.622   1.00 44.20 ? 156 PHE A CE1 1 
ATOM   770 C CE2 . PHE A 1 91  ? 1.989   12.912  5.501   1.00 44.78 ? 156 PHE A CE2 1 
ATOM   771 C CZ  . PHE A 1 91  ? 2.145   11.908  6.420   1.00 44.95 ? 156 PHE A CZ  1 
ATOM   772 N N   . GLU A 1 92  ? -4.315  13.557  5.258   1.00 42.07 ? 157 GLU A N   1 
ATOM   773 C CA  . GLU A 1 92  ? -5.028  14.487  6.127   1.00 43.74 ? 157 GLU A CA  1 
ATOM   774 C C   . GLU A 1 92  ? -5.918  13.730  7.109   1.00 42.84 ? 157 GLU A C   1 
ATOM   775 O O   . GLU A 1 92  ? -5.844  13.953  8.319   1.00 43.04 ? 157 GLU A O   1 
ATOM   776 C CB  . GLU A 1 92  ? -5.917  15.444  5.327   1.00 45.41 ? 157 GLU A CB  1 
ATOM   777 C CG  . GLU A 1 92  ? -5.148  16.397  4.429   1.00 47.88 ? 157 GLU A CG  1 
ATOM   778 C CD  . GLU A 1 92  ? -6.032  17.449  3.784   1.00 49.12 ? 157 GLU A CD  1 
ATOM   779 O OE1 . GLU A 1 92  ? -6.596  18.272  4.537   1.00 49.56 ? 157 GLU A OE1 1 
ATOM   780 O OE2 . GLU A 1 92  ? -6.151  17.454  2.539   1.00 50.14 ? 157 GLU A OE2 1 
ATOM   781 N N   . ARG A 1 93  ? -6.737  12.819  6.584   1.00 41.66 ? 158 ARG A N   1 
ATOM   782 C CA  . ARG A 1 93  ? -7.607  12.002  7.422   1.00 40.06 ? 158 ARG A CA  1 
ATOM   783 C C   . ARG A 1 93  ? -6.773  11.292  8.483   1.00 38.15 ? 158 ARG A C   1 
ATOM   784 O O   . ARG A 1 93  ? -7.081  11.366  9.669   1.00 37.23 ? 158 ARG A O   1 
ATOM   785 C CB  . ARG A 1 93  ? -8.417  10.981  6.634   1.00 41.51 ? 158 ARG A CB  1 
ATOM   786 C CG  . ARG A 1 93  ? -9.223  11.495  5.465   1.00 42.92 ? 158 ARG A CG  1 
ATOM   787 C CD  . ARG A 1 93  ? -10.335 10.558  5.040   1.00 44.24 ? 158 ARG A CD  1 
ATOM   788 N NE  . ARG A 1 93  ? -9.924  9.379   4.297   1.00 45.05 ? 158 ARG A NE  1 
ATOM   789 C CZ  . ARG A 1 93  ? -9.587  9.325   3.015   1.00 45.30 ? 158 ARG A CZ  1 
ATOM   790 N NH1 . ARG A 1 93  ? -9.600  10.416  2.260   1.00 45.23 ? 158 ARG A NH1 1 
ATOM   791 N NH2 . ARG A 1 93  ? -9.232  8.165   2.468   1.00 45.08 ? 158 ARG A NH2 1 
ATOM   792 N N   . TYR A 1 94  ? -5.677  10.644  8.094   1.00 35.25 ? 159 TYR A N   1 
ATOM   793 C CA  . TYR A 1 94  ? -4.784  9.962   9.011   1.00 33.52 ? 159 TYR A CA  1 
ATOM   794 C C   . TYR A 1 94  ? -4.251  10.914  10.080  1.00 34.95 ? 159 TYR A C   1 
ATOM   795 O O   . TYR A 1 94  ? -4.239  10.561  11.254  1.00 34.65 ? 159 TYR A O   1 
ATOM   796 C CB  . TYR A 1 94  ? -3.596  9.342   8.292   1.00 29.06 ? 159 TYR A CB  1 
ATOM   797 C CG  . TYR A 1 94  ? -2.447  8.758   9.050   1.00 26.91 ? 159 TYR A CG  1 
ATOM   798 C CD1 . TYR A 1 94  ? -2.556  7.534   9.703   1.00 24.76 ? 159 TYR A CD1 1 
ATOM   799 C CD2 . TYR A 1 94  ? -1.198  9.381   9.083   1.00 25.31 ? 159 TYR A CD2 1 
ATOM   800 C CE1 . TYR A 1 94  ? -1.484  6.975   10.375  1.00 24.82 ? 159 TYR A CE1 1 
ATOM   801 C CE2 . TYR A 1 94  ? -0.119  8.825   9.735   1.00 24.65 ? 159 TYR A CE2 1 
ATOM   802 C CZ  . TYR A 1 94  ? -0.261  7.612   10.380  1.00 23.71 ? 159 TYR A CZ  1 
ATOM   803 O OH  . TYR A 1 94  ? 0.821   7.053   11.013  1.00 25.23 ? 159 TYR A OH  1 
ATOM   804 N N   . ARG A 1 95  ? -3.786  12.084  9.654   1.00 37.22 ? 160 ARG A N   1 
ATOM   805 C CA  . ARG A 1 95  ? -3.264  13.043  10.626  1.00 40.28 ? 160 ARG A CA  1 
ATOM   806 C C   . ARG A 1 95  ? -4.319  13.444  11.645  1.00 40.84 ? 160 ARG A C   1 
ATOM   807 O O   . ARG A 1 95  ? -3.983  13.472  12.829  1.00 42.13 ? 160 ARG A O   1 
ATOM   808 C CB  . ARG A 1 95  ? -2.663  14.242  9.894   1.00 40.97 ? 160 ARG A CB  1 
ATOM   809 C CG  . ARG A 1 95  ? -1.363  13.830  9.196   1.00 42.77 ? 160 ARG A CG  1 
ATOM   810 C CD  . ARG A 1 95  ? -0.480  15.080  9.062   1.00 44.24 ? 160 ARG A CD  1 
ATOM   811 N NE  . ARG A 1 95  ? -1.213  16.021  8.213   1.00 45.04 ? 160 ARG A NE  1 
ATOM   812 C CZ  . ARG A 1 95  ? -1.032  16.096  6.899   1.00 45.39 ? 160 ARG A CZ  1 
ATOM   813 N NH1 . ARG A 1 95  ? -0.130  15.337  6.308   1.00 45.36 ? 160 ARG A NH1 1 
ATOM   814 N NH2 . ARG A 1 95  ? -1.749  16.968  6.203   1.00 46.16 ? 160 ARG A NH2 1 
ATOM   815 N N   . GLU A 1 96  ? -5.559  13.688  11.241  1.00 42.07 ? 161 GLU A N   1 
ATOM   816 C CA  . GLU A 1 96  ? -6.580  14.023  12.243  1.00 43.26 ? 161 GLU A CA  1 
ATOM   817 C C   . GLU A 1 96  ? -6.752  12.849  13.196  1.00 43.70 ? 161 GLU A C   1 
ATOM   818 O O   . GLU A 1 96  ? -6.603  12.970  14.419  1.00 43.57 ? 161 GLU A O   1 
ATOM   819 C CB  . GLU A 1 96  ? -7.868  14.404  11.544  1.00 43.89 ? 161 GLU A CB  1 
ATOM   820 N N   . ASP A 1 97  ? -6.949  11.652  12.641  1.00 43.74 ? 162 ASP A N   1 
ATOM   821 C CA  . ASP A 1 97  ? -7.109  10.437  13.419  1.00 43.25 ? 162 ASP A CA  1 
ATOM   822 C C   . ASP A 1 97  ? -6.032  10.179  14.455  1.00 43.14 ? 162 ASP A C   1 
ATOM   823 O O   . ASP A 1 97  ? -6.370  9.525   15.455  1.00 43.50 ? 162 ASP A O   1 
ATOM   824 C CB  . ASP A 1 97  ? -7.224  9.215   12.488  1.00 43.98 ? 162 ASP A CB  1 
ATOM   825 C CG  . ASP A 1 97  ? -8.403  9.283   11.544  1.00 44.27 ? 162 ASP A CG  1 
ATOM   826 O OD1 . ASP A 1 97  ? -9.392  9.994   11.824  1.00 45.19 ? 162 ASP A OD1 1 
ATOM   827 O OD2 . ASP A 1 97  ? -8.376  8.621   10.483  1.00 44.38 ? 162 ASP A OD2 1 
ATOM   828 N N   . GLU A 1 98  ? -4.780  10.590  14.291  1.00 42.74 ? 163 GLU A N   1 
ATOM   829 C CA  . GLU A 1 98  ? -3.762  10.315  15.289  1.00 44.04 ? 163 GLU A CA  1 
ATOM   830 C C   . GLU A 1 98  ? -3.303  11.497  16.133  1.00 44.48 ? 163 GLU A C   1 
ATOM   831 O O   . GLU A 1 98  ? -2.497  11.255  17.041  1.00 44.84 ? 163 GLU A O   1 
ATOM   832 C CB  . GLU A 1 98  ? -2.543  9.723   14.575  1.00 43.60 ? 163 GLU A CB  1 
ATOM   833 C CG  . GLU A 1 98  ? -2.793  8.598   13.595  1.00 43.25 ? 163 GLU A CG  1 
ATOM   834 C CD  . GLU A 1 98  ? -2.654  7.221   14.203  1.00 43.55 ? 163 GLU A CD  1 
ATOM   835 O OE1 . GLU A 1 98  ? -2.258  7.120   15.385  1.00 43.64 ? 163 GLU A OE1 1 
ATOM   836 O OE2 . GLU A 1 98  ? -2.925  6.218   13.501  1.00 42.91 ? 163 GLU A OE2 1 
ATOM   837 N N   . GLY A 1 99  ? -3.742  12.708  15.854  1.00 46.47 ? 164 GLY A N   1 
ATOM   838 C CA  . GLY A 1 99  ? -3.283  13.891  16.608  1.00 48.16 ? 164 GLY A CA  1 
ATOM   839 C C   . GLY A 1 99  ? -2.667  14.848  15.578  1.00 49.60 ? 164 GLY A C   1 
ATOM   840 O O   . GLY A 1 99  ? -3.398  15.376  14.743  1.00 50.04 ? 164 GLY A O   1 
ATOM   841 N N   . PHE A 1 100 ? -1.358  14.990  15.604  1.00 50.93 ? 165 PHE A N   1 
ATOM   842 C CA  . PHE A 1 100 ? -0.604  15.825  14.689  1.00 52.34 ? 165 PHE A CA  1 
ATOM   843 C C   . PHE A 1 100 ? -1.364  16.185  13.419  1.00 52.88 ? 165 PHE A C   1 
ATOM   844 O O   . PHE A 1 100 ? -2.043  17.242  13.479  1.00 54.10 ? 165 PHE A O   1 
ATOM   845 C CB  . PHE A 1 100 ? 0.707   15.097  14.349  1.00 52.86 ? 165 PHE A CB  1 
ATOM   846 C CG  . PHE A 1 100 ? 0.503   13.796  13.625  1.00 53.05 ? 165 PHE A CG  1 
ATOM   847 C CD1 . PHE A 1 100 ? 0.099   12.653  14.287  1.00 53.08 ? 165 PHE A CD1 1 
ATOM   848 C CD2 . PHE A 1 100 ? 0.736   13.730  12.257  1.00 53.28 ? 165 PHE A CD2 1 
ATOM   849 C CE1 . PHE A 1 100 ? -0.074  11.476  13.594  1.00 53.45 ? 165 PHE A CE1 1 
ATOM   850 C CE2 . PHE A 1 100 ? 0.564   12.547  11.570  1.00 53.54 ? 165 PHE A CE2 1 
ATOM   851 C CZ  . PHE A 1 100 ? 0.146   11.413  12.237  1.00 53.46 ? 165 PHE A CZ  1 
HETATM 852 O O   . HOH B 2 .   ? 2.926   0.132   17.805  1.00 31.33 ? 166 HOH A O   1 
HETATM 853 O O   . HOH B 2 .   ? 7.266   2.016   -15.569 1.00 24.73 ? 167 HOH A O   1 
HETATM 854 O O   . HOH B 2 .   ? 13.093  -0.567  -11.394 1.00 19.43 ? 168 HOH A O   1 
HETATM 855 O O   . HOH B 2 .   ? 1.568   -10.838 -10.012 1.00 19.45 ? 169 HOH A O   1 
HETATM 856 O O   . HOH B 2 .   ? 9.547   -11.076 -5.675  1.00 16.85 ? 170 HOH A O   1 
HETATM 857 O O   . HOH B 2 .   ? 6.900   -2.717  12.440  1.00 30.83 ? 171 HOH A O   1 
HETATM 858 O O   . HOH B 2 .   ? 7.314   6.387   -3.571  1.00 27.62 ? 172 HOH A O   1 
HETATM 859 O O   . HOH B 2 .   ? 12.942  -2.905  -4.722  1.00 33.63 ? 173 HOH A O   1 
HETATM 860 O O   . HOH B 2 .   ? 0.353   -13.925 2.996   1.00 22.60 ? 174 HOH A O   1 
HETATM 861 O O   . HOH B 2 .   ? -5.581  7.623   -2.819  1.00 39.05 ? 175 HOH A O   1 
HETATM 862 O O   . HOH B 2 .   ? 11.340  0.450   -1.192  1.00 23.22 ? 176 HOH A O   1 
HETATM 863 O O   . HOH B 2 .   ? 8.651   -5.850  8.941   1.00 25.82 ? 177 HOH A O   1 
HETATM 864 O O   . HOH B 2 .   ? 0.868   -15.602 -3.185  1.00 25.94 ? 178 HOH A O   1 
HETATM 865 O O   . HOH B 2 .   ? 13.906  -17.111 -4.240  1.00 41.85 ? 179 HOH A O   1 
HETATM 866 O O   . HOH B 2 .   ? 3.023   -14.774 -9.344  1.00 22.31 ? 180 HOH A O   1 
HETATM 867 O O   . HOH B 2 .   ? 3.931   -15.528 -6.880  1.00 25.21 ? 181 HOH A O   1 
HETATM 868 O O   . HOH B 2 .   ? 0.727   -6.691  7.012   1.00 22.14 ? 182 HOH A O   1 
HETATM 869 O O   . HOH B 2 .   ? 12.063  2.009   -3.491  1.00 23.77 ? 183 HOH A O   1 
HETATM 870 O O   . HOH B 2 .   ? -6.299  0.728   5.952   1.00 21.68 ? 184 HOH A O   1 
HETATM 871 O O   . HOH B 2 .   ? -0.371  -5.864  10.430  1.00 30.11 ? 185 HOH A O   1 
HETATM 872 O O   . HOH B 2 .   ? -4.512  2.671   -13.272 1.00 28.42 ? 186 HOH A O   1 
HETATM 873 O O   . HOH B 2 .   ? 5.226   0.577   -17.156 1.00 25.99 ? 187 HOH A O   1 
HETATM 874 O O   . HOH B 2 .   ? 7.661   -16.347 2.079   1.00 30.04 ? 188 HOH A O   1 
HETATM 875 O O   . HOH B 2 .   ? 11.963  4.411   0.988   1.00 32.76 ? 189 HOH A O   1 
HETATM 876 O O   . HOH B 2 .   ? 8.522   7.372   3.007   1.00 28.06 ? 190 HOH A O   1 
HETATM 877 O O   . HOH B 2 .   ? 14.419  -10.712 -9.976  1.00 30.58 ? 191 HOH A O   1 
HETATM 878 O O   . HOH B 2 .   ? 2.411   -16.915 -5.107  1.00 26.07 ? 192 HOH A O   1 
HETATM 879 O O   . HOH B 2 .   ? 16.163  -3.391  -1.536  1.00 27.68 ? 193 HOH A O   1 
HETATM 880 O O   . HOH B 2 .   ? -5.775  10.394  -0.916  1.00 32.38 ? 194 HOH A O   1 
HETATM 881 O O   . HOH B 2 .   ? 7.523   -16.639 -5.915  1.00 35.17 ? 195 HOH A O   1 
HETATM 882 O O   . HOH B 2 .   ? 8.754   4.780   -5.378  1.00 29.26 ? 196 HOH A O   1 
HETATM 883 O O   . HOH B 2 .   ? 7.919   3.891   -9.124  1.00 32.59 ? 197 HOH A O   1 
HETATM 884 O O   . HOH B 2 .   ? -6.455  -7.396  2.759   1.00 26.27 ? 198 HOH A O   1 
HETATM 885 O O   . HOH B 2 .   ? -10.433 -0.133  -10.994 1.00 31.37 ? 199 HOH A O   1 
HETATM 886 O O   . HOH B 2 .   ? 3.086   4.699   17.963  1.00 31.74 ? 200 HOH A O   1 
HETATM 887 O O   . HOH B 2 .   ? 0.203   -12.941 -14.162 1.00 32.80 ? 201 HOH A O   1 
HETATM 888 O O   . HOH B 2 .   ? 10.786  5.136   3.305   1.00 33.92 ? 202 HOH A O   1 
HETATM 889 O O   . HOH B 2 .   ? 1.264   -3.723  -13.701 1.00 29.74 ? 203 HOH A O   1 
HETATM 890 O O   . HOH B 2 .   ? -2.807  -6.301  10.882  1.00 37.24 ? 204 HOH A O   1 
HETATM 891 O O   . HOH B 2 .   ? 3.485   10.707  -0.789  1.00 34.36 ? 205 HOH A O   1 
HETATM 892 O O   . HOH B 2 .   ? -4.531  0.873   -15.406 1.00 40.75 ? 206 HOH A O   1 
HETATM 893 O O   . HOH B 2 .   ? -6.583  -1.715  7.967   1.00 34.59 ? 207 HOH A O   1 
HETATM 894 O O   . HOH B 2 .   ? 15.437  -12.627 -14.107 1.00 32.53 ? 208 HOH A O   1 
HETATM 895 O O   . HOH B 2 .   ? 0.278   -14.661 -10.255 1.00 35.89 ? 209 HOH A O   1 
HETATM 896 O O   . HOH B 2 .   ? 10.044  -17.407 -5.355  1.00 36.27 ? 210 HOH A O   1 
HETATM 897 O O   . HOH B 2 .   ? 2.204   -7.361  13.789  1.00 28.60 ? 211 HOH A O   1 
HETATM 898 O O   . HOH B 2 .   ? 14.699  -1.044  -1.710  1.00 33.09 ? 212 HOH A O   1 
HETATM 899 O O   . HOH B 2 .   ? -3.263  -1.533  -15.017 1.00 38.26 ? 213 HOH A O   1 
HETATM 900 O O   . HOH B 2 .   ? -3.183  -10.917 9.053   1.00 42.95 ? 214 HOH A O   1 
HETATM 901 O O   . HOH B 2 .   ? 4.143   10.633  11.918  1.00 37.20 ? 215 HOH A O   1 
HETATM 902 O O   . HOH B 2 .   ? 7.007   5.477   -7.355  1.00 37.45 ? 216 HOH A O   1 
HETATM 903 O O   . HOH B 2 .   ? 0.386   -9.184  8.251   1.00 40.03 ? 217 HOH A O   1 
HETATM 904 O O   . HOH B 2 .   ? -12.730 4.178   -5.217  1.00 39.97 ? 218 HOH A O   1 
HETATM 905 O O   . HOH B 2 .   ? -1.303  -17.274 -6.736  1.00 38.66 ? 219 HOH A O   1 
HETATM 906 O O   . HOH B 2 .   ? 5.058   -16.637 0.359   1.00 35.13 ? 220 HOH A O   1 
HETATM 907 O O   . HOH B 2 .   ? 7.676   4.250   -17.242 1.00 39.39 ? 221 HOH A O   1 
HETATM 908 O O   . HOH B 2 .   ? -4.658  9.185   -4.721  1.00 42.87 ? 222 HOH A O   1 
HETATM 909 O O   . HOH B 2 .   ? -7.306  4.734   12.796  1.00 43.01 ? 223 HOH A O   1 
HETATM 910 O O   . HOH B 2 .   ? 11.867  -4.267  -9.510  1.00 25.37 ? 224 HOH A O   1 
HETATM 911 O O   . HOH B 2 .   ? -9.924  -14.265 -9.061  1.00 34.78 ? 225 HOH A O   1 
HETATM 912 O O   . HOH B 2 .   ? -7.092  3.150   -13.313 1.00 37.48 ? 226 HOH A O   1 
HETATM 913 O O   . HOH B 2 .   ? 15.132  -2.303  -7.853  1.00 61.41 ? 227 HOH A O   1 
HETATM 914 O O   . HOH B 2 .   ? 12.431  0.366   -7.791  1.00 39.56 ? 228 HOH A O   1 
HETATM 915 O O   . HOH B 2 .   ? -2.055  6.232   -12.792 1.00 40.45 ? 229 HOH A O   1 
HETATM 916 O O   . HOH B 2 .   ? -4.738  -1.491  10.303  1.00 32.11 ? 230 HOH A O   1 
HETATM 917 O O   . HOH B 2 .   ? 16.976  -14.971 -6.607  1.00 48.20 ? 231 HOH A O   1 
HETATM 918 O O   . HOH B 2 .   ? 5.082   4.221   -19.429 1.00 44.86 ? 232 HOH A O   1 
HETATM 919 O O   . HOH B 2 .   ? 8.800   8.031   0.442   1.00 40.19 ? 233 HOH A O   1 
HETATM 920 O O   . HOH B 2 .   ? -4.198  -3.948  9.243   1.00 37.11 ? 234 HOH A O   1 
HETATM 921 O O   . HOH B 2 .   ? -0.680  10.075  -10.696 1.00 41.15 ? 235 HOH A O   1 
HETATM 922 O O   . HOH B 2 .   ? -1.653  15.454  3.949   1.00 47.45 ? 236 HOH A O   1 
HETATM 923 O O   . HOH B 2 .   ? -12.298 -10.911 -6.731  1.00 34.83 ? 237 HOH A O   1 
HETATM 924 O O   . HOH B 2 .   ? 7.774   -18.375 0.533   1.00 53.29 ? 238 HOH A O   1 
HETATM 925 O O   . HOH B 2 .   ? -1.575  -10.280 6.886   1.00 32.03 ? 239 HOH A O   1 
HETATM 926 O O   . HOH B 2 .   ? 0.757   10.464  1.749   1.00 41.32 ? 240 HOH A O   1 
HETATM 927 O O   . HOH B 2 .   ? -1.873  14.130  -3.242  1.00 37.40 ? 241 HOH A O   1 
HETATM 928 O O   . HOH B 2 .   ? 7.628   1.762   19.383  1.00 54.75 ? 242 HOH A O   1 
HETATM 929 O O   . HOH B 2 .   ? -1.740  4.926   -16.496 1.00 63.31 ? 243 HOH A O   1 
HETATM 930 O O   . HOH B 2 .   ? 1.813   -10.044 -12.547 1.00 44.13 ? 244 HOH A O   1 
HETATM 931 O O   . HOH B 2 .   ? -4.542  3.997   14.736  1.00 44.36 ? 245 HOH A O   1 
HETATM 932 O O   . HOH B 2 .   ? 5.230   -1.870  3.409   1.00 14.23 ? 246 HOH A O   1 
HETATM 933 O O   . HOH B 2 .   ? 0.371   2.422   -3.364  1.00 15.55 ? 247 HOH A O   1 
HETATM 934 O O   . HOH B 2 .   ? 11.720  -2.100  -2.174  1.00 18.45 ? 248 HOH A O   1 
HETATM 935 O O   . HOH B 2 .   ? 9.762   -0.120  5.219   1.00 17.70 ? 249 HOH A O   1 
HETATM 936 O O   . HOH B 2 .   ? 11.462  -4.589  -6.522  1.00 21.06 ? 250 HOH A O   1 
HETATM 937 O O   . HOH B 2 .   ? 7.496   -12.918 -15.159 1.00 18.87 ? 251 HOH A O   1 
HETATM 938 O O   . HOH B 2 .   ? -14.071 -4.625  6.691   1.00 23.91 ? 252 HOH A O   1 
HETATM 939 O O   . HOH B 2 .   ? -5.971  7.876   -6.717  1.00 32.38 ? 253 HOH A O   1 
HETATM 940 O O   . HOH B 2 .   ? 13.956  -0.533  -5.771  1.00 66.54 ? 254 HOH A O   1 
HETATM 941 O O   . HOH B 2 .   ? 15.740  -10.544 -12.397 1.00 41.16 ? 255 HOH A O   1 
HETATM 942 O O   . HOH B 2 .   ? -0.823  -3.236  -15.683 1.00 53.72 ? 256 HOH A O   1 
HETATM 943 O O   . HOH B 2 .   ? 12.758  -6.458  -10.130 1.00 30.60 ? 257 HOH A O   1 
HETATM 944 O O   . HOH B 2 .   ? 1.320   -2.488  -17.133 1.00 39.86 ? 258 HOH A O   1 
HETATM 945 O O   . HOH B 2 .   ? 7.715   9.085   -1.891  1.00 56.66 ? 259 HOH A O   1 
HETATM 946 O O   . HOH B 2 .   ? -10.979 2.820   13.739  1.00 56.58 ? 260 HOH A O   1 
HETATM 947 O O   . HOH B 2 .   ? 3.419   -15.362 2.008   1.00 24.84 ? 261 HOH A O   1 
HETATM 948 O O   . HOH B 2 .   ? -1.033  -6.524  -15.597 1.00 52.27 ? 262 HOH A O   1 
HETATM 949 O O   . HOH B 2 .   ? 0.560   -0.418  -18.867 1.00 42.41 ? 263 HOH A O   1 
HETATM 950 O O   . HOH B 2 .   ? -15.804 2.810   -3.028  1.00 38.57 ? 264 HOH A O   1 
HETATM 951 O O   . HOH B 2 .   ? -18.400 2.824   2.121   1.00 70.36 ? 265 HOH A O   1 
HETATM 952 O O   . HOH B 2 .   ? -1.764  -9.806  11.543  1.00 56.43 ? 266 HOH A O   1 
HETATM 953 O O   . HOH B 2 .   ? 0.022   -12.046 7.689   1.00 45.22 ? 267 HOH A O   1 
HETATM 954 O O   . HOH B 2 .   ? 14.493  -4.167  -9.724  1.00 51.82 ? 268 HOH A O   1 
HETATM 955 O O   . HOH B 2 .   ? 0.808   8.336   -9.351  1.00 33.19 ? 269 HOH A O   1 
HETATM 956 O O   . HOH B 2 .   ? 3.485   -16.707 -11.259 1.00 32.88 ? 270 HOH A O   1 
HETATM 957 O O   . HOH B 2 .   ? 4.713   -1.888  17.820  1.00 30.61 ? 271 HOH A O   1 
HETATM 958 O O   . HOH B 2 .   ? 7.197   -0.674  18.081  1.00 32.32 ? 272 HOH A O   1 
HETATM 959 O O   . HOH B 2 .   ? 3.557   2.229   19.435  1.00 46.50 ? 273 HOH A O   1 
# 
loop_
_pdbx_poly_seq_scheme.asym_id 
_pdbx_poly_seq_scheme.entity_id 
_pdbx_poly_seq_scheme.seq_id 
_pdbx_poly_seq_scheme.mon_id 
_pdbx_poly_seq_scheme.ndb_seq_num 
_pdbx_poly_seq_scheme.pdb_seq_num 
_pdbx_poly_seq_scheme.auth_seq_num 
_pdbx_poly_seq_scheme.pdb_mon_id 
_pdbx_poly_seq_scheme.auth_mon_id 
_pdbx_poly_seq_scheme.pdb_strand_id 
_pdbx_poly_seq_scheme.pdb_ins_code 
_pdbx_poly_seq_scheme.hetero 
A 1 1   GLU 1   66  66  GLU GLU A . n 
A 1 2   ARG 2   67  67  ARG ARG A . n 
A 1 3   VAL 3   68  68  VAL VAL A . n 
A 1 4   VAL 4   69  69  VAL VAL A . n 
A 1 5   ILE 5   70  70  ILE ILE A . n 
A 1 6   ASN 6   71  71  ASN ASN A . n 
A 1 7   VAL 7   72  72  VAL VAL A . n 
A 1 8   SER 8   73  73  SER SER A . n 
A 1 9   GLY 9   74  74  GLY GLY A . n 
A 1 10  LEU 10  75  75  LEU LEU A . n 
A 1 11  ARG 11  76  76  ARG ARG A . n 
A 1 12  PHE 12  77  77  PHE PHE A . n 
A 1 13  GLU 13  78  78  GLU GLU A . n 
A 1 14  THR 14  79  79  THR THR A . n 
A 1 15  GLN 15  80  80  GLN GLN A . n 
A 1 16  LEU 16  81  81  LEU LEU A . n 
A 1 17  LYS 17  82  82  LYS LYS A . n 
A 1 18  THR 18  83  83  THR THR A . n 
A 1 19  LEU 19  84  84  LEU LEU A . n 
A 1 20  ASN 20  85  85  ASN ASN A . n 
A 1 21  GLN 21  86  86  GLN GLN A . n 
A 1 22  PHE 22  87  87  PHE PHE A . n 
A 1 23  PRO 23  88  88  PRO PRO A . n 
A 1 24  ASP 24  89  89  ASP ASP A . n 
A 1 25  THR 25  90  90  THR THR A . n 
A 1 26  LEU 26  91  91  LEU LEU A . n 
A 1 27  LEU 27  92  92  LEU LEU A . n 
A 1 28  GLY 28  93  93  GLY GLY A . n 
A 1 29  ASN 29  94  94  ASN ASN A . n 
A 1 30  PRO 30  95  95  PRO PRO A . n 
A 1 31  GLN 31  96  96  GLN GLN A . n 
A 1 32  LYS 32  97  97  LYS LYS A . n 
A 1 33  ARG 33  98  98  ARG ARG A . n 
A 1 34  ASN 34  99  99  ASN ASN A . n 
A 1 35  ARG 35  100 100 ARG ARG A . n 
A 1 36  TYR 36  101 101 TYR TYR A . n 
A 1 37  TYR 37  102 102 TYR TYR A . n 
A 1 38  ASP 38  103 103 ASP ASP A . n 
A 1 39  PRO 39  104 104 PRO PRO A . n 
A 1 40  LEU 40  105 105 LEU LEU A . n 
A 1 41  ARG 41  106 106 ARG ARG A . n 
A 1 42  ASN 42  107 107 ASN ASN A . n 
A 1 43  GLU 43  108 108 GLU GLU A . n 
A 1 44  TYR 44  109 109 TYR TYR A . n 
A 1 45  PHE 45  110 110 PHE PHE A . n 
A 1 46  PHE 46  111 111 PHE PHE A . n 
A 1 47  ASP 47  112 112 ASP ASP A . n 
A 1 48  ARG 48  113 113 ARG ARG A . n 
A 1 49  ASN 49  114 114 ASN ASN A . n 
A 1 50  ARG 50  115 115 ARG ARG A . n 
A 1 51  PRO 51  116 116 PRO PRO A . n 
A 1 52  SER 52  117 117 SER SER A . n 
A 1 53  PHE 53  118 118 PHE PHE A . n 
A 1 54  ASP 54  119 119 ASP ASP A . n 
A 1 55  ALA 55  120 120 ALA ALA A . n 
A 1 56  ILE 56  121 121 ILE ILE A . n 
A 1 57  LEU 57  122 122 LEU LEU A . n 
A 1 58  TYR 58  123 123 TYR TYR A . n 
A 1 59  PHE 59  124 124 PHE PHE A . n 
A 1 60  TYR 60  125 125 TYR TYR A . n 
A 1 61  GLN 61  126 126 GLN GLN A . n 
A 1 62  SER 62  127 127 SER SER A . n 
A 1 63  GLY 63  128 128 GLY GLY A . n 
A 1 64  GLY 64  129 129 GLY GLY A . n 
A 1 65  ARG 65  130 130 ARG ARG A . n 
A 1 66  LEU 66  131 131 LEU LEU A . n 
A 1 67  ARG 67  132 132 ARG ARG A . n 
A 1 68  ARG 68  133 133 ARG ARG A . n 
A 1 69  PRO 69  134 134 PRO PRO A . n 
A 1 70  VAL 70  135 135 VAL VAL A . n 
A 1 71  ASN 71  136 136 ASN ASN A . n 
A 1 72  VAL 72  137 137 VAL VAL A . n 
A 1 73  PRO 73  138 138 PRO PRO A . n 
A 1 74  LEU 74  139 139 LEU LEU A . n 
A 1 75  ASP 75  140 140 ASP ASP A . n 
A 1 76  VAL 76  141 141 VAL VAL A . n 
A 1 77  PHE 77  142 142 PHE PHE A . n 
A 1 78  SER 78  143 143 SER SER A . n 
A 1 79  GLU 79  144 144 GLU GLU A . n 
A 1 80  GLU 80  145 145 GLU GLU A . n 
A 1 81  ILE 81  146 146 ILE ILE A . n 
A 1 82  LYS 82  147 147 LYS LYS A . n 
A 1 83  PHE 83  148 148 PHE PHE A . n 
A 1 84  TYR 84  149 149 TYR TYR A . n 
A 1 85  GLU 85  150 150 GLU GLU A . n 
A 1 86  LEU 86  151 151 LEU LEU A . n 
A 1 87  GLY 87  152 152 GLY GLY A . n 
A 1 88  GLU 88  153 153 GLU GLU A . n 
A 1 89  ASN 89  154 154 ASN ALA A . n 
A 1 90  ALA 90  155 155 ALA ALA A . n 
A 1 91  PHE 91  156 156 PHE PHE A . n 
A 1 92  GLU 92  157 157 GLU GLU A . n 
A 1 93  ARG 93  158 158 ARG ARG A . n 
A 1 94  TYR 94  159 159 TYR TYR A . n 
A 1 95  ARG 95  160 160 ARG ARG A . n 
A 1 96  GLU 96  161 161 GLU ALA A . n 
A 1 97  ASP 97  162 162 ASP ASP A . n 
A 1 98  GLU 98  163 163 GLU GLU A . n 
A 1 99  GLY 99  164 164 GLY GLY A . n 
A 1 100 PHE 100 165 165 PHE PHE A . n 
# 
loop_
_pdbx_nonpoly_scheme.asym_id 
_pdbx_nonpoly_scheme.entity_id 
_pdbx_nonpoly_scheme.mon_id 
_pdbx_nonpoly_scheme.ndb_seq_num 
_pdbx_nonpoly_scheme.pdb_seq_num 
_pdbx_nonpoly_scheme.auth_seq_num 
_pdbx_nonpoly_scheme.pdb_mon_id 
_pdbx_nonpoly_scheme.auth_mon_id 
_pdbx_nonpoly_scheme.pdb_strand_id 
_pdbx_nonpoly_scheme.pdb_ins_code 
B 2 HOH 1   166 1   HOH HOH A . 
B 2 HOH 2   167 2   HOH HOH A . 
B 2 HOH 3   168 3   HOH HOH A . 
B 2 HOH 4   169 4   HOH HOH A . 
B 2 HOH 5   170 5   HOH HOH A . 
B 2 HOH 6   171 6   HOH HOH A . 
B 2 HOH 7   172 7   HOH HOH A . 
B 2 HOH 8   173 8   HOH HOH A . 
B 2 HOH 9   174 9   HOH HOH A . 
B 2 HOH 10  175 10  HOH HOH A . 
B 2 HOH 11  176 11  HOH HOH A . 
B 2 HOH 12  177 12  HOH HOH A . 
B 2 HOH 13  178 13  HOH HOH A . 
B 2 HOH 14  179 14  HOH HOH A . 
B 2 HOH 15  180 15  HOH HOH A . 
B 2 HOH 16  181 16  HOH HOH A . 
B 2 HOH 17  182 17  HOH HOH A . 
B 2 HOH 18  183 18  HOH HOH A . 
B 2 HOH 19  184 19  HOH HOH A . 
B 2 HOH 20  185 20  HOH HOH A . 
B 2 HOH 21  186 21  HOH HOH A . 
B 2 HOH 22  187 22  HOH HOH A . 
B 2 HOH 23  188 24  HOH HOH A . 
B 2 HOH 24  189 25  HOH HOH A . 
B 2 HOH 25  190 26  HOH HOH A . 
B 2 HOH 26  191 27  HOH HOH A . 
B 2 HOH 27  192 28  HOH HOH A . 
B 2 HOH 28  193 29  HOH HOH A . 
B 2 HOH 29  194 30  HOH HOH A . 
B 2 HOH 30  195 31  HOH HOH A . 
B 2 HOH 31  196 32  HOH HOH A . 
B 2 HOH 32  197 33  HOH HOH A . 
B 2 HOH 33  198 34  HOH HOH A . 
B 2 HOH 34  199 35  HOH HOH A . 
B 2 HOH 35  200 36  HOH HOH A . 
B 2 HOH 36  201 37  HOH HOH A . 
B 2 HOH 37  202 39  HOH HOH A . 
B 2 HOH 38  203 40  HOH HOH A . 
B 2 HOH 39  204 41  HOH HOH A . 
B 2 HOH 40  205 42  HOH HOH A . 
B 2 HOH 41  206 43  HOH HOH A . 
B 2 HOH 42  207 44  HOH HOH A . 
B 2 HOH 43  208 46  HOH HOH A . 
B 2 HOH 44  209 47  HOH HOH A . 
B 2 HOH 45  210 48  HOH HOH A . 
B 2 HOH 46  211 49  HOH HOH A . 
B 2 HOH 47  212 50  HOH HOH A . 
B 2 HOH 48  213 51  HOH HOH A . 
B 2 HOH 49  214 52  HOH HOH A . 
B 2 HOH 50  215 53  HOH HOH A . 
B 2 HOH 51  216 54  HOH HOH A . 
B 2 HOH 52  217 55  HOH HOH A . 
B 2 HOH 53  218 56  HOH HOH A . 
B 2 HOH 54  219 57  HOH HOH A . 
B 2 HOH 55  220 58  HOH HOH A . 
B 2 HOH 56  221 59  HOH HOH A . 
B 2 HOH 57  222 60  HOH HOH A . 
B 2 HOH 58  223 61  HOH HOH A . 
B 2 HOH 59  224 62  HOH HOH A . 
B 2 HOH 60  225 63  HOH HOH A . 
B 2 HOH 61  226 64  HOH HOH A . 
B 2 HOH 62  227 65  HOH HOH A . 
B 2 HOH 63  228 66  HOH HOH A . 
B 2 HOH 64  229 67  HOH HOH A . 
B 2 HOH 65  230 68  HOH HOH A . 
B 2 HOH 66  231 69  HOH HOH A . 
B 2 HOH 67  232 70  HOH HOH A . 
B 2 HOH 68  233 71  HOH HOH A . 
B 2 HOH 69  234 72  HOH HOH A . 
B 2 HOH 70  235 73  HOH HOH A . 
B 2 HOH 71  236 74  HOH HOH A . 
B 2 HOH 72  237 75  HOH HOH A . 
B 2 HOH 73  238 76  HOH HOH A . 
B 2 HOH 74  239 78  HOH HOH A . 
B 2 HOH 75  240 79  HOH HOH A . 
B 2 HOH 76  241 80  HOH HOH A . 
B 2 HOH 77  242 81  HOH HOH A . 
B 2 HOH 78  243 82  HOH HOH A . 
B 2 HOH 79  244 83  HOH HOH A . 
B 2 HOH 80  245 84  HOH HOH A . 
B 2 HOH 81  246 85  HOH HOH A . 
B 2 HOH 82  247 86  HOH HOH A . 
B 2 HOH 83  248 87  HOH HOH A . 
B 2 HOH 84  249 88  HOH HOH A . 
B 2 HOH 85  250 89  HOH HOH A . 
B 2 HOH 86  251 90  HOH HOH A . 
B 2 HOH 87  252 91  HOH HOH A . 
B 2 HOH 88  253 92  HOH HOH A . 
B 2 HOH 89  254 93  HOH HOH A . 
B 2 HOH 90  255 94  HOH HOH A . 
B 2 HOH 91  256 95  HOH HOH A . 
B 2 HOH 92  257 96  HOH HOH A . 
B 2 HOH 93  258 97  HOH HOH A . 
B 2 HOH 94  259 98  HOH HOH A . 
B 2 HOH 95  260 99  HOH HOH A . 
B 2 HOH 96  261 100 HOH HOH A . 
B 2 HOH 97  262 101 HOH HOH A . 
B 2 HOH 98  263 102 HOH HOH A . 
B 2 HOH 99  264 104 HOH HOH A . 
B 2 HOH 100 265 204 HOH HOH A . 
B 2 HOH 101 266 105 HOH HOH A . 
B 2 HOH 102 267 106 HOH HOH A . 
B 2 HOH 103 268 107 HOH HOH A . 
B 2 HOH 104 269 173 HOH HOH A . 
B 2 HOH 105 270 137 HOH HOH A . 
B 2 HOH 106 271 111 HOH HOH A . 
B 2 HOH 107 272 112 HOH HOH A . 
B 2 HOH 108 273 113 HOH HOH A . 
# 
_pdbx_struct_assembly.id                   1 
_pdbx_struct_assembly.details              author_defined_assembly 
_pdbx_struct_assembly.method_details       ? 
_pdbx_struct_assembly.oligomeric_details   tetrameric 
_pdbx_struct_assembly.oligomeric_count     4 
# 
_pdbx_struct_assembly_gen.assembly_id       1 
_pdbx_struct_assembly_gen.oper_expression   1,2,3,4 
_pdbx_struct_assembly_gen.asym_id_list      A,B 
# 
loop_
_pdbx_struct_oper_list.id 
_pdbx_struct_oper_list.type 
_pdbx_struct_oper_list.name 
_pdbx_struct_oper_list.symmetry_operation 
_pdbx_struct_oper_list.matrix[1][1] 
_pdbx_struct_oper_list.matrix[1][2] 
_pdbx_struct_oper_list.matrix[1][3] 
_pdbx_struct_oper_list.vector[1] 
_pdbx_struct_oper_list.matrix[2][1] 
_pdbx_struct_oper_list.matrix[2][2] 
_pdbx_struct_oper_list.matrix[2][3] 
_pdbx_struct_oper_list.vector[2] 
_pdbx_struct_oper_list.matrix[3][1] 
_pdbx_struct_oper_list.matrix[3][2] 
_pdbx_struct_oper_list.matrix[3][3] 
_pdbx_struct_oper_list.vector[3] 
1 'identity operation'         1_555 x,y,z       1.0000000000  0.0000000000  0.0000000000  0.0000000000   0.0000000000  1.0000000000  0.0000000000 0.0000000000   0.0000000000  0.0000000000 1.0000000000 0.0000000000  
2 'crystal symmetry operation' 2_665 -x+1,-y+1,z -0.9001956724 -0.2676507057 -0.3435270748 1.9961240728   -0.2676507057 -0.2822265127 0.9212552824 -26.2261967823 -0.3435270748 0.9212552824 0.1824221851 21.0134292972 
3 'crystal symmetry operation' 3_655 -y+1,x,z    0.0499021638  0.6350771719  -0.7708351055 17.3750305163  -0.9027278776 0.3588867437  0.2372397190 -9.9986128169  0.4273080307  0.6840155634 0.5912110925 12.8381118628 
4 'crystal symmetry operation' 4_565 y,-x+1,z    0.0499021638  -0.9027278776 0.4273080307  -15.3789064434 0.6350771719  0.3588867437  0.6840155634 -16.2275839654 -0.7708351055 0.2372397190 0.5912110925 8.1753174345 
# 
loop_
_pdbx_audit_revision_history.ordinal 
_pdbx_audit_revision_history.data_content_type 
_pdbx_audit_revision_history.major_revision 
_pdbx_audit_revision_history.minor_revision 
_pdbx_audit_revision_history.revision_date 
1 'Structure model' 1 0 1999-01-13 
2 'Structure model' 1 1 2008-04-27 
3 'Structure model' 1 2 2011-07-13 
4 'Structure model' 1 3 2023-08-23 
# 
_pdbx_audit_revision_details.ordinal             1 
_pdbx_audit_revision_details.revision_ordinal    1 
_pdbx_audit_revision_details.data_content_type   'Structure model' 
_pdbx_audit_revision_details.provider            repository 
_pdbx_audit_revision_details.type                'Initial release' 
_pdbx_audit_revision_details.description         ? 
_pdbx_audit_revision_details.details             ? 
# 
loop_
_pdbx_audit_revision_group.ordinal 
_pdbx_audit_revision_group.revision_ordinal 
_pdbx_audit_revision_group.data_content_type 
_pdbx_audit_revision_group.group 
1 2 'Structure model' 'Version format compliance' 
2 3 'Structure model' 'Version format compliance' 
3 4 'Structure model' 'Data collection'           
4 4 'Structure model' 'Database references'       
5 4 'Structure model' 'Refinement description'    
# 
loop_
_pdbx_audit_revision_category.ordinal 
_pdbx_audit_revision_category.revision_ordinal 
_pdbx_audit_revision_category.data_content_type 
_pdbx_audit_revision_category.category 
1 4 'Structure model' chem_comp_atom                
2 4 'Structure model' chem_comp_bond                
3 4 'Structure model' database_2                    
4 4 'Structure model' pdbx_initial_refinement_model 
# 
loop_
_pdbx_audit_revision_item.ordinal 
_pdbx_audit_revision_item.revision_ordinal 
_pdbx_audit_revision_item.data_content_type 
_pdbx_audit_revision_item.item 
1 4 'Structure model' '_database_2.pdbx_DOI'                
2 4 'Structure model' '_database_2.pdbx_database_accession' 
# 
loop_
_software.name 
_software.classification 
_software.version 
_software.citation_id 
_software.pdbx_ordinal 
DENZO     'data reduction' .   ? 1 
SCALEPACK 'data scaling'   .   ? 2 
X-PLOR    'model building' 3.8 ? 3 
REFMAC    refinement       .   ? 4 
X-PLOR    phasing          3.8 ? 5 
# 
loop_
_pdbx_validate_rmsd_angle.id 
_pdbx_validate_rmsd_angle.PDB_model_num 
_pdbx_validate_rmsd_angle.auth_atom_id_1 
_pdbx_validate_rmsd_angle.auth_asym_id_1 
_pdbx_validate_rmsd_angle.auth_comp_id_1 
_pdbx_validate_rmsd_angle.auth_seq_id_1 
_pdbx_validate_rmsd_angle.PDB_ins_code_1 
_pdbx_validate_rmsd_angle.label_alt_id_1 
_pdbx_validate_rmsd_angle.auth_atom_id_2 
_pdbx_validate_rmsd_angle.auth_asym_id_2 
_pdbx_validate_rmsd_angle.auth_comp_id_2 
_pdbx_validate_rmsd_angle.auth_seq_id_2 
_pdbx_validate_rmsd_angle.PDB_ins_code_2 
_pdbx_validate_rmsd_angle.label_alt_id_2 
_pdbx_validate_rmsd_angle.auth_atom_id_3 
_pdbx_validate_rmsd_angle.auth_asym_id_3 
_pdbx_validate_rmsd_angle.auth_comp_id_3 
_pdbx_validate_rmsd_angle.auth_seq_id_3 
_pdbx_validate_rmsd_angle.PDB_ins_code_3 
_pdbx_validate_rmsd_angle.label_alt_id_3 
_pdbx_validate_rmsd_angle.angle_value 
_pdbx_validate_rmsd_angle.angle_target_value 
_pdbx_validate_rmsd_angle.angle_deviation 
_pdbx_validate_rmsd_angle.angle_standard_deviation 
_pdbx_validate_rmsd_angle.linker_flag 
1 1 NE  A ARG 76  ? ? CZ A ARG 76  ? ? NH2 A ARG 76  ? ? 124.24 120.30 3.94  0.50 N 
2 1 NE  A ARG 106 ? ? CZ A ARG 106 ? ? NH1 A ARG 106 ? ? 124.71 120.30 4.41  0.50 N 
3 1 CB  A ASP 112 ? ? CG A ASP 112 ? ? OD1 A ASP 112 ? ? 125.63 118.30 7.33  0.90 N 
4 1 NH1 A ARG 115 ? ? CZ A ARG 115 ? ? NH2 A ARG 115 ? ? 112.72 119.40 -6.68 1.10 N 
5 1 NE  A ARG 115 ? ? CZ A ARG 115 ? ? NH1 A ARG 115 ? ? 123.55 120.30 3.25  0.50 N 
6 1 NE  A ARG 115 ? ? CZ A ARG 115 ? ? NH2 A ARG 115 ? ? 123.67 120.30 3.37  0.50 N 
7 1 NE  A ARG 133 ? ? CZ A ARG 133 ? ? NH1 A ARG 133 ? ? 125.74 120.30 5.44  0.50 N 
# 
_pdbx_validate_torsion.id              1 
_pdbx_validate_torsion.PDB_model_num   1 
_pdbx_validate_torsion.auth_comp_id    ASP 
_pdbx_validate_torsion.auth_asym_id    A 
_pdbx_validate_torsion.auth_seq_id     89 
_pdbx_validate_torsion.PDB_ins_code    ? 
_pdbx_validate_torsion.label_alt_id    ? 
_pdbx_validate_torsion.phi             -96.05 
_pdbx_validate_torsion.psi             42.49 
# 
loop_
_pdbx_unobs_or_zero_occ_atoms.id 
_pdbx_unobs_or_zero_occ_atoms.PDB_model_num 
_pdbx_unobs_or_zero_occ_atoms.polymer_flag 
_pdbx_unobs_or_zero_occ_atoms.occupancy_flag 
_pdbx_unobs_or_zero_occ_atoms.auth_asym_id 
_pdbx_unobs_or_zero_occ_atoms.auth_comp_id 
_pdbx_unobs_or_zero_occ_atoms.auth_seq_id 
_pdbx_unobs_or_zero_occ_atoms.PDB_ins_code 
_pdbx_unobs_or_zero_occ_atoms.auth_atom_id 
_pdbx_unobs_or_zero_occ_atoms.label_alt_id 
_pdbx_unobs_or_zero_occ_atoms.label_asym_id 
_pdbx_unobs_or_zero_occ_atoms.label_comp_id 
_pdbx_unobs_or_zero_occ_atoms.label_seq_id 
_pdbx_unobs_or_zero_occ_atoms.label_atom_id 
1 1 Y 1 A ASN 154 ? CG  ? A ASN 89 CG  
2 1 Y 1 A ASN 154 ? OD1 ? A ASN 89 OD1 
3 1 Y 1 A ASN 154 ? ND2 ? A ASN 89 ND2 
4 1 Y 1 A GLU 161 ? CG  ? A GLU 96 CG  
5 1 Y 1 A GLU 161 ? CD  ? A GLU 96 CD  
6 1 Y 1 A GLU 161 ? OE1 ? A GLU 96 OE1 
7 1 Y 1 A GLU 161 ? OE2 ? A GLU 96 OE2 
# 
loop_
_chem_comp_atom.comp_id 
_chem_comp_atom.atom_id 
_chem_comp_atom.type_symbol 
_chem_comp_atom.pdbx_aromatic_flag 
_chem_comp_atom.pdbx_stereo_config 
_chem_comp_atom.pdbx_ordinal 
ALA N    N N N 1   
ALA CA   C N S 2   
ALA C    C N N 3   
ALA O    O N N 4   
ALA CB   C N N 5   
ALA OXT  O N N 6   
ALA H    H N N 7   
ALA H2   H N N 8   
ALA HA   H N N 9   
ALA HB1  H N N 10  
ALA HB2  H N N 11  
ALA HB3  H N N 12  
ALA HXT  H N N 13  
ARG N    N N N 14  
ARG CA   C N S 15  
ARG C    C N N 16  
ARG O    O N N 17  
ARG CB   C N N 18  
ARG CG   C N N 19  
ARG CD   C N N 20  
ARG NE   N N N 21  
ARG CZ   C N N 22  
ARG NH1  N N N 23  
ARG NH2  N N N 24  
ARG OXT  O N N 25  
ARG H    H N N 26  
ARG H2   H N N 27  
ARG HA   H N N 28  
ARG HB2  H N N 29  
ARG HB3  H N N 30  
ARG HG2  H N N 31  
ARG HG3  H N N 32  
ARG HD2  H N N 33  
ARG HD3  H N N 34  
ARG HE   H N N 35  
ARG HH11 H N N 36  
ARG HH12 H N N 37  
ARG HH21 H N N 38  
ARG HH22 H N N 39  
ARG HXT  H N N 40  
ASN N    N N N 41  
ASN CA   C N S 42  
ASN C    C N N 43  
ASN O    O N N 44  
ASN CB   C N N 45  
ASN CG   C N N 46  
ASN OD1  O N N 47  
ASN ND2  N N N 48  
ASN OXT  O N N 49  
ASN H    H N N 50  
ASN H2   H N N 51  
ASN HA   H N N 52  
ASN HB2  H N N 53  
ASN HB3  H N N 54  
ASN HD21 H N N 55  
ASN HD22 H N N 56  
ASN HXT  H N N 57  
ASP N    N N N 58  
ASP CA   C N S 59  
ASP C    C N N 60  
ASP O    O N N 61  
ASP CB   C N N 62  
ASP CG   C N N 63  
ASP OD1  O N N 64  
ASP OD2  O N N 65  
ASP OXT  O N N 66  
ASP H    H N N 67  
ASP H2   H N N 68  
ASP HA   H N N 69  
ASP HB2  H N N 70  
ASP HB3  H N N 71  
ASP HD2  H N N 72  
ASP HXT  H N N 73  
GLN N    N N N 74  
GLN CA   C N S 75  
GLN C    C N N 76  
GLN O    O N N 77  
GLN CB   C N N 78  
GLN CG   C N N 79  
GLN CD   C N N 80  
GLN OE1  O N N 81  
GLN NE2  N N N 82  
GLN OXT  O N N 83  
GLN H    H N N 84  
GLN H2   H N N 85  
GLN HA   H N N 86  
GLN HB2  H N N 87  
GLN HB3  H N N 88  
GLN HG2  H N N 89  
GLN HG3  H N N 90  
GLN HE21 H N N 91  
GLN HE22 H N N 92  
GLN HXT  H N N 93  
GLU N    N N N 94  
GLU CA   C N S 95  
GLU C    C N N 96  
GLU O    O N N 97  
GLU CB   C N N 98  
GLU CG   C N N 99  
GLU CD   C N N 100 
GLU OE1  O N N 101 
GLU OE2  O N N 102 
GLU OXT  O N N 103 
GLU H    H N N 104 
GLU H2   H N N 105 
GLU HA   H N N 106 
GLU HB2  H N N 107 
GLU HB3  H N N 108 
GLU HG2  H N N 109 
GLU HG3  H N N 110 
GLU HE2  H N N 111 
GLU HXT  H N N 112 
GLY N    N N N 113 
GLY CA   C N N 114 
GLY C    C N N 115 
GLY O    O N N 116 
GLY OXT  O N N 117 
GLY H    H N N 118 
GLY H2   H N N 119 
GLY HA2  H N N 120 
GLY HA3  H N N 121 
GLY HXT  H N N 122 
HOH O    O N N 123 
HOH H1   H N N 124 
HOH H2   H N N 125 
ILE N    N N N 126 
ILE CA   C N S 127 
ILE C    C N N 128 
ILE O    O N N 129 
ILE CB   C N S 130 
ILE CG1  C N N 131 
ILE CG2  C N N 132 
ILE CD1  C N N 133 
ILE OXT  O N N 134 
ILE H    H N N 135 
ILE H2   H N N 136 
ILE HA   H N N 137 
ILE HB   H N N 138 
ILE HG12 H N N 139 
ILE HG13 H N N 140 
ILE HG21 H N N 141 
ILE HG22 H N N 142 
ILE HG23 H N N 143 
ILE HD11 H N N 144 
ILE HD12 H N N 145 
ILE HD13 H N N 146 
ILE HXT  H N N 147 
LEU N    N N N 148 
LEU CA   C N S 149 
LEU C    C N N 150 
LEU O    O N N 151 
LEU CB   C N N 152 
LEU CG   C N N 153 
LEU CD1  C N N 154 
LEU CD2  C N N 155 
LEU OXT  O N N 156 
LEU H    H N N 157 
LEU H2   H N N 158 
LEU HA   H N N 159 
LEU HB2  H N N 160 
LEU HB3  H N N 161 
LEU HG   H N N 162 
LEU HD11 H N N 163 
LEU HD12 H N N 164 
LEU HD13 H N N 165 
LEU HD21 H N N 166 
LEU HD22 H N N 167 
LEU HD23 H N N 168 
LEU HXT  H N N 169 
LYS N    N N N 170 
LYS CA   C N S 171 
LYS C    C N N 172 
LYS O    O N N 173 
LYS CB   C N N 174 
LYS CG   C N N 175 
LYS CD   C N N 176 
LYS CE   C N N 177 
LYS NZ   N N N 178 
LYS OXT  O N N 179 
LYS H    H N N 180 
LYS H2   H N N 181 
LYS HA   H N N 182 
LYS HB2  H N N 183 
LYS HB3  H N N 184 
LYS HG2  H N N 185 
LYS HG3  H N N 186 
LYS HD2  H N N 187 
LYS HD3  H N N 188 
LYS HE2  H N N 189 
LYS HE3  H N N 190 
LYS HZ1  H N N 191 
LYS HZ2  H N N 192 
LYS HZ3  H N N 193 
LYS HXT  H N N 194 
PHE N    N N N 195 
PHE CA   C N S 196 
PHE C    C N N 197 
PHE O    O N N 198 
PHE CB   C N N 199 
PHE CG   C Y N 200 
PHE CD1  C Y N 201 
PHE CD2  C Y N 202 
PHE CE1  C Y N 203 
PHE CE2  C Y N 204 
PHE CZ   C Y N 205 
PHE OXT  O N N 206 
PHE H    H N N 207 
PHE H2   H N N 208 
PHE HA   H N N 209 
PHE HB2  H N N 210 
PHE HB3  H N N 211 
PHE HD1  H N N 212 
PHE HD2  H N N 213 
PHE HE1  H N N 214 
PHE HE2  H N N 215 
PHE HZ   H N N 216 
PHE HXT  H N N 217 
PRO N    N N N 218 
PRO CA   C N S 219 
PRO C    C N N 220 
PRO O    O N N 221 
PRO CB   C N N 222 
PRO CG   C N N 223 
PRO CD   C N N 224 
PRO OXT  O N N 225 
PRO H    H N N 226 
PRO HA   H N N 227 
PRO HB2  H N N 228 
PRO HB3  H N N 229 
PRO HG2  H N N 230 
PRO HG3  H N N 231 
PRO HD2  H N N 232 
PRO HD3  H N N 233 
PRO HXT  H N N 234 
SER N    N N N 235 
SER CA   C N S 236 
SER C    C N N 237 
SER O    O N N 238 
SER CB   C N N 239 
SER OG   O N N 240 
SER OXT  O N N 241 
SER H    H N N 242 
SER H2   H N N 243 
SER HA   H N N 244 
SER HB2  H N N 245 
SER HB3  H N N 246 
SER HG   H N N 247 
SER HXT  H N N 248 
THR N    N N N 249 
THR CA   C N S 250 
THR C    C N N 251 
THR O    O N N 252 
THR CB   C N R 253 
THR OG1  O N N 254 
THR CG2  C N N 255 
THR OXT  O N N 256 
THR H    H N N 257 
THR H2   H N N 258 
THR HA   H N N 259 
THR HB   H N N 260 
THR HG1  H N N 261 
THR HG21 H N N 262 
THR HG22 H N N 263 
THR HG23 H N N 264 
THR HXT  H N N 265 
TYR N    N N N 266 
TYR CA   C N S 267 
TYR C    C N N 268 
TYR O    O N N 269 
TYR CB   C N N 270 
TYR CG   C Y N 271 
TYR CD1  C Y N 272 
TYR CD2  C Y N 273 
TYR CE1  C Y N 274 
TYR CE2  C Y N 275 
TYR CZ   C Y N 276 
TYR OH   O N N 277 
TYR OXT  O N N 278 
TYR H    H N N 279 
TYR H2   H N N 280 
TYR HA   H N N 281 
TYR HB2  H N N 282 
TYR HB3  H N N 283 
TYR HD1  H N N 284 
TYR HD2  H N N 285 
TYR HE1  H N N 286 
TYR HE2  H N N 287 
TYR HH   H N N 288 
TYR HXT  H N N 289 
VAL N    N N N 290 
VAL CA   C N S 291 
VAL C    C N N 292 
VAL O    O N N 293 
VAL CB   C N N 294 
VAL CG1  C N N 295 
VAL CG2  C N N 296 
VAL OXT  O N N 297 
VAL H    H N N 298 
VAL H2   H N N 299 
VAL HA   H N N 300 
VAL HB   H N N 301 
VAL HG11 H N N 302 
VAL HG12 H N N 303 
VAL HG13 H N N 304 
VAL HG21 H N N 305 
VAL HG22 H N N 306 
VAL HG23 H N N 307 
VAL HXT  H N N 308 
# 
loop_
_chem_comp_bond.comp_id 
_chem_comp_bond.atom_id_1 
_chem_comp_bond.atom_id_2 
_chem_comp_bond.value_order 
_chem_comp_bond.pdbx_aromatic_flag 
_chem_comp_bond.pdbx_stereo_config 
_chem_comp_bond.pdbx_ordinal 
ALA N   CA   sing N N 1   
ALA N   H    sing N N 2   
ALA N   H2   sing N N 3   
ALA CA  C    sing N N 4   
ALA CA  CB   sing N N 5   
ALA CA  HA   sing N N 6   
ALA C   O    doub N N 7   
ALA C   OXT  sing N N 8   
ALA CB  HB1  sing N N 9   
ALA CB  HB2  sing N N 10  
ALA CB  HB3  sing N N 11  
ALA OXT HXT  sing N N 12  
ARG N   CA   sing N N 13  
ARG N   H    sing N N 14  
ARG N   H2   sing N N 15  
ARG CA  C    sing N N 16  
ARG CA  CB   sing N N 17  
ARG CA  HA   sing N N 18  
ARG C   O    doub N N 19  
ARG C   OXT  sing N N 20  
ARG CB  CG   sing N N 21  
ARG CB  HB2  sing N N 22  
ARG CB  HB3  sing N N 23  
ARG CG  CD   sing N N 24  
ARG CG  HG2  sing N N 25  
ARG CG  HG3  sing N N 26  
ARG CD  NE   sing N N 27  
ARG CD  HD2  sing N N 28  
ARG CD  HD3  sing N N 29  
ARG NE  CZ   sing N N 30  
ARG NE  HE   sing N N 31  
ARG CZ  NH1  sing N N 32  
ARG CZ  NH2  doub N N 33  
ARG NH1 HH11 sing N N 34  
ARG NH1 HH12 sing N N 35  
ARG NH2 HH21 sing N N 36  
ARG NH2 HH22 sing N N 37  
ARG OXT HXT  sing N N 38  
ASN N   CA   sing N N 39  
ASN N   H    sing N N 40  
ASN N   H2   sing N N 41  
ASN CA  C    sing N N 42  
ASN CA  CB   sing N N 43  
ASN CA  HA   sing N N 44  
ASN C   O    doub N N 45  
ASN C   OXT  sing N N 46  
ASN CB  CG   sing N N 47  
ASN CB  HB2  sing N N 48  
ASN CB  HB3  sing N N 49  
ASN CG  OD1  doub N N 50  
ASN CG  ND2  sing N N 51  
ASN ND2 HD21 sing N N 52  
ASN ND2 HD22 sing N N 53  
ASN OXT HXT  sing N N 54  
ASP N   CA   sing N N 55  
ASP N   H    sing N N 56  
ASP N   H2   sing N N 57  
ASP CA  C    sing N N 58  
ASP CA  CB   sing N N 59  
ASP CA  HA   sing N N 60  
ASP C   O    doub N N 61  
ASP C   OXT  sing N N 62  
ASP CB  CG   sing N N 63  
ASP CB  HB2  sing N N 64  
ASP CB  HB3  sing N N 65  
ASP CG  OD1  doub N N 66  
ASP CG  OD2  sing N N 67  
ASP OD2 HD2  sing N N 68  
ASP OXT HXT  sing N N 69  
GLN N   CA   sing N N 70  
GLN N   H    sing N N 71  
GLN N   H2   sing N N 72  
GLN CA  C    sing N N 73  
GLN CA  CB   sing N N 74  
GLN CA  HA   sing N N 75  
GLN C   O    doub N N 76  
GLN C   OXT  sing N N 77  
GLN CB  CG   sing N N 78  
GLN CB  HB2  sing N N 79  
GLN CB  HB3  sing N N 80  
GLN CG  CD   sing N N 81  
GLN CG  HG2  sing N N 82  
GLN CG  HG3  sing N N 83  
GLN CD  OE1  doub N N 84  
GLN CD  NE2  sing N N 85  
GLN NE2 HE21 sing N N 86  
GLN NE2 HE22 sing N N 87  
GLN OXT HXT  sing N N 88  
GLU N   CA   sing N N 89  
GLU N   H    sing N N 90  
GLU N   H2   sing N N 91  
GLU CA  C    sing N N 92  
GLU CA  CB   sing N N 93  
GLU CA  HA   sing N N 94  
GLU C   O    doub N N 95  
GLU C   OXT  sing N N 96  
GLU CB  CG   sing N N 97  
GLU CB  HB2  sing N N 98  
GLU CB  HB3  sing N N 99  
GLU CG  CD   sing N N 100 
GLU CG  HG2  sing N N 101 
GLU CG  HG3  sing N N 102 
GLU CD  OE1  doub N N 103 
GLU CD  OE2  sing N N 104 
GLU OE2 HE2  sing N N 105 
GLU OXT HXT  sing N N 106 
GLY N   CA   sing N N 107 
GLY N   H    sing N N 108 
GLY N   H2   sing N N 109 
GLY CA  C    sing N N 110 
GLY CA  HA2  sing N N 111 
GLY CA  HA3  sing N N 112 
GLY C   O    doub N N 113 
GLY C   OXT  sing N N 114 
GLY OXT HXT  sing N N 115 
HOH O   H1   sing N N 116 
HOH O   H2   sing N N 117 
ILE N   CA   sing N N 118 
ILE N   H    sing N N 119 
ILE N   H2   sing N N 120 
ILE CA  C    sing N N 121 
ILE CA  CB   sing N N 122 
ILE CA  HA   sing N N 123 
ILE C   O    doub N N 124 
ILE C   OXT  sing N N 125 
ILE CB  CG1  sing N N 126 
ILE CB  CG2  sing N N 127 
ILE CB  HB   sing N N 128 
ILE CG1 CD1  sing N N 129 
ILE CG1 HG12 sing N N 130 
ILE CG1 HG13 sing N N 131 
ILE CG2 HG21 sing N N 132 
ILE CG2 HG22 sing N N 133 
ILE CG2 HG23 sing N N 134 
ILE CD1 HD11 sing N N 135 
ILE CD1 HD12 sing N N 136 
ILE CD1 HD13 sing N N 137 
ILE OXT HXT  sing N N 138 
LEU N   CA   sing N N 139 
LEU N   H    sing N N 140 
LEU N   H2   sing N N 141 
LEU CA  C    sing N N 142 
LEU CA  CB   sing N N 143 
LEU CA  HA   sing N N 144 
LEU C   O    doub N N 145 
LEU C   OXT  sing N N 146 
LEU CB  CG   sing N N 147 
LEU CB  HB2  sing N N 148 
LEU CB  HB3  sing N N 149 
LEU CG  CD1  sing N N 150 
LEU CG  CD2  sing N N 151 
LEU CG  HG   sing N N 152 
LEU CD1 HD11 sing N N 153 
LEU CD1 HD12 sing N N 154 
LEU CD1 HD13 sing N N 155 
LEU CD2 HD21 sing N N 156 
LEU CD2 HD22 sing N N 157 
LEU CD2 HD23 sing N N 158 
LEU OXT HXT  sing N N 159 
LYS N   CA   sing N N 160 
LYS N   H    sing N N 161 
LYS N   H2   sing N N 162 
LYS CA  C    sing N N 163 
LYS CA  CB   sing N N 164 
LYS CA  HA   sing N N 165 
LYS C   O    doub N N 166 
LYS C   OXT  sing N N 167 
LYS CB  CG   sing N N 168 
LYS CB  HB2  sing N N 169 
LYS CB  HB3  sing N N 170 
LYS CG  CD   sing N N 171 
LYS CG  HG2  sing N N 172 
LYS CG  HG3  sing N N 173 
LYS CD  CE   sing N N 174 
LYS CD  HD2  sing N N 175 
LYS CD  HD3  sing N N 176 
LYS CE  NZ   sing N N 177 
LYS CE  HE2  sing N N 178 
LYS CE  HE3  sing N N 179 
LYS NZ  HZ1  sing N N 180 
LYS NZ  HZ2  sing N N 181 
LYS NZ  HZ3  sing N N 182 
LYS OXT HXT  sing N N 183 
PHE N   CA   sing N N 184 
PHE N   H    sing N N 185 
PHE N   H2   sing N N 186 
PHE CA  C    sing N N 187 
PHE CA  CB   sing N N 188 
PHE CA  HA   sing N N 189 
PHE C   O    doub N N 190 
PHE C   OXT  sing N N 191 
PHE CB  CG   sing N N 192 
PHE CB  HB2  sing N N 193 
PHE CB  HB3  sing N N 194 
PHE CG  CD1  doub Y N 195 
PHE CG  CD2  sing Y N 196 
PHE CD1 CE1  sing Y N 197 
PHE CD1 HD1  sing N N 198 
PHE CD2 CE2  doub Y N 199 
PHE CD2 HD2  sing N N 200 
PHE CE1 CZ   doub Y N 201 
PHE CE1 HE1  sing N N 202 
PHE CE2 CZ   sing Y N 203 
PHE CE2 HE2  sing N N 204 
PHE CZ  HZ   sing N N 205 
PHE OXT HXT  sing N N 206 
PRO N   CA   sing N N 207 
PRO N   CD   sing N N 208 
PRO N   H    sing N N 209 
PRO CA  C    sing N N 210 
PRO CA  CB   sing N N 211 
PRO CA  HA   sing N N 212 
PRO C   O    doub N N 213 
PRO C   OXT  sing N N 214 
PRO CB  CG   sing N N 215 
PRO CB  HB2  sing N N 216 
PRO CB  HB3  sing N N 217 
PRO CG  CD   sing N N 218 
PRO CG  HG2  sing N N 219 
PRO CG  HG3  sing N N 220 
PRO CD  HD2  sing N N 221 
PRO CD  HD3  sing N N 222 
PRO OXT HXT  sing N N 223 
SER N   CA   sing N N 224 
SER N   H    sing N N 225 
SER N   H2   sing N N 226 
SER CA  C    sing N N 227 
SER CA  CB   sing N N 228 
SER CA  HA   sing N N 229 
SER C   O    doub N N 230 
SER C   OXT  sing N N 231 
SER CB  OG   sing N N 232 
SER CB  HB2  sing N N 233 
SER CB  HB3  sing N N 234 
SER OG  HG   sing N N 235 
SER OXT HXT  sing N N 236 
THR N   CA   sing N N 237 
THR N   H    sing N N 238 
THR N   H2   sing N N 239 
THR CA  C    sing N N 240 
THR CA  CB   sing N N 241 
THR CA  HA   sing N N 242 
THR C   O    doub N N 243 
THR C   OXT  sing N N 244 
THR CB  OG1  sing N N 245 
THR CB  CG2  sing N N 246 
THR CB  HB   sing N N 247 
THR OG1 HG1  sing N N 248 
THR CG2 HG21 sing N N 249 
THR CG2 HG22 sing N N 250 
THR CG2 HG23 sing N N 251 
THR OXT HXT  sing N N 252 
TYR N   CA   sing N N 253 
TYR N   H    sing N N 254 
TYR N   H2   sing N N 255 
TYR CA  C    sing N N 256 
TYR CA  CB   sing N N 257 
TYR CA  HA   sing N N 258 
TYR C   O    doub N N 259 
TYR C   OXT  sing N N 260 
TYR CB  CG   sing N N 261 
TYR CB  HB2  sing N N 262 
TYR CB  HB3  sing N N 263 
TYR CG  CD1  doub Y N 264 
TYR CG  CD2  sing Y N 265 
TYR CD1 CE1  sing Y N 266 
TYR CD1 HD1  sing N N 267 
TYR CD2 CE2  doub Y N 268 
TYR CD2 HD2  sing N N 269 
TYR CE1 CZ   doub Y N 270 
TYR CE1 HE1  sing N N 271 
TYR CE2 CZ   sing Y N 272 
TYR CE2 HE2  sing N N 273 
TYR CZ  OH   sing N N 274 
TYR OH  HH   sing N N 275 
TYR OXT HXT  sing N N 276 
VAL N   CA   sing N N 277 
VAL N   H    sing N N 278 
VAL N   H2   sing N N 279 
VAL CA  C    sing N N 280 
VAL CA  CB   sing N N 281 
VAL CA  HA   sing N N 282 
VAL C   O    doub N N 283 
VAL C   OXT  sing N N 284 
VAL CB  CG1  sing N N 285 
VAL CB  CG2  sing N N 286 
VAL CB  HB   sing N N 287 
VAL CG1 HG11 sing N N 288 
VAL CG1 HG12 sing N N 289 
VAL CG1 HG13 sing N N 290 
VAL CG2 HG21 sing N N 291 
VAL CG2 HG22 sing N N 292 
VAL CG2 HG23 sing N N 293 
VAL OXT HXT  sing N N 294 
# 
_pdbx_entity_nonpoly.entity_id   2 
_pdbx_entity_nonpoly.name        water 
_pdbx_entity_nonpoly.comp_id     HOH 
# 
_pdbx_initial_refinement_model.id               1 
_pdbx_initial_refinement_model.entity_id_list   ? 
_pdbx_initial_refinement_model.type             'experimental model' 
_pdbx_initial_refinement_model.source_name      PDB 
_pdbx_initial_refinement_model.accession_code   1A68 
_pdbx_initial_refinement_model.details          ? 
# 
